data_8YX7
#
_entry.id   8YX7
#
_cell.length_a   1.00
_cell.length_b   1.00
_cell.length_c   1.00
_cell.angle_alpha   90.00
_cell.angle_beta   90.00
_cell.angle_gamma   90.00
#
_symmetry.space_group_name_H-M   'P 1'
#
loop_
_entity.id
_entity.type
_entity.pdbx_description
1 polymer 'Ligand-gated cation channel ZACN'
2 branched 2-acetamido-2-deoxy-beta-D-glucopyranose-(1-4)-2-acetamido-2-deoxy-beta-D-glucopyranose
3 non-polymer 2-acetamido-2-deoxy-beta-D-glucopyranose
#
_entity_poly.entity_id   1
_entity_poly.type   'polypeptide(L)'
_entity_poly.pdbx_seq_one_letter_code
;MMALWSLLHLTFLGFSITLLLVHGQGFQGTAAIWPSDYKDDDDKLFNVNLSKKVQESIQIPNNGSAPLLVDVRVFVSNVF
NVDILRYTMSSMLLLRLSWLDTRLAWNTSAHPRHAITLPWESLWTPRLTILEALWVDWRDQSPQARVDQDGHVKLNLALA
TETNCNFELLHFPRDHSNCSLSFYALSNTAMELEFQAHVVNEIVSVKREYVVYDLKTQVPPQQLVPCFQVTLRLKNTALK
SIIALLVPAEALLLADVCGGLLPLRAIERIGYKVTLLLSYLVLHSSLVQALPSSSSCNPLLIYYFTILLLLLFLSTIETV
LLAGLLARGNLGAKSGPSPAPRGEQREHGNPGPHPAEEPSRGVKGSQRSWPETADRIFFLVYVVGVLCTQFVFAGIWMWA
ACKSDAAPGEAAPHGRRPRL
;
_entity_poly.pdbx_strand_id   A,B,C,D,E
#
loop_
_chem_comp.id
_chem_comp.type
_chem_comp.name
_chem_comp.formula
NAG D-saccharide, beta linking 2-acetamido-2-deoxy-beta-D-glucopyranose 'C8 H15 N O6'
#
# COMPACT_ATOMS: atom_id res chain seq x y z
N GLN A 55 -35.70 6.39 -29.92
CA GLN A 55 -34.32 5.94 -29.72
C GLN A 55 -33.37 6.67 -30.65
N GLU A 56 -33.93 7.50 -31.54
CA GLU A 56 -33.09 8.25 -32.47
C GLU A 56 -32.27 9.32 -31.77
N SER A 57 -32.66 9.75 -30.57
CA SER A 57 -31.91 10.75 -29.86
C SER A 57 -30.53 10.23 -29.45
N ILE A 58 -30.44 8.94 -29.10
CA ILE A 58 -29.17 8.37 -28.70
C ILE A 58 -28.21 8.31 -29.88
N GLN A 59 -28.72 8.26 -31.10
CA GLN A 59 -27.86 8.14 -32.28
C GLN A 59 -27.05 9.40 -32.49
N ILE A 60 -25.87 9.22 -33.07
CA ILE A 60 -24.95 10.33 -33.31
C ILE A 60 -25.55 11.28 -34.35
N PRO A 61 -25.46 12.60 -34.15
CA PRO A 61 -25.99 13.52 -35.16
C PRO A 61 -25.25 13.40 -36.47
N ASN A 62 -25.96 13.68 -37.56
CA ASN A 62 -25.41 13.56 -38.91
C ASN A 62 -24.99 14.94 -39.39
N ASN A 63 -23.70 15.12 -39.66
CA ASN A 63 -23.17 16.35 -40.23
C ASN A 63 -23.08 16.23 -41.75
N GLY A 64 -24.23 15.91 -42.36
CA GLY A 64 -24.26 15.68 -43.79
C GLY A 64 -23.33 14.54 -44.18
N SER A 65 -22.57 14.76 -45.25
CA SER A 65 -21.60 13.76 -45.69
C SER A 65 -20.37 13.75 -44.78
N ALA A 66 -19.91 14.91 -44.34
CA ALA A 66 -18.72 15.00 -43.52
C ALA A 66 -18.99 14.46 -42.12
N PRO A 67 -17.97 13.93 -41.45
CA PRO A 67 -18.16 13.45 -40.08
C PRO A 67 -18.46 14.58 -39.11
N LEU A 68 -19.18 14.24 -38.05
CA LEU A 68 -19.48 15.22 -37.02
C LEU A 68 -18.21 15.68 -36.33
N LEU A 69 -18.11 16.99 -36.10
CA LEU A 69 -16.93 17.58 -35.49
C LEU A 69 -17.21 17.86 -34.02
N VAL A 70 -16.36 17.33 -33.15
CA VAL A 70 -16.46 17.53 -31.71
C VAL A 70 -15.21 18.28 -31.26
N ASP A 71 -15.40 19.46 -30.68
CA ASP A 71 -14.29 20.27 -30.19
C ASP A 71 -14.05 19.91 -28.72
N VAL A 72 -12.85 19.42 -28.43
CA VAL A 72 -12.49 18.99 -27.08
C VAL A 72 -11.45 19.94 -26.53
N ARG A 73 -11.73 20.48 -25.34
CA ARG A 73 -10.77 21.29 -24.60
C ARG A 73 -10.37 20.53 -23.35
N VAL A 74 -9.07 20.33 -23.17
CA VAL A 74 -8.53 19.54 -22.06
C VAL A 74 -7.79 20.48 -21.12
N PHE A 75 -8.20 20.49 -19.87
CA PHE A 75 -7.52 21.22 -18.80
C PHE A 75 -6.83 20.21 -17.90
N VAL A 76 -5.51 20.28 -17.83
CA VAL A 76 -4.72 19.37 -16.99
C VAL A 76 -4.61 20.01 -15.62
N SER A 77 -5.44 19.54 -14.68
CA SER A 77 -5.47 20.16 -13.36
C SER A 77 -4.21 19.84 -12.56
N ASN A 78 -3.71 18.61 -12.67
CA ASN A 78 -2.57 18.22 -11.86
C ASN A 78 -2.00 16.92 -12.38
N VAL A 79 -0.70 16.73 -12.15
CA VAL A 79 0.00 15.47 -12.43
C VAL A 79 0.73 15.12 -11.15
N PHE A 80 0.13 14.25 -10.34
CA PHE A 80 0.55 14.07 -8.95
C PHE A 80 1.48 12.88 -8.74
N ASN A 81 1.09 11.68 -9.15
CA ASN A 81 1.95 10.51 -8.97
C ASN A 81 2.70 10.21 -10.26
N VAL A 82 4.02 10.19 -10.18
CA VAL A 82 4.88 9.78 -11.30
C VAL A 82 5.77 8.67 -10.74
N ASP A 83 5.34 7.43 -10.91
CA ASP A 83 6.02 6.27 -10.35
C ASP A 83 6.94 5.68 -11.41
N ILE A 84 8.24 5.90 -11.25
CA ILE A 84 9.21 5.35 -12.19
C ILE A 84 9.26 3.84 -12.09
N LEU A 85 9.11 3.30 -10.87
CA LEU A 85 9.14 1.86 -10.69
C LEU A 85 8.00 1.18 -11.44
N ARG A 86 6.81 1.75 -11.39
CA ARG A 86 5.65 1.19 -12.09
C ARG A 86 5.50 1.72 -13.50
N TYR A 87 6.34 2.67 -13.92
CA TYR A 87 6.28 3.27 -15.26
C TYR A 87 4.91 3.86 -15.54
N THR A 88 4.28 4.44 -14.52
CA THR A 88 2.95 5.01 -14.66
C THR A 88 2.96 6.45 -14.19
N MET A 89 2.10 7.26 -14.80
CA MET A 89 1.92 8.65 -14.44
C MET A 89 0.45 8.91 -14.18
N SER A 90 0.15 9.54 -13.05
CA SER A 90 -1.22 9.80 -12.64
C SER A 90 -1.54 11.28 -12.86
N SER A 91 -2.68 11.55 -13.47
CA SER A 91 -3.05 12.92 -13.82
C SER A 91 -4.54 13.13 -13.58
N MET A 92 -4.93 14.40 -13.56
CA MET A 92 -6.32 14.81 -13.43
C MET A 92 -6.66 15.74 -14.59
N LEU A 93 -7.77 15.45 -15.26
CA LEU A 93 -8.14 16.18 -16.47
C LEU A 93 -9.60 16.62 -16.40
N LEU A 94 -9.87 17.74 -17.05
CA LEU A 94 -11.22 18.21 -17.30
C LEU A 94 -11.40 18.32 -18.81
N LEU A 95 -12.36 17.56 -19.35
CA LEU A 95 -12.65 17.57 -20.77
C LEU A 95 -13.96 18.30 -21.00
N ARG A 96 -13.90 19.35 -21.82
CA ARG A 96 -15.10 20.06 -22.27
C ARG A 96 -15.31 19.72 -23.73
N LEU A 97 -16.35 18.96 -24.01
CA LEU A 97 -16.66 18.50 -25.36
C LEU A 97 -17.85 19.29 -25.87
N SER A 98 -17.69 19.95 -27.01
CA SER A 98 -18.74 20.75 -27.61
C SER A 98 -19.03 20.24 -29.01
N TRP A 99 -20.31 20.03 -29.31
CA TRP A 99 -20.72 19.67 -30.66
C TRP A 99 -22.06 20.33 -30.95
N LEU A 100 -22.60 20.06 -32.13
CA LEU A 100 -23.86 20.64 -32.56
C LEU A 100 -24.87 19.53 -32.81
N ASP A 101 -26.04 19.65 -32.19
CA ASP A 101 -27.13 18.68 -32.33
C ASP A 101 -28.39 19.48 -32.68
N THR A 102 -28.65 19.63 -33.98
CA THR A 102 -29.80 20.41 -34.41
C THR A 102 -31.13 19.78 -34.00
N ARG A 103 -31.14 18.48 -33.71
CA ARG A 103 -32.37 17.82 -33.27
C ARG A 103 -32.82 18.30 -31.90
N LEU A 104 -31.92 18.85 -31.09
CA LEU A 104 -32.27 19.33 -29.76
C LEU A 104 -32.62 20.82 -29.74
N ALA A 105 -32.52 21.51 -30.87
CA ALA A 105 -32.85 22.93 -30.91
C ALA A 105 -34.35 23.13 -30.69
N TRP A 106 -34.70 24.18 -29.96
CA TRP A 106 -36.09 24.51 -29.68
C TRP A 106 -36.33 25.99 -29.94
N ASN A 107 -37.56 26.31 -30.32
CA ASN A 107 -37.94 27.70 -30.54
C ASN A 107 -37.97 28.45 -29.20
N THR A 108 -37.45 29.68 -29.22
CA THR A 108 -37.43 30.49 -28.00
C THR A 108 -38.81 30.93 -27.56
N SER A 109 -39.78 30.94 -28.47
CA SER A 109 -41.13 31.34 -28.09
C SER A 109 -41.82 30.27 -27.24
N ALA A 110 -41.70 29.01 -27.64
CA ALA A 110 -42.32 27.93 -26.88
C ALA A 110 -41.68 27.77 -25.51
N HIS A 111 -40.35 27.84 -25.46
CA HIS A 111 -39.60 27.68 -24.21
C HIS A 111 -38.72 28.89 -24.00
N PRO A 112 -38.84 29.61 -22.87
CA PRO A 112 -38.04 30.82 -22.67
C PRO A 112 -36.63 30.56 -22.16
N ARG A 113 -36.30 29.31 -21.82
CA ARG A 113 -34.97 29.01 -21.32
C ARG A 113 -33.95 29.07 -22.44
N HIS A 114 -32.84 29.76 -22.20
CA HIS A 114 -31.77 29.85 -23.18
C HIS A 114 -30.83 28.66 -23.15
N ALA A 115 -30.90 27.83 -22.11
CA ALA A 115 -30.06 26.65 -22.01
C ALA A 115 -30.72 25.66 -21.07
N ILE A 116 -30.61 24.36 -21.39
CA ILE A 116 -31.19 23.30 -20.60
C ILE A 116 -30.11 22.29 -20.26
N THR A 117 -30.38 21.49 -19.23
CA THR A 117 -29.50 20.43 -18.79
C THR A 117 -30.20 19.09 -18.96
N LEU A 118 -29.49 18.11 -19.50
CA LEU A 118 -30.02 16.78 -19.73
C LEU A 118 -29.11 15.75 -19.09
N PRO A 119 -29.65 14.61 -18.68
CA PRO A 119 -28.81 13.57 -18.09
C PRO A 119 -27.86 12.97 -19.12
N TRP A 120 -26.95 12.14 -18.62
CA TRP A 120 -25.89 11.58 -19.46
C TRP A 120 -26.45 10.70 -20.56
N GLU A 121 -27.47 9.90 -20.26
CA GLU A 121 -27.99 8.92 -21.19
C GLU A 121 -29.20 9.39 -21.98
N SER A 122 -29.58 10.66 -21.86
CA SER A 122 -30.74 11.17 -22.56
C SER A 122 -30.41 11.69 -23.96
N LEU A 123 -29.14 11.77 -24.32
CA LEU A 123 -28.73 12.26 -25.62
C LEU A 123 -27.41 11.62 -25.99
N TRP A 124 -27.04 11.73 -27.27
CA TRP A 124 -25.78 11.15 -27.72
C TRP A 124 -24.61 11.91 -27.12
N THR A 125 -23.70 11.17 -26.49
CA THR A 125 -22.48 11.72 -25.94
C THR A 125 -21.37 10.74 -26.28
N PRO A 126 -20.25 11.21 -26.83
CA PRO A 126 -19.16 10.28 -27.18
C PRO A 126 -18.62 9.59 -25.95
N ARG A 127 -18.34 8.29 -26.08
CA ARG A 127 -17.78 7.49 -25.00
C ARG A 127 -16.28 7.41 -25.20
N LEU A 128 -15.54 8.19 -24.40
CA LEU A 128 -14.09 8.24 -24.51
C LEU A 128 -13.46 7.16 -23.65
N THR A 129 -12.48 6.45 -24.22
CA THR A 129 -11.74 5.42 -23.52
C THR A 129 -10.25 5.71 -23.67
N ILE A 130 -9.50 5.52 -22.60
CA ILE A 130 -8.06 5.75 -22.60
C ILE A 130 -7.36 4.40 -22.63
N LEU A 131 -6.55 4.16 -23.66
CA LEU A 131 -5.90 2.86 -23.80
C LEU A 131 -4.77 2.68 -22.80
N GLU A 132 -3.97 3.73 -22.59
CA GLU A 132 -2.82 3.63 -21.71
C GLU A 132 -3.19 3.76 -20.23
N ALA A 133 -4.43 4.09 -19.92
CA ALA A 133 -4.82 4.34 -18.54
C ALA A 133 -5.03 3.04 -17.79
N LEU A 134 -4.24 2.83 -16.73
CA LEU A 134 -4.44 1.67 -15.87
C LEU A 134 -5.83 1.69 -15.24
N TRP A 135 -6.24 2.85 -14.75
CA TRP A 135 -7.58 3.04 -14.23
C TRP A 135 -8.00 4.47 -14.46
N VAL A 136 -9.31 4.65 -14.68
CA VAL A 136 -9.93 5.95 -14.86
C VAL A 136 -11.06 6.08 -13.86
N ASP A 137 -11.05 7.16 -13.08
CA ASP A 137 -12.10 7.46 -12.11
C ASP A 137 -12.79 8.73 -12.57
N TRP A 138 -14.05 8.61 -12.95
CA TRP A 138 -14.84 9.77 -13.35
C TRP A 138 -15.47 10.40 -12.12
N ARG A 139 -15.21 11.69 -11.91
CA ARG A 139 -15.68 12.38 -10.72
C ARG A 139 -17.15 12.76 -10.79
N ASP A 140 -17.90 12.18 -11.72
CA ASP A 140 -19.34 12.43 -11.82
C ASP A 140 -19.98 11.20 -12.46
N GLN A 141 -20.58 10.35 -11.63
CA GLN A 141 -21.21 9.13 -12.14
C GLN A 141 -22.42 9.42 -13.01
N SER A 142 -23.07 10.57 -12.83
CA SER A 142 -24.23 10.97 -13.62
C SER A 142 -24.00 12.37 -14.16
N PRO A 143 -23.13 12.51 -15.16
CA PRO A 143 -22.87 13.84 -15.73
C PRO A 143 -24.08 14.36 -16.49
N GLN A 144 -24.18 15.69 -16.55
CA GLN A 144 -25.28 16.36 -17.23
C GLN A 144 -24.72 17.20 -18.37
N ALA A 145 -25.27 16.99 -19.56
CA ALA A 145 -24.89 17.78 -20.72
C ALA A 145 -25.75 19.04 -20.78
N ARG A 146 -25.18 20.11 -21.35
CA ARG A 146 -25.85 21.38 -21.47
C ARG A 146 -26.12 21.70 -22.93
N VAL A 147 -27.37 21.99 -23.25
CA VAL A 147 -27.82 22.24 -24.62
C VAL A 147 -28.36 23.65 -24.71
N ASP A 148 -27.87 24.42 -25.67
CA ASP A 148 -28.37 25.76 -25.92
C ASP A 148 -29.59 25.72 -26.82
N GLN A 149 -30.21 26.89 -27.02
CA GLN A 149 -31.38 26.97 -27.87
C GLN A 149 -31.05 26.71 -29.34
N ASP A 150 -29.80 26.92 -29.74
CA ASP A 150 -29.38 26.68 -31.12
C ASP A 150 -28.97 25.24 -31.37
N GLY A 151 -28.99 24.39 -30.34
CA GLY A 151 -28.62 23.00 -30.48
C GLY A 151 -27.20 22.67 -30.06
N HIS A 152 -26.39 23.67 -29.73
CA HIS A 152 -25.03 23.40 -29.28
C HIS A 152 -25.05 22.67 -27.95
N VAL A 153 -24.28 21.59 -27.86
CA VAL A 153 -24.21 20.75 -26.68
C VAL A 153 -22.79 20.82 -26.12
N LYS A 154 -22.69 21.12 -24.83
CA LYS A 154 -21.42 21.15 -24.11
C LYS A 154 -21.49 20.18 -22.95
N LEU A 155 -20.46 19.34 -22.81
CA LEU A 155 -20.40 18.34 -21.76
C LEU A 155 -19.06 18.45 -21.05
N ASN A 156 -19.09 18.54 -19.73
CA ASN A 156 -17.90 18.66 -18.90
C ASN A 156 -17.69 17.37 -18.12
N LEU A 157 -16.51 16.80 -18.23
CA LEU A 157 -16.18 15.54 -17.57
C LEU A 157 -14.85 15.69 -16.83
N ALA A 158 -14.86 15.48 -15.52
CA ALA A 158 -13.65 15.51 -14.72
C ALA A 158 -13.24 14.08 -14.41
N LEU A 159 -12.00 13.73 -14.73
CA LEU A 159 -11.54 12.36 -14.58
C LEU A 159 -10.11 12.33 -14.08
N ALA A 160 -9.84 11.43 -13.15
CA ALA A 160 -8.49 11.17 -12.65
C ALA A 160 -8.04 9.82 -13.19
N THR A 161 -6.93 9.82 -13.91
CA THR A 161 -6.46 8.62 -14.60
C THR A 161 -5.05 8.28 -14.16
N GLU A 162 -4.70 7.00 -14.28
CA GLU A 162 -3.32 6.55 -14.11
C GLU A 162 -2.88 5.92 -15.43
N THR A 163 -2.23 6.69 -16.27
CA THR A 163 -1.83 6.24 -17.59
C THR A 163 -0.42 5.67 -17.57
N ASN A 164 -0.04 5.06 -18.69
CA ASN A 164 1.26 4.45 -18.86
C ASN A 164 2.19 5.43 -19.56
N CYS A 165 3.35 5.67 -18.97
CA CYS A 165 4.36 6.55 -19.56
C CYS A 165 5.67 5.78 -19.68
N ASN A 166 6.28 5.84 -20.85
CA ASN A 166 7.56 5.18 -21.10
C ASN A 166 8.67 6.16 -20.77
N PHE A 167 9.08 6.17 -19.51
CA PHE A 167 10.13 7.08 -19.07
C PHE A 167 11.48 6.70 -19.69
N GLU A 168 12.22 7.70 -20.13
CA GLU A 168 13.57 7.50 -20.63
C GLU A 168 14.54 7.71 -19.47
N LEU A 169 14.69 6.66 -18.66
CA LEU A 169 15.45 6.71 -17.43
C LEU A 169 16.94 6.54 -17.62
N LEU A 170 17.45 6.74 -18.84
CA LEU A 170 18.88 6.57 -19.07
C LEU A 170 19.69 7.59 -18.27
N HIS A 171 19.22 8.82 -18.20
CA HIS A 171 19.92 9.91 -17.53
C HIS A 171 19.32 10.24 -16.17
N PHE A 172 18.83 9.24 -15.46
CA PHE A 172 18.28 9.47 -14.12
C PHE A 172 19.37 10.03 -13.22
N PRO A 173 19.06 11.00 -12.35
CA PRO A 173 17.74 11.58 -12.09
C PRO A 173 17.40 12.83 -12.91
N ARG A 174 18.11 13.09 -14.00
CA ARG A 174 17.80 14.21 -14.88
C ARG A 174 17.37 13.64 -16.23
N ASP A 175 16.09 13.30 -16.33
CA ASP A 175 15.56 12.62 -17.50
C ASP A 175 14.32 13.33 -18.00
N HIS A 176 14.16 13.34 -19.32
CA HIS A 176 13.00 13.93 -19.97
C HIS A 176 12.18 12.82 -20.62
N SER A 177 10.89 12.76 -20.31
CA SER A 177 10.03 11.70 -20.78
C SER A 177 8.81 12.30 -21.46
N ASN A 178 8.22 11.51 -22.36
CA ASN A 178 7.00 11.90 -23.05
C ASN A 178 5.87 10.97 -22.60
N CYS A 179 4.81 11.55 -22.06
CA CYS A 179 3.63 10.80 -21.64
C CYS A 179 2.47 11.15 -22.55
N SER A 180 1.84 10.14 -23.12
CA SER A 180 0.74 10.33 -24.06
C SER A 180 -0.54 9.74 -23.47
N LEU A 181 -1.59 10.55 -23.44
CA LEU A 181 -2.92 10.12 -23.04
C LEU A 181 -3.81 10.14 -24.28
N SER A 182 -4.20 8.96 -24.75
CA SER A 182 -4.96 8.83 -25.99
C SER A 182 -6.41 8.53 -25.64
N PHE A 183 -7.33 9.38 -26.10
CA PHE A 183 -8.76 9.17 -25.93
C PHE A 183 -9.32 8.68 -27.26
N TYR A 184 -9.98 7.53 -27.22
CA TYR A 184 -10.56 6.88 -28.38
C TYR A 184 -12.08 6.82 -28.23
N ALA A 185 -12.78 7.00 -29.34
CA ALA A 185 -14.22 6.75 -29.39
C ALA A 185 -14.42 5.41 -30.08
N LEU A 186 -14.31 4.34 -29.29
CA LEU A 186 -14.29 2.98 -29.85
C LEU A 186 -15.61 2.65 -30.54
N SER A 187 -16.73 3.07 -29.96
CA SER A 187 -18.03 2.75 -30.53
C SER A 187 -18.31 3.48 -31.85
N ASN A 188 -17.48 4.45 -32.22
CA ASN A 188 -17.71 5.24 -33.43
C ASN A 188 -16.58 5.02 -34.42
N THR A 189 -16.80 5.50 -35.64
CA THR A 189 -15.82 5.45 -36.71
C THR A 189 -15.47 6.85 -37.16
N ALA A 190 -14.31 6.97 -37.82
CA ALA A 190 -13.83 8.28 -38.26
C ALA A 190 -14.75 8.89 -39.31
N MET A 191 -15.50 8.06 -40.04
CA MET A 191 -16.44 8.59 -41.02
C MET A 191 -17.63 9.27 -40.37
N GLU A 192 -17.86 9.08 -39.08
CA GLU A 192 -18.96 9.70 -38.37
C GLU A 192 -18.53 10.71 -37.32
N LEU A 193 -17.40 10.50 -36.67
CA LEU A 193 -16.93 11.35 -35.59
C LEU A 193 -15.55 11.90 -35.91
N GLU A 194 -15.36 13.19 -35.64
CA GLU A 194 -14.08 13.85 -35.81
C GLU A 194 -13.80 14.69 -34.58
N PHE A 195 -12.54 14.71 -34.15
CA PHE A 195 -12.14 15.38 -32.92
C PHE A 195 -11.24 16.57 -33.23
N GLN A 196 -11.43 17.64 -32.47
CA GLN A 196 -10.58 18.83 -32.51
C GLN A 196 -10.16 19.15 -31.09
N ALA A 197 -8.92 18.85 -30.74
CA ALA A 197 -8.47 18.88 -29.37
C ALA A 197 -7.57 20.08 -29.10
N HIS A 198 -7.79 20.73 -27.97
CA HIS A 198 -6.93 21.79 -27.47
C HIS A 198 -6.63 21.51 -26.00
N VAL A 199 -5.44 21.90 -25.56
CA VAL A 199 -5.01 21.68 -24.19
C VAL A 199 -4.73 23.03 -23.53
N VAL A 200 -5.17 23.17 -22.29
CA VAL A 200 -4.92 24.36 -21.47
C VAL A 200 -4.14 23.93 -20.24
N ASN A 201 -3.01 24.58 -20.02
CA ASN A 201 -2.15 24.26 -18.88
C ASN A 201 -2.73 24.93 -17.64
N GLU A 202 -3.48 24.16 -16.84
CA GLU A 202 -4.08 24.64 -15.60
C GLU A 202 -3.58 23.82 -14.42
N ILE A 203 -2.30 23.43 -14.47
CA ILE A 203 -1.74 22.59 -13.41
C ILE A 203 -1.66 23.40 -12.12
N VAL A 204 -2.12 22.81 -11.03
CA VAL A 204 -2.21 23.52 -9.75
C VAL A 204 -1.01 23.24 -8.84
N SER A 205 -0.23 22.19 -9.12
CA SER A 205 0.94 21.85 -8.32
C SER A 205 2.20 22.09 -9.14
N VAL A 206 3.13 22.85 -8.59
CA VAL A 206 4.38 23.15 -9.27
C VAL A 206 5.61 22.72 -8.48
N LYS A 207 5.50 22.48 -7.17
CA LYS A 207 6.64 22.14 -6.33
C LYS A 207 6.84 20.64 -6.18
N ARG A 208 6.43 19.85 -7.17
CA ARG A 208 6.63 18.41 -7.12
C ARG A 208 7.95 18.04 -7.77
N GLU A 209 8.34 16.78 -7.61
CA GLU A 209 9.60 16.31 -8.17
C GLU A 209 9.60 16.39 -9.69
N TYR A 210 8.50 16.00 -10.33
CA TYR A 210 8.39 16.01 -11.78
C TYR A 210 7.55 17.21 -12.22
N VAL A 211 8.05 17.96 -13.19
CA VAL A 211 7.43 19.19 -13.64
C VAL A 211 7.05 19.03 -15.11
N VAL A 212 5.79 19.31 -15.42
CA VAL A 212 5.30 19.29 -16.79
C VAL A 212 5.57 20.66 -17.40
N TYR A 213 6.34 20.70 -18.49
CA TYR A 213 6.70 21.96 -19.12
C TYR A 213 6.19 22.12 -20.54
N ASP A 214 5.81 21.04 -21.23
CA ASP A 214 5.30 21.13 -22.59
C ASP A 214 4.05 20.28 -22.70
N LEU A 215 2.98 20.86 -23.26
CA LEU A 215 1.73 20.15 -23.47
C LEU A 215 1.24 20.43 -24.88
N LYS A 216 0.78 19.38 -25.55
CA LYS A 216 0.27 19.49 -26.91
C LYS A 216 -0.85 18.48 -27.09
N THR A 217 -1.69 18.73 -28.10
CA THR A 217 -2.73 17.81 -28.50
C THR A 217 -2.60 17.53 -29.99
N GLN A 218 -2.87 16.31 -30.40
CA GLN A 218 -2.80 15.96 -31.80
C GLN A 218 -3.78 14.85 -32.13
N VAL A 219 -4.36 14.93 -33.32
CA VAL A 219 -5.27 13.92 -33.84
C VAL A 219 -4.51 13.12 -34.90
N PRO A 220 -4.11 11.88 -34.62
CA PRO A 220 -3.32 11.11 -35.58
C PRO A 220 -4.08 10.90 -36.87
N PRO A 221 -3.40 10.96 -38.01
CA PRO A 221 -4.07 10.74 -39.30
C PRO A 221 -4.20 9.25 -39.61
N GLN A 222 -4.97 8.97 -40.66
CA GLN A 222 -5.20 7.59 -41.13
C GLN A 222 -5.74 6.72 -40.00
N GLN A 223 -6.70 7.24 -39.26
CA GLN A 223 -7.30 6.55 -38.12
C GLN A 223 -8.67 6.05 -38.51
N LEU A 224 -8.96 4.79 -38.16
CA LEU A 224 -10.31 4.26 -38.35
C LEU A 224 -11.20 4.62 -37.18
N VAL A 225 -10.70 4.42 -35.95
CA VAL A 225 -11.41 4.80 -34.75
C VAL A 225 -11.02 6.24 -34.41
N PRO A 226 -11.98 7.16 -34.30
CA PRO A 226 -11.63 8.55 -34.01
C PRO A 226 -10.99 8.68 -32.64
N CYS A 227 -9.88 9.39 -32.59
CA CYS A 227 -9.13 9.51 -31.34
C CYS A 227 -8.33 10.81 -31.36
N PHE A 228 -7.94 11.25 -30.17
CA PHE A 228 -7.06 12.40 -30.01
C PHE A 228 -6.15 12.14 -28.82
N GLN A 229 -4.89 12.52 -28.93
CA GLN A 229 -3.93 12.24 -27.87
C GLN A 229 -3.29 13.53 -27.37
N VAL A 230 -3.19 13.63 -26.05
CA VAL A 230 -2.51 14.72 -25.37
C VAL A 230 -1.12 14.25 -24.99
N THR A 231 -0.10 14.93 -25.47
CA THR A 231 1.29 14.60 -25.20
C THR A 231 1.88 15.64 -24.27
N LEU A 232 2.43 15.20 -23.15
CA LEU A 232 3.06 16.10 -22.18
C LEU A 232 4.50 15.64 -21.94
N ARG A 233 5.35 16.61 -21.65
CA ARG A 233 6.77 16.37 -21.42
C ARG A 233 7.06 16.52 -19.94
N LEU A 234 7.65 15.49 -19.35
CA LEU A 234 7.94 15.44 -17.92
C LEU A 234 9.44 15.50 -17.70
N LYS A 235 9.87 16.42 -16.85
CA LYS A 235 11.26 16.53 -16.46
C LYS A 235 11.39 16.36 -14.95
N ASN A 236 12.50 15.76 -14.54
CA ASN A 236 12.76 15.49 -13.12
C ASN A 236 13.67 16.57 -12.57
N THR A 237 13.19 17.26 -11.53
CA THR A 237 13.96 18.32 -10.87
C THR A 237 14.16 18.00 -9.39
N ALA A 238 14.19 16.72 -9.04
CA ALA A 238 14.29 16.30 -7.65
C ALA A 238 15.75 16.19 -7.24
N LEU A 239 16.10 16.87 -6.15
CA LEU A 239 17.43 16.76 -5.55
C LEU A 239 17.50 15.68 -4.49
N LYS A 240 16.39 14.98 -4.23
CA LYS A 240 16.39 13.96 -3.18
C LYS A 240 17.36 12.83 -3.52
N SER A 241 17.32 12.34 -4.76
CA SER A 241 18.17 11.21 -5.13
C SER A 241 19.64 11.60 -5.08
N ILE A 242 19.99 12.78 -5.61
CA ILE A 242 21.39 13.21 -5.63
C ILE A 242 21.91 13.33 -4.20
N ILE A 243 21.26 14.16 -3.39
CA ILE A 243 21.72 14.38 -2.02
C ILE A 243 21.74 13.06 -1.24
N ALA A 244 20.75 12.21 -1.46
CA ALA A 244 20.64 10.98 -0.67
C ALA A 244 21.75 10.00 -1.01
N LEU A 245 22.08 9.85 -2.30
CA LEU A 245 22.93 8.73 -2.71
C LEU A 245 24.19 9.11 -3.48
N LEU A 246 24.18 10.13 -4.33
CA LEU A 246 25.35 10.42 -5.15
C LEU A 246 26.45 11.10 -4.34
N VAL A 247 26.09 12.11 -3.56
CA VAL A 247 27.08 12.77 -2.71
C VAL A 247 27.69 11.81 -1.69
N PRO A 248 26.90 11.02 -0.94
CA PRO A 248 27.52 10.04 -0.04
C PRO A 248 28.38 9.01 -0.76
N ALA A 249 27.99 8.60 -1.98
CA ALA A 249 28.80 7.62 -2.70
C ALA A 249 30.15 8.20 -3.10
N GLU A 250 30.16 9.43 -3.63
CA GLU A 250 31.42 10.07 -3.96
C GLU A 250 32.26 10.32 -2.72
N ALA A 251 31.60 10.69 -1.61
CA ALA A 251 32.33 10.88 -0.36
C ALA A 251 32.98 9.58 0.11
N LEU A 252 32.25 8.47 0.03
CA LEU A 252 32.83 7.18 0.41
C LEU A 252 33.98 6.78 -0.50
N LEU A 253 33.84 7.04 -1.80
CA LEU A 253 34.92 6.72 -2.74
C LEU A 253 36.17 7.53 -2.41
N LEU A 254 36.00 8.83 -2.16
CA LEU A 254 37.14 9.67 -1.80
C LEU A 254 37.75 9.26 -0.47
N ALA A 255 36.90 8.85 0.48
CA ALA A 255 37.41 8.37 1.76
C ALA A 255 38.23 7.11 1.58
N ASP A 256 37.79 6.19 0.72
CA ASP A 256 38.56 4.97 0.46
C ASP A 256 39.89 5.31 -0.22
N VAL A 257 39.87 6.25 -1.17
CA VAL A 257 41.10 6.66 -1.82
C VAL A 257 42.07 7.24 -0.79
N CYS A 258 41.57 8.08 0.10
CA CYS A 258 42.42 8.65 1.14
C CYS A 258 42.94 7.58 2.10
N GLY A 259 42.10 6.62 2.45
CA GLY A 259 42.51 5.53 3.32
C GLY A 259 43.51 4.60 2.69
N GLY A 260 43.62 4.61 1.36
CA GLY A 260 44.68 3.86 0.71
C GLY A 260 46.07 4.27 1.15
N LEU A 261 46.24 5.50 1.67
CA LEU A 261 47.53 5.95 2.15
C LEU A 261 47.92 5.36 3.50
N LEU A 262 47.02 4.67 4.18
CA LEU A 262 47.40 4.02 5.43
C LEU A 262 48.43 2.94 5.16
N PRO A 263 49.41 2.78 6.04
CA PRO A 263 50.45 1.78 5.82
C PRO A 263 49.88 0.37 5.83
N LEU A 264 50.54 -0.51 5.07
CA LEU A 264 50.07 -1.88 4.97
C LEU A 264 50.11 -2.60 6.31
N ARG A 265 51.09 -2.28 7.15
CA ARG A 265 51.23 -2.94 8.45
C ARG A 265 50.25 -2.41 9.48
N ALA A 266 49.50 -1.34 9.18
CA ALA A 266 48.54 -0.82 10.13
C ALA A 266 47.31 -1.73 10.18
N ILE A 267 46.98 -2.22 11.38
CA ILE A 267 45.83 -3.08 11.54
C ILE A 267 44.53 -2.31 11.30
N GLU A 268 44.52 -1.01 11.61
CA GLU A 268 43.33 -0.20 11.44
C GLU A 268 42.95 -0.02 9.97
N ARG A 269 43.88 -0.27 9.05
CA ARG A 269 43.57 -0.10 7.63
C ARG A 269 42.49 -1.07 7.18
N ILE A 270 42.57 -2.32 7.61
CA ILE A 270 41.64 -3.34 7.11
C ILE A 270 40.22 -3.05 7.59
N GLY A 271 40.06 -2.81 8.88
CA GLY A 271 38.72 -2.57 9.42
C GLY A 271 38.07 -1.34 8.83
N TYR A 272 38.85 -0.28 8.62
CA TYR A 272 38.32 0.93 8.01
C TYR A 272 37.81 0.66 6.60
N LYS A 273 38.60 -0.07 5.81
CA LYS A 273 38.19 -0.42 4.45
C LYS A 273 36.93 -1.27 4.44
N VAL A 274 36.85 -2.24 5.37
CA VAL A 274 35.69 -3.12 5.38
C VAL A 274 34.44 -2.37 5.82
N THR A 275 34.58 -1.45 6.77
CA THR A 275 33.43 -0.65 7.18
C THR A 275 32.95 0.24 6.04
N LEU A 276 33.88 0.85 5.30
CA LEU A 276 33.48 1.63 4.13
C LEU A 276 32.80 0.75 3.10
N LEU A 277 33.30 -0.47 2.90
CA LEU A 277 32.69 -1.39 1.95
C LEU A 277 31.28 -1.76 2.37
N LEU A 278 31.06 -2.00 3.67
CA LEU A 278 29.72 -2.32 4.15
C LEU A 278 28.77 -1.14 3.97
N SER A 279 29.25 0.07 4.28
CA SER A 279 28.41 1.25 4.08
C SER A 279 28.04 1.42 2.61
N TYR A 280 29.00 1.23 1.72
CA TYR A 280 28.70 1.35 0.29
C TYR A 280 27.78 0.24 -0.18
N LEU A 281 27.90 -0.96 0.39
CA LEU A 281 26.99 -2.04 0.03
C LEU A 281 25.55 -1.68 0.41
N VAL A 282 25.37 -1.13 1.62
CA VAL A 282 24.03 -0.72 2.04
C VAL A 282 23.49 0.36 1.12
N LEU A 283 24.33 1.35 0.80
CA LEU A 283 23.89 2.45 -0.05
C LEU A 283 23.55 1.95 -1.46
N HIS A 284 24.36 1.05 -2.00
CA HIS A 284 24.11 0.50 -3.33
C HIS A 284 22.82 -0.30 -3.36
N SER A 285 22.58 -1.11 -2.32
CA SER A 285 21.32 -1.86 -2.25
C SER A 285 20.14 -0.91 -2.20
N SER A 286 20.25 0.17 -1.41
CA SER A 286 19.17 1.14 -1.35
C SER A 286 18.92 1.79 -2.71
N LEU A 287 19.99 2.16 -3.41
CA LEU A 287 19.83 2.80 -4.71
C LEU A 287 19.16 1.86 -5.71
N VAL A 288 19.67 0.63 -5.81
CA VAL A 288 19.12 -0.30 -6.81
C VAL A 288 17.68 -0.66 -6.46
N GLN A 289 17.36 -0.79 -5.17
CA GLN A 289 15.97 -1.01 -4.80
C GLN A 289 15.09 0.19 -5.14
N ALA A 290 15.65 1.39 -5.09
CA ALA A 290 14.90 2.61 -5.38
C ALA A 290 14.84 2.95 -6.87
N LEU A 291 15.47 2.15 -7.73
CA LEU A 291 15.48 2.44 -9.15
C LEU A 291 14.91 1.27 -9.94
N PRO A 292 14.09 1.54 -10.95
CA PRO A 292 13.55 0.45 -11.76
C PRO A 292 14.57 -0.09 -12.75
N SER A 293 14.30 -1.31 -13.23
CA SER A 293 15.13 -1.97 -14.21
C SER A 293 14.42 -1.96 -15.56
N SER A 294 15.11 -1.51 -16.58
CA SER A 294 14.56 -1.49 -17.94
C SER A 294 15.09 -2.68 -18.72
N SER A 295 14.31 -3.12 -19.70
CA SER A 295 14.73 -4.23 -20.54
C SER A 295 15.94 -3.87 -21.38
N SER A 296 15.98 -2.66 -21.91
CA SER A 296 17.01 -2.26 -22.87
C SER A 296 18.01 -1.25 -22.30
N CYS A 297 17.53 -0.11 -21.81
CA CYS A 297 18.40 0.96 -21.31
C CYS A 297 18.13 1.19 -19.83
N ASN A 298 18.88 0.48 -18.99
CA ASN A 298 18.87 0.77 -17.57
C ASN A 298 19.58 2.11 -17.33
N PRO A 299 19.26 2.78 -16.23
CA PRO A 299 19.93 4.05 -15.92
C PRO A 299 21.44 3.86 -15.81
N LEU A 300 22.19 4.85 -16.31
CA LEU A 300 23.64 4.82 -16.18
C LEU A 300 24.09 4.90 -14.73
N LEU A 301 23.21 5.38 -13.85
CA LEU A 301 23.57 5.55 -12.45
C LEU A 301 23.86 4.19 -11.80
N ILE A 302 23.06 3.17 -12.11
CA ILE A 302 23.28 1.87 -11.51
C ILE A 302 24.58 1.26 -12.01
N TYR A 303 24.91 1.46 -13.29
CA TYR A 303 26.19 0.97 -13.81
C TYR A 303 27.36 1.69 -13.13
N TYR A 304 27.24 3.00 -12.96
CA TYR A 304 28.31 3.75 -12.31
C TYR A 304 28.50 3.30 -10.86
N PHE A 305 27.39 3.09 -10.15
CA PHE A 305 27.50 2.62 -8.76
C PHE A 305 28.04 1.21 -8.69
N THR A 306 27.68 0.35 -9.64
CA THR A 306 28.25 -0.99 -9.67
C THR A 306 29.75 -0.95 -9.91
N ILE A 307 30.19 -0.08 -10.81
CA ILE A 307 31.62 0.06 -11.06
C ILE A 307 32.34 0.56 -9.82
N LEU A 308 31.75 1.53 -9.12
CA LEU A 308 32.37 2.02 -7.89
C LEU A 308 32.42 0.95 -6.82
N LEU A 309 31.35 0.15 -6.70
CA LEU A 309 31.34 -0.94 -5.74
C LEU A 309 32.41 -1.97 -6.07
N LEU A 310 32.56 -2.30 -7.34
CA LEU A 310 33.61 -3.22 -7.75
C LEU A 310 35.00 -2.65 -7.44
N LEU A 311 35.17 -1.34 -7.63
CA LEU A 311 36.44 -0.71 -7.29
C LEU A 311 36.72 -0.80 -5.79
N LEU A 312 35.69 -0.56 -4.97
CA LEU A 312 35.87 -0.67 -3.52
C LEU A 312 36.19 -2.10 -3.11
N PHE A 313 35.50 -3.08 -3.69
CA PHE A 313 35.82 -4.47 -3.43
C PHE A 313 37.26 -4.80 -3.83
N LEU A 314 37.69 -4.31 -4.99
CA LEU A 314 39.05 -4.57 -5.44
C LEU A 314 40.06 -3.95 -4.49
N SER A 315 39.81 -2.74 -4.03
CA SER A 315 40.72 -2.08 -3.09
C SER A 315 40.79 -2.86 -1.78
N THR A 316 39.64 -3.27 -1.25
CA THR A 316 39.63 -4.01 0.01
C THR A 316 40.33 -5.35 -0.14
N ILE A 317 40.07 -6.06 -1.25
CA ILE A 317 40.69 -7.36 -1.47
C ILE A 317 42.19 -7.22 -1.61
N GLU A 318 42.64 -6.21 -2.36
CA GLU A 318 44.08 -5.98 -2.48
C GLU A 318 44.71 -5.67 -1.14
N THR A 319 44.07 -4.81 -0.35
CA THR A 319 44.61 -4.47 0.97
C THR A 319 44.73 -5.71 1.84
N VAL A 320 43.68 -6.53 1.88
CA VAL A 320 43.71 -7.73 2.71
C VAL A 320 44.77 -8.71 2.22
N LEU A 321 44.84 -8.91 0.90
CA LEU A 321 45.80 -9.87 0.36
C LEU A 321 47.23 -9.44 0.65
N LEU A 322 47.53 -8.15 0.46
CA LEU A 322 48.89 -7.69 0.67
C LEU A 322 49.25 -7.65 2.15
N ALA A 323 48.29 -7.30 3.01
CA ALA A 323 48.54 -7.36 4.45
C ALA A 323 48.82 -8.79 4.89
N GLY A 324 48.05 -9.75 4.38
CA GLY A 324 48.31 -11.14 4.71
C GLY A 324 49.66 -11.62 4.22
N LEU A 325 50.02 -11.24 2.98
CA LEU A 325 51.32 -11.65 2.44
C LEU A 325 52.47 -11.04 3.24
N LEU A 326 52.34 -9.76 3.60
CA LEU A 326 53.38 -9.12 4.40
C LEU A 326 53.50 -9.76 5.78
N ALA A 327 52.36 -10.07 6.40
CA ALA A 327 52.39 -10.66 7.74
C ALA A 327 52.99 -12.06 7.73
N ARG A 328 52.83 -12.79 6.63
CA ARG A 328 53.38 -14.14 6.53
C ARG A 328 54.90 -14.11 6.51
N ARG A 368 62.31 -1.79 2.81
CA ARG A 368 60.99 -1.85 2.20
C ARG A 368 60.78 -3.16 1.47
N SER A 369 59.92 -4.02 2.03
CA SER A 369 59.66 -5.31 1.42
C SER A 369 58.80 -5.15 0.17
N TRP A 370 58.76 -6.22 -0.64
CA TRP A 370 57.98 -6.18 -1.87
C TRP A 370 56.49 -5.90 -1.67
N PRO A 371 55.80 -6.44 -0.65
CA PRO A 371 54.38 -6.11 -0.51
C PRO A 371 54.12 -4.62 -0.31
N GLU A 372 55.01 -3.91 0.39
CA GLU A 372 54.80 -2.47 0.58
C GLU A 372 54.93 -1.72 -0.75
N THR A 373 55.93 -2.08 -1.56
CA THR A 373 56.08 -1.46 -2.87
C THR A 373 54.88 -1.78 -3.75
N ALA A 374 54.40 -3.03 -3.70
CA ALA A 374 53.21 -3.39 -4.47
C ALA A 374 52.00 -2.60 -4.01
N ASP A 375 51.86 -2.38 -2.69
CA ASP A 375 50.74 -1.60 -2.19
C ASP A 375 50.82 -0.15 -2.65
N ARG A 376 52.01 0.44 -2.65
CA ARG A 376 52.15 1.82 -3.12
C ARG A 376 51.81 1.92 -4.61
N ILE A 377 52.32 0.99 -5.41
CA ILE A 377 52.02 0.99 -6.84
C ILE A 377 50.53 0.82 -7.07
N PHE A 378 49.90 -0.09 -6.32
CA PHE A 378 48.46 -0.30 -6.46
C PHE A 378 47.69 0.93 -6.04
N PHE A 379 48.15 1.64 -5.01
CA PHE A 379 47.45 2.86 -4.61
C PHE A 379 47.50 3.91 -5.71
N LEU A 380 48.68 4.08 -6.33
CA LEU A 380 48.79 5.02 -7.44
C LEU A 380 47.89 4.61 -8.61
N VAL A 381 47.92 3.31 -8.96
CA VAL A 381 47.10 2.82 -10.05
C VAL A 381 45.62 2.99 -9.72
N TYR A 382 45.25 2.79 -8.46
CA TYR A 382 43.87 2.92 -8.02
C TYR A 382 43.39 4.35 -8.12
N VAL A 383 44.22 5.32 -7.70
CA VAL A 383 43.85 6.72 -7.82
C VAL A 383 43.68 7.10 -9.28
N VAL A 384 44.62 6.68 -10.12
CA VAL A 384 44.52 6.97 -11.55
C VAL A 384 43.27 6.34 -12.14
N GLY A 385 42.96 5.11 -11.73
CA GLY A 385 41.79 4.44 -12.25
C GLY A 385 40.49 5.09 -11.80
N VAL A 386 40.45 5.58 -10.56
CA VAL A 386 39.27 6.29 -10.07
C VAL A 386 39.06 7.57 -10.87
N LEU A 387 40.13 8.33 -11.09
CA LEU A 387 40.01 9.55 -11.89
C LEU A 387 39.56 9.23 -13.31
N CYS A 388 40.15 8.19 -13.91
CA CYS A 388 39.78 7.81 -15.26
C CYS A 388 38.33 7.36 -15.33
N THR A 389 37.88 6.61 -14.31
CA THR A 389 36.49 6.16 -14.27
C THR A 389 35.53 7.33 -14.15
N GLN A 390 35.87 8.31 -13.31
CA GLN A 390 35.02 9.50 -13.19
C GLN A 390 34.95 10.25 -14.52
N PHE A 391 36.09 10.42 -15.19
CA PHE A 391 36.09 11.12 -16.47
C PHE A 391 35.31 10.34 -17.52
N VAL A 392 35.46 9.01 -17.55
CA VAL A 392 34.74 8.20 -18.51
C VAL A 392 33.24 8.26 -18.27
N PHE A 393 32.83 8.21 -17.00
CA PHE A 393 31.40 8.31 -16.70
C PHE A 393 30.85 9.67 -17.09
N ALA A 394 31.62 10.74 -16.84
CA ALA A 394 31.18 12.06 -17.26
C ALA A 394 31.03 12.14 -18.77
N GLY A 395 31.99 11.57 -19.50
CA GLY A 395 31.91 11.57 -20.95
C GLY A 395 30.73 10.77 -21.47
N ILE A 396 30.47 9.62 -20.86
CA ILE A 396 29.31 8.81 -21.24
C ILE A 396 28.02 9.57 -20.98
N TRP A 397 27.93 10.23 -19.82
CA TRP A 397 26.75 11.03 -19.52
C TRP A 397 26.56 12.14 -20.54
N MET A 398 27.66 12.80 -20.93
CA MET A 398 27.57 13.87 -21.91
C MET A 398 27.11 13.36 -23.26
N TRP A 399 27.58 12.19 -23.68
CA TRP A 399 27.28 11.63 -24.99
C TRP A 399 26.72 10.22 -24.82
N ALA A 400 25.40 10.13 -24.65
CA ALA A 400 24.73 8.86 -24.53
C ALA A 400 23.42 8.90 -25.32
N ALA A 401 23.01 7.75 -25.83
CA ALA A 401 21.77 7.65 -26.58
C ALA A 401 21.27 6.23 -26.53
N CYS A 402 19.96 6.08 -26.74
CA CYS A 402 19.32 4.76 -26.81
C CYS A 402 18.43 4.69 -28.05
N LYS A 403 18.75 3.75 -28.93
CA LYS A 403 17.82 3.43 -30.01
C LYS A 403 16.52 2.86 -29.44
N SER A 404 16.64 2.02 -28.42
CA SER A 404 15.50 1.37 -27.74
C SER A 404 14.71 0.59 -28.79
N ASP A 405 13.39 0.50 -28.66
CA ASP A 405 12.57 -0.19 -29.65
C ASP A 405 11.13 0.26 -29.47
N ALA A 406 10.48 0.61 -30.58
CA ALA A 406 9.09 1.02 -30.51
C ALA A 406 8.22 -0.16 -30.09
N ALA A 407 7.35 0.08 -29.11
CA ALA A 407 6.45 -0.97 -28.66
C ALA A 407 5.43 -1.29 -29.75
N PRO A 408 4.89 -2.52 -29.76
CA PRO A 408 3.89 -2.85 -30.78
C PRO A 408 2.69 -1.91 -30.78
N GLY A 409 2.26 -1.45 -29.61
CA GLY A 409 1.22 -0.45 -29.56
C GLY A 409 1.67 0.88 -30.13
N GLU A 410 2.90 1.28 -29.84
CA GLU A 410 3.42 2.53 -30.37
C GLU A 410 3.68 2.43 -31.87
N ALA A 411 4.30 1.33 -32.31
CA ALA A 411 4.57 1.17 -33.73
C ALA A 411 3.29 1.05 -34.54
N ALA A 412 2.32 0.31 -34.03
CA ALA A 412 1.03 0.10 -34.72
C ALA A 412 -0.08 0.52 -33.76
N PRO A 413 -0.44 1.80 -33.75
CA PRO A 413 -1.49 2.26 -32.85
C PRO A 413 -2.84 1.63 -33.18
N HIS A 414 -3.66 1.47 -32.15
CA HIS A 414 -4.97 0.85 -32.33
C HIS A 414 -5.85 1.72 -33.22
N GLY A 415 -6.62 1.07 -34.09
CA GLY A 415 -7.54 1.77 -34.96
C GLY A 415 -6.88 2.67 -35.99
N ARG A 416 -5.82 2.19 -36.64
CA ARG A 416 -5.13 2.96 -37.67
C ARG A 416 -5.56 2.47 -39.05
N ARG A 417 -4.96 3.07 -40.08
CA ARG A 417 -5.24 2.73 -41.47
C ARG A 417 -6.73 2.86 -41.81
N GLN B 55 -39.31 -9.00 -24.18
CA GLN B 55 -38.16 -9.53 -23.45
C GLN B 55 -37.36 -10.49 -24.32
N GLU B 56 -37.88 -10.77 -25.52
CA GLU B 56 -37.19 -11.67 -26.43
C GLU B 56 -35.89 -11.07 -26.96
N SER B 57 -35.73 -9.75 -26.92
CA SER B 57 -34.51 -9.13 -27.39
C SER B 57 -33.32 -9.53 -26.52
N ILE B 58 -33.54 -9.66 -25.22
CA ILE B 58 -32.45 -10.01 -24.31
C ILE B 58 -31.98 -11.44 -24.58
N GLN B 59 -32.84 -12.29 -25.13
CA GLN B 59 -32.48 -13.68 -25.34
C GLN B 59 -31.41 -13.81 -26.43
N ILE B 60 -30.60 -14.85 -26.30
CA ILE B 60 -29.50 -15.09 -27.24
C ILE B 60 -30.06 -15.42 -28.60
N PRO B 61 -29.50 -14.88 -29.69
CA PRO B 61 -30.00 -15.23 -31.03
C PRO B 61 -29.79 -16.71 -31.33
N ASN B 62 -30.67 -17.26 -32.14
CA ASN B 62 -30.64 -18.68 -32.50
C ASN B 62 -29.98 -18.83 -33.87
N ASN B 63 -28.86 -19.54 -33.90
CA ASN B 63 -28.17 -19.85 -35.16
C ASN B 63 -28.60 -21.23 -35.66
N GLY B 64 -29.92 -21.38 -35.81
CA GLY B 64 -30.47 -22.67 -36.19
C GLY B 64 -30.12 -23.74 -35.17
N SER B 65 -29.70 -24.90 -35.68
CA SER B 65 -29.28 -25.98 -34.79
C SER B 65 -27.91 -25.71 -34.19
N ALA B 66 -26.99 -25.16 -34.99
CA ALA B 66 -25.64 -24.92 -34.51
C ALA B 66 -25.62 -23.78 -33.50
N PRO B 67 -24.65 -23.79 -32.58
CA PRO B 67 -24.56 -22.69 -31.61
C PRO B 67 -24.16 -21.39 -32.28
N LEU B 68 -24.57 -20.28 -31.68
CA LEU B 68 -24.22 -18.97 -32.18
C LEU B 68 -22.72 -18.75 -32.09
N LEU B 69 -22.14 -18.20 -33.14
CA LEU B 69 -20.71 -17.97 -33.22
C LEU B 69 -20.40 -16.50 -32.93
N VAL B 70 -19.54 -16.28 -31.94
CA VAL B 70 -19.12 -14.93 -31.55
C VAL B 70 -17.62 -14.83 -31.82
N ASP B 71 -17.24 -13.89 -32.67
CA ASP B 71 -15.83 -13.67 -33.00
C ASP B 71 -15.27 -12.63 -32.04
N VAL B 72 -14.26 -13.01 -31.28
CA VAL B 72 -13.65 -12.15 -30.27
C VAL B 72 -12.24 -11.80 -30.72
N ARG B 73 -11.95 -10.50 -30.76
CA ARG B 73 -10.61 -10.00 -31.01
C ARG B 73 -10.10 -9.34 -29.75
N VAL B 74 -8.94 -9.79 -29.28
CA VAL B 74 -8.35 -9.31 -28.03
C VAL B 74 -7.10 -8.51 -28.35
N PHE B 75 -7.07 -7.25 -27.92
CA PHE B 75 -5.90 -6.40 -28.02
C PHE B 75 -5.32 -6.22 -26.62
N VAL B 76 -4.10 -6.68 -26.43
CA VAL B 76 -3.42 -6.57 -25.13
C VAL B 76 -2.69 -5.23 -25.12
N SER B 77 -3.28 -4.24 -24.46
CA SER B 77 -2.71 -2.90 -24.48
C SER B 77 -1.43 -2.83 -23.65
N ASN B 78 -1.40 -3.52 -22.51
CA ASN B 78 -0.25 -3.41 -21.62
C ASN B 78 -0.32 -4.50 -20.57
N VAL B 79 0.86 -4.91 -20.08
CA VAL B 79 1.01 -5.82 -18.96
C VAL B 79 1.95 -5.13 -17.98
N PHE B 80 1.39 -4.46 -16.98
CA PHE B 80 2.14 -3.50 -16.18
C PHE B 80 2.67 -4.06 -14.87
N ASN B 81 1.81 -4.63 -14.03
CA ASN B 81 2.27 -5.20 -12.76
C ASN B 81 2.44 -6.71 -12.89
N VAL B 82 3.64 -7.20 -12.61
CA VAL B 82 3.93 -8.62 -12.55
C VAL B 82 4.55 -8.86 -11.18
N ASP B 83 3.71 -9.22 -10.20
CA ASP B 83 4.14 -9.37 -8.82
C ASP B 83 4.44 -10.85 -8.55
N ILE B 84 5.73 -11.18 -8.48
CA ILE B 84 6.12 -12.55 -8.20
C ILE B 84 5.72 -12.95 -6.79
N LEU B 85 5.80 -12.02 -5.84
CA LEU B 85 5.43 -12.33 -4.46
C LEU B 85 3.96 -12.72 -4.36
N ARG B 86 3.09 -12.00 -5.06
CA ARG B 86 1.66 -12.30 -5.05
C ARG B 86 1.24 -13.29 -6.13
N TYR B 87 2.17 -13.68 -7.00
CA TYR B 87 1.89 -14.63 -8.09
C TYR B 87 0.75 -14.13 -8.97
N THR B 88 0.69 -12.82 -9.19
CA THR B 88 -0.36 -12.20 -9.99
C THR B 88 0.25 -11.36 -11.08
N MET B 89 -0.46 -11.28 -12.21
CA MET B 89 -0.06 -10.47 -13.34
C MET B 89 -1.22 -9.55 -13.72
N SER B 90 -0.93 -8.26 -13.86
CA SER B 90 -1.95 -7.27 -14.18
C SER B 90 -1.83 -6.86 -15.64
N SER B 91 -2.96 -6.83 -16.34
CA SER B 91 -2.97 -6.55 -17.76
C SER B 91 -4.16 -5.67 -18.11
N MET B 92 -4.10 -5.09 -19.32
CA MET B 92 -5.17 -4.28 -19.87
C MET B 92 -5.55 -4.85 -21.23
N LEU B 93 -6.85 -5.06 -21.45
CA LEU B 93 -7.32 -5.71 -22.65
C LEU B 93 -8.47 -4.92 -23.27
N LEU B 94 -8.56 -5.02 -24.59
CA LEU B 94 -9.70 -4.53 -25.35
C LEU B 94 -10.30 -5.71 -26.10
N LEU B 95 -11.57 -6.02 -25.80
CA LEU B 95 -12.27 -7.12 -26.44
C LEU B 95 -13.28 -6.54 -27.43
N ARG B 96 -13.16 -6.95 -28.68
CA ARG B 96 -14.14 -6.62 -29.71
C ARG B 96 -14.89 -7.89 -30.05
N LEU B 97 -16.15 -7.94 -29.66
CA LEU B 97 -17.00 -9.11 -29.86
C LEU B 97 -17.98 -8.81 -30.97
N SER B 98 -17.98 -9.65 -32.01
CA SER B 98 -18.86 -9.49 -33.15
C SER B 98 -19.71 -10.73 -33.32
N TRP B 99 -21.02 -10.52 -33.47
CA TRP B 99 -21.93 -11.63 -33.77
C TRP B 99 -23.01 -11.12 -34.72
N LEU B 100 -23.95 -11.99 -35.05
CA LEU B 100 -25.03 -11.66 -35.97
C LEU B 100 -26.36 -11.81 -35.24
N ASP B 101 -27.17 -10.75 -35.30
CA ASP B 101 -28.50 -10.74 -34.68
C ASP B 101 -29.49 -10.27 -35.75
N THR B 102 -30.08 -11.23 -36.47
CA THR B 102 -31.00 -10.88 -37.54
C THR B 102 -32.26 -10.18 -37.04
N ARG B 103 -32.59 -10.34 -35.76
CA ARG B 103 -33.76 -9.66 -35.21
C ARG B 103 -33.58 -8.15 -35.16
N LEU B 104 -32.35 -7.65 -35.16
CA LEU B 104 -32.09 -6.22 -35.11
C LEU B 104 -31.92 -5.60 -36.49
N ALA B 105 -31.97 -6.39 -37.55
CA ALA B 105 -31.84 -5.83 -38.89
C ALA B 105 -33.05 -4.98 -39.24
N TRP B 106 -32.79 -3.89 -39.95
CA TRP B 106 -33.85 -2.97 -40.37
C TRP B 106 -33.68 -2.62 -41.85
N ASN B 107 -34.80 -2.35 -42.50
CA ASN B 107 -34.76 -1.94 -43.89
C ASN B 107 -34.14 -0.56 -44.03
N THR B 108 -33.30 -0.39 -45.06
CA THR B 108 -32.63 0.89 -45.27
C THR B 108 -33.60 1.98 -45.72
N SER B 109 -34.74 1.60 -46.27
CA SER B 109 -35.71 2.61 -46.71
C SER B 109 -36.39 3.27 -45.53
N ALA B 110 -36.81 2.48 -44.53
CA ALA B 110 -37.47 3.05 -43.36
C ALA B 110 -36.51 3.91 -42.55
N HIS B 111 -35.29 3.44 -42.35
CA HIS B 111 -34.28 4.16 -41.57
C HIS B 111 -33.04 4.35 -42.42
N PRO B 112 -32.57 5.59 -42.63
CA PRO B 112 -31.40 5.81 -43.48
C PRO B 112 -30.07 5.59 -42.79
N ARG B 113 -30.06 5.36 -41.48
CA ARG B 113 -28.80 5.15 -40.77
C ARG B 113 -28.23 3.78 -41.11
N HIS B 114 -26.93 3.76 -41.44
CA HIS B 114 -26.26 2.50 -41.74
C HIS B 114 -25.78 1.77 -40.49
N ALA B 115 -25.78 2.44 -39.34
CA ALA B 115 -25.37 1.80 -38.10
C ALA B 115 -25.99 2.57 -36.93
N ILE B 116 -26.39 1.84 -35.90
CA ILE B 116 -27.01 2.43 -34.71
C ILE B 116 -26.25 1.95 -33.48
N THR B 117 -26.43 2.70 -32.39
CA THR B 117 -25.84 2.38 -31.11
C THR B 117 -26.94 2.11 -30.10
N LEU B 118 -26.78 1.04 -29.33
CA LEU B 118 -27.75 0.65 -28.32
C LEU B 118 -27.05 0.51 -26.98
N PRO B 119 -27.77 0.73 -25.89
CA PRO B 119 -27.17 0.56 -24.56
C PRO B 119 -26.83 -0.90 -24.28
N TRP B 120 -26.11 -1.11 -23.17
CA TRP B 120 -25.61 -2.43 -22.84
C TRP B 120 -26.73 -3.43 -22.60
N GLU B 121 -27.81 -3.00 -21.94
CA GLU B 121 -28.88 -3.90 -21.52
C GLU B 121 -30.05 -3.93 -22.49
N SER B 122 -29.96 -3.26 -23.63
CA SER B 122 -31.05 -3.24 -24.58
C SER B 122 -31.03 -4.41 -25.56
N LEU B 123 -29.98 -5.21 -25.56
CA LEU B 123 -29.87 -6.34 -26.47
C LEU B 123 -29.00 -7.40 -25.81
N TRP B 124 -29.03 -8.61 -26.37
CA TRP B 124 -28.23 -9.69 -25.81
C TRP B 124 -26.76 -9.42 -26.05
N THR B 125 -25.97 -9.48 -24.97
CA THR B 125 -24.53 -9.34 -25.03
C THR B 125 -23.97 -10.40 -24.09
N PRO B 126 -22.98 -11.18 -24.55
CA PRO B 126 -22.41 -12.22 -23.67
C PRO B 126 -21.76 -11.60 -22.45
N ARG B 127 -21.96 -12.24 -21.29
CA ARG B 127 -21.38 -11.79 -20.03
C ARG B 127 -20.12 -12.59 -19.79
N LEU B 128 -18.96 -11.99 -20.03
CA LEU B 128 -17.68 -12.65 -19.88
C LEU B 128 -17.18 -12.51 -18.44
N THR B 129 -16.72 -13.61 -17.88
CA THR B 129 -16.16 -13.64 -16.54
C THR B 129 -14.79 -14.30 -16.59
N ILE B 130 -13.83 -13.74 -15.85
CA ILE B 130 -12.47 -14.27 -15.82
C ILE B 130 -12.28 -14.99 -14.49
N LEU B 131 -11.95 -16.28 -14.56
CA LEU B 131 -11.83 -17.08 -13.34
C LEU B 131 -10.55 -16.74 -12.58
N GLU B 132 -9.44 -16.56 -13.29
CA GLU B 132 -8.17 -16.30 -12.64
C GLU B 132 -8.00 -14.86 -12.21
N ALA B 133 -8.91 -13.97 -12.58
CA ALA B 133 -8.74 -12.56 -12.33
C ALA B 133 -9.12 -12.23 -10.88
N LEU B 134 -8.14 -11.71 -10.13
CA LEU B 134 -8.42 -11.26 -8.78
C LEU B 134 -9.45 -10.15 -8.78
N TRP B 135 -9.30 -9.18 -9.68
CA TRP B 135 -10.28 -8.13 -9.86
C TRP B 135 -10.28 -7.71 -11.33
N VAL B 136 -11.46 -7.31 -11.80
CA VAL B 136 -11.65 -6.80 -13.15
C VAL B 136 -12.31 -5.44 -13.04
N ASP B 137 -11.72 -4.44 -13.69
CA ASP B 137 -12.26 -3.09 -13.74
C ASP B 137 -12.63 -2.79 -15.19
N TRP B 138 -13.91 -2.64 -15.46
CA TRP B 138 -14.37 -2.30 -16.80
C TRP B 138 -14.36 -0.79 -16.97
N ARG B 139 -13.65 -0.32 -17.98
CA ARG B 139 -13.47 1.11 -18.20
C ARG B 139 -14.70 1.77 -18.82
N ASP B 140 -15.84 1.10 -18.82
CA ASP B 140 -17.09 1.69 -19.33
C ASP B 140 -18.25 1.01 -18.60
N GLN B 141 -18.79 1.71 -17.60
CA GLN B 141 -19.90 1.15 -16.83
C GLN B 141 -21.17 0.99 -17.66
N SER B 142 -21.32 1.78 -18.72
CA SER B 142 -22.49 1.70 -19.60
C SER B 142 -22.00 1.58 -21.05
N PRO B 143 -21.50 0.41 -21.42
CA PRO B 143 -21.03 0.23 -22.80
C PRO B 143 -22.18 0.24 -23.79
N GLN B 144 -21.86 0.63 -25.02
CA GLN B 144 -22.85 0.72 -26.09
C GLN B 144 -22.45 -0.23 -27.22
N ALA B 145 -23.37 -1.09 -27.62
CA ALA B 145 -23.15 -1.99 -28.74
C ALA B 145 -23.53 -1.29 -30.04
N ARG B 146 -22.87 -1.68 -31.12
CA ARG B 146 -23.10 -1.10 -32.43
C ARG B 146 -23.70 -2.15 -33.35
N VAL B 147 -24.83 -1.82 -33.98
CA VAL B 147 -25.58 -2.74 -34.83
C VAL B 147 -25.65 -2.14 -36.22
N ASP B 148 -25.26 -2.94 -37.22
CA ASP B 148 -25.36 -2.52 -38.62
C ASP B 148 -26.76 -2.81 -39.15
N GLN B 149 -27.00 -2.36 -40.39
CA GLN B 149 -28.29 -2.58 -41.02
C GLN B 149 -28.54 -4.05 -41.32
N ASP B 150 -27.48 -4.84 -41.46
CA ASP B 150 -27.61 -6.27 -41.74
C ASP B 150 -27.77 -7.11 -40.48
N GLY B 151 -27.73 -6.49 -39.31
CA GLY B 151 -27.89 -7.19 -38.05
C GLY B 151 -26.59 -7.51 -37.33
N HIS B 152 -25.45 -7.25 -37.96
CA HIS B 152 -24.17 -7.51 -37.30
C HIS B 152 -24.00 -6.59 -36.11
N VAL B 153 -23.63 -7.17 -34.97
CA VAL B 153 -23.46 -6.44 -33.72
C VAL B 153 -22.00 -6.52 -33.30
N LYS B 154 -21.40 -5.36 -33.03
CA LYS B 154 -20.04 -5.26 -32.53
C LYS B 154 -20.04 -4.54 -31.20
N LEU B 155 -19.34 -5.10 -30.23
CA LEU B 155 -19.27 -4.55 -28.88
C LEU B 155 -17.82 -4.45 -28.46
N ASN B 156 -17.40 -3.27 -28.00
CA ASN B 156 -16.04 -3.03 -27.56
C ASN B 156 -16.01 -2.83 -26.06
N LEU B 157 -15.18 -3.60 -25.37
CA LEU B 157 -15.07 -3.56 -23.91
C LEU B 157 -13.60 -3.42 -23.53
N ALA B 158 -13.27 -2.36 -22.80
CA ALA B 158 -11.92 -2.16 -22.30
C ALA B 158 -11.91 -2.51 -20.82
N LEU B 159 -11.00 -3.41 -20.42
CA LEU B 159 -10.98 -3.89 -19.05
C LEU B 159 -9.56 -4.07 -18.57
N ALA B 160 -9.31 -3.66 -17.32
CA ALA B 160 -8.03 -3.87 -16.67
C ALA B 160 -8.22 -4.93 -15.61
N THR B 161 -7.45 -6.01 -15.70
CA THR B 161 -7.62 -7.16 -14.83
C THR B 161 -6.33 -7.47 -14.10
N GLU B 162 -6.46 -8.13 -12.94
CA GLU B 162 -5.31 -8.69 -12.23
C GLU B 162 -5.54 -10.19 -12.12
N THR B 163 -4.97 -10.94 -13.05
CA THR B 163 -5.18 -12.36 -13.11
C THR B 163 -4.08 -13.12 -12.36
N ASN B 164 -4.28 -14.41 -12.20
CA ASN B 164 -3.37 -15.29 -11.50
C ASN B 164 -2.45 -15.97 -12.50
N CYS B 165 -1.14 -15.86 -12.28
CA CYS B 165 -0.15 -16.51 -13.13
C CYS B 165 0.75 -17.37 -12.26
N ASN B 166 0.95 -18.62 -12.70
CA ASN B 166 1.80 -19.57 -11.98
C ASN B 166 3.21 -19.43 -12.53
N PHE B 167 3.98 -18.51 -11.95
CA PHE B 167 5.35 -18.29 -12.40
C PHE B 167 6.24 -19.48 -12.08
N GLU B 168 7.08 -19.85 -13.04
CA GLU B 168 8.07 -20.90 -12.82
C GLU B 168 9.37 -20.22 -12.36
N LEU B 169 9.42 -19.94 -11.07
CA LEU B 169 10.50 -19.17 -10.48
C LEU B 169 11.72 -20.00 -10.15
N LEU B 170 11.86 -21.20 -10.73
CA LEU B 170 13.01 -22.03 -10.44
C LEU B 170 14.31 -21.36 -10.87
N HIS B 171 14.30 -20.72 -12.04
CA HIS B 171 15.49 -20.10 -12.61
C HIS B 171 15.48 -18.58 -12.46
N PHE B 172 14.95 -18.08 -11.35
CA PHE B 172 14.95 -16.64 -11.11
C PHE B 172 16.39 -16.14 -11.05
N PRO B 173 16.69 -14.96 -11.62
CA PRO B 173 15.77 -14.02 -12.26
C PRO B 173 15.60 -14.18 -13.77
N ARG B 174 15.97 -15.34 -14.32
CA ARG B 174 15.78 -15.61 -15.74
C ARG B 174 14.79 -16.76 -15.86
N ASP B 175 13.51 -16.44 -15.82
CA ASP B 175 12.45 -17.43 -15.78
C ASP B 175 11.40 -17.13 -16.84
N HIS B 176 10.85 -18.19 -17.41
CA HIS B 176 9.80 -18.09 -18.41
C HIS B 176 8.51 -18.67 -17.82
N SER B 177 7.44 -17.88 -17.87
CA SER B 177 6.18 -18.26 -17.26
C SER B 177 5.06 -18.17 -18.28
N ASN B 178 4.00 -18.93 -18.05
CA ASN B 178 2.82 -18.90 -18.89
C ASN B 178 1.66 -18.35 -18.07
N CYS B 179 1.06 -17.26 -18.56
CA CYS B 179 -0.11 -16.65 -17.92
C CYS B 179 -1.31 -16.84 -18.81
N SER B 180 -2.39 -17.39 -18.24
CA SER B 180 -3.60 -17.68 -18.99
C SER B 180 -4.75 -16.84 -18.44
N LEU B 181 -5.43 -16.14 -19.33
CA LEU B 181 -6.63 -15.37 -19.01
C LEU B 181 -7.80 -16.06 -19.69
N SER B 182 -8.67 -16.69 -18.90
CA SER B 182 -9.78 -17.47 -19.42
C SER B 182 -11.07 -16.68 -19.26
N PHE B 183 -11.76 -16.43 -20.37
CA PHE B 183 -13.05 -15.76 -20.37
C PHE B 183 -14.13 -16.82 -20.57
N TYR B 184 -15.08 -16.87 -19.63
CA TYR B 184 -16.16 -17.84 -19.63
C TYR B 184 -17.49 -17.10 -19.78
N ALA B 185 -18.41 -17.71 -20.51
CA ALA B 185 -19.79 -17.24 -20.55
C ALA B 185 -20.61 -18.17 -19.67
N LEU B 186 -20.61 -17.87 -18.37
CA LEU B 186 -21.19 -18.78 -17.39
C LEU B 186 -22.70 -18.93 -17.59
N SER B 187 -23.39 -17.85 -17.93
CA SER B 187 -24.84 -17.91 -18.10
C SER B 187 -25.26 -18.69 -19.34
N ASN B 188 -24.33 -19.05 -20.21
CA ASN B 188 -24.66 -19.74 -21.46
C ASN B 188 -24.03 -21.13 -21.48
N THR B 189 -24.46 -21.93 -22.45
CA THR B 189 -23.93 -23.26 -22.67
C THR B 189 -23.31 -23.35 -24.06
N ALA B 190 -22.44 -24.35 -24.22
CA ALA B 190 -21.75 -24.53 -25.49
C ALA B 190 -22.70 -24.85 -26.63
N MET B 191 -23.86 -25.43 -26.32
CA MET B 191 -24.84 -25.71 -27.36
C MET B 191 -25.49 -24.46 -27.91
N GLU B 192 -25.35 -23.32 -27.24
CA GLU B 192 -25.92 -22.06 -27.70
C GLU B 192 -24.89 -21.04 -28.10
N LEU B 193 -23.74 -21.01 -27.45
CA LEU B 193 -22.71 -20.00 -27.69
C LEU B 193 -21.40 -20.67 -28.07
N GLU B 194 -20.74 -20.12 -29.08
CA GLU B 194 -19.43 -20.58 -29.52
C GLU B 194 -18.53 -19.37 -29.71
N PHE B 195 -17.26 -19.52 -29.35
CA PHE B 195 -16.31 -18.43 -29.37
C PHE B 195 -15.22 -18.68 -30.41
N GLN B 196 -14.81 -17.61 -31.09
CA GLN B 196 -13.69 -17.64 -32.03
C GLN B 196 -12.77 -16.48 -31.66
N ALA B 197 -11.65 -16.79 -31.03
CA ALA B 197 -10.80 -15.79 -30.42
C ALA B 197 -9.53 -15.56 -31.23
N HIS B 198 -9.17 -14.29 -31.39
CA HIS B 198 -7.91 -13.88 -31.97
C HIS B 198 -7.27 -12.83 -31.07
N VAL B 199 -5.94 -12.82 -31.04
CA VAL B 199 -5.20 -11.90 -30.20
C VAL B 199 -4.31 -11.02 -31.09
N VAL B 200 -4.27 -9.74 -30.78
CA VAL B 200 -3.42 -8.78 -31.47
C VAL B 200 -2.47 -8.17 -30.44
N ASN B 201 -1.18 -8.24 -30.74
CA ASN B 201 -0.16 -7.70 -29.84
C ASN B 201 -0.08 -6.20 -30.03
N GLU B 202 -0.74 -5.45 -29.15
CA GLU B 202 -0.73 -4.00 -29.18
C GLU B 202 -0.18 -3.45 -27.86
N ILE B 203 0.83 -4.13 -27.31
CA ILE B 203 1.39 -3.71 -26.03
C ILE B 203 2.13 -2.40 -26.22
N VAL B 204 1.87 -1.45 -25.32
CA VAL B 204 2.41 -0.10 -25.44
C VAL B 204 3.68 0.10 -24.61
N SER B 205 3.96 -0.77 -23.65
CA SER B 205 5.15 -0.68 -22.82
C SER B 205 6.10 -1.82 -23.15
N VAL B 206 7.35 -1.49 -23.44
CA VAL B 206 8.35 -2.50 -23.77
C VAL B 206 9.56 -2.46 -22.85
N LYS B 207 9.79 -1.37 -22.12
CA LYS B 207 10.97 -1.23 -21.28
C LYS B 207 10.72 -1.65 -19.84
N ARG B 208 9.79 -2.56 -19.60
CA ARG B 208 9.53 -3.07 -18.26
C ARG B 208 10.40 -4.29 -17.97
N GLU B 209 10.39 -4.70 -16.70
CA GLU B 209 11.20 -5.84 -16.30
C GLU B 209 10.76 -7.12 -17.00
N TYR B 210 9.45 -7.33 -17.10
CA TYR B 210 8.89 -8.52 -17.71
C TYR B 210 8.38 -8.18 -19.11
N VAL B 211 8.77 -8.99 -20.09
CA VAL B 211 8.46 -8.74 -21.49
C VAL B 211 7.60 -9.89 -22.01
N VAL B 212 6.47 -9.55 -22.62
CA VAL B 212 5.60 -10.53 -23.25
C VAL B 212 6.08 -10.73 -24.68
N TYR B 213 6.43 -11.97 -25.02
CA TYR B 213 6.96 -12.27 -26.35
C TYR B 213 6.12 -13.22 -27.16
N ASP B 214 5.22 -13.99 -26.54
CA ASP B 214 4.36 -14.92 -27.27
C ASP B 214 2.94 -14.77 -26.76
N LEU B 215 1.99 -14.63 -27.70
CA LEU B 215 0.58 -14.52 -27.37
C LEU B 215 -0.22 -15.44 -28.28
N LYS B 216 -1.17 -16.16 -27.69
CA LYS B 216 -2.01 -17.08 -28.44
C LYS B 216 -3.39 -17.09 -27.81
N THR B 217 -4.38 -17.52 -28.59
CA THR B 217 -5.73 -17.74 -28.10
C THR B 217 -6.16 -19.15 -28.46
N GLN B 218 -6.93 -19.76 -27.56
CA GLN B 218 -7.41 -21.12 -27.82
C GLN B 218 -8.74 -21.33 -27.12
N VAL B 219 -9.61 -22.09 -27.78
CA VAL B 219 -10.91 -22.48 -27.26
C VAL B 219 -10.81 -23.95 -26.84
N PRO B 220 -10.76 -24.26 -25.54
CA PRO B 220 -10.60 -25.65 -25.11
C PRO B 220 -11.75 -26.52 -25.59
N PRO B 221 -11.48 -27.75 -25.98
CA PRO B 221 -12.55 -28.64 -26.43
C PRO B 221 -13.23 -29.32 -25.25
N GLN B 222 -14.34 -30.01 -25.56
CA GLN B 222 -15.13 -30.73 -24.56
C GLN B 222 -15.53 -29.82 -23.41
N GLN B 223 -15.99 -28.62 -23.74
CA GLN B 223 -16.39 -27.63 -22.77
C GLN B 223 -17.91 -27.54 -22.70
N LEU B 224 -18.46 -27.53 -21.49
CA LEU B 224 -19.89 -27.30 -21.32
C LEU B 224 -20.20 -25.82 -21.32
N VAL B 225 -19.44 -25.04 -20.55
CA VAL B 225 -19.58 -23.59 -20.52
C VAL B 225 -18.67 -23.01 -21.61
N PRO B 226 -19.20 -22.24 -22.55
CA PRO B 226 -18.36 -21.70 -23.62
C PRO B 226 -17.31 -20.75 -23.05
N CYS B 227 -16.07 -20.93 -23.49
CA CYS B 227 -14.97 -20.13 -22.95
C CYS B 227 -13.85 -20.07 -23.98
N PHE B 228 -12.99 -19.08 -23.82
CA PHE B 228 -11.79 -18.94 -24.62
C PHE B 228 -10.69 -18.37 -23.75
N GLN B 229 -9.47 -18.87 -23.92
CA GLN B 229 -8.37 -18.44 -23.07
C GLN B 229 -7.23 -17.87 -23.90
N VAL B 230 -6.70 -16.75 -23.43
CA VAL B 230 -5.53 -16.10 -24.02
C VAL B 230 -4.32 -16.49 -23.20
N THR B 231 -3.34 -17.12 -23.83
CA THR B 231 -2.11 -17.55 -23.18
C THR B 231 -0.96 -16.67 -23.63
N LEU B 232 -0.26 -16.07 -22.68
CA LEU B 232 0.89 -15.24 -22.98
C LEU B 232 2.11 -15.75 -22.23
N ARG B 233 3.28 -15.55 -22.83
CA ARG B 233 4.54 -16.02 -22.27
C ARG B 233 5.31 -14.81 -21.75
N LEU B 234 5.70 -14.87 -20.48
CA LEU B 234 6.38 -13.78 -19.79
C LEU B 234 7.81 -14.19 -19.50
N LYS B 235 8.76 -13.35 -19.90
CA LYS B 235 10.17 -13.56 -19.61
C LYS B 235 10.70 -12.37 -18.81
N ASN B 236 11.63 -12.66 -17.92
CA ASN B 236 12.21 -11.63 -17.05
C ASN B 236 13.55 -11.19 -17.63
N THR B 237 13.67 -9.89 -17.91
CA THR B 237 14.90 -9.31 -18.45
C THR B 237 15.44 -8.22 -17.52
N ALA B 238 15.17 -8.34 -16.23
CA ALA B 238 15.56 -7.33 -15.26
C ALA B 238 16.96 -7.61 -14.74
N LEU B 239 17.83 -6.60 -14.84
CA LEU B 239 19.17 -6.67 -14.26
C LEU B 239 19.23 -6.12 -12.85
N LYS B 240 18.09 -5.66 -12.31
CA LYS B 240 18.09 -5.09 -10.97
C LYS B 240 18.50 -6.12 -9.92
N SER B 241 17.93 -7.33 -10.00
CA SER B 241 18.22 -8.34 -9.01
C SER B 241 19.67 -8.77 -9.08
N ILE B 242 20.19 -9.01 -10.29
CA ILE B 242 21.57 -9.46 -10.44
C ILE B 242 22.53 -8.43 -9.87
N ILE B 243 22.46 -7.19 -10.38
CA ILE B 243 23.37 -6.13 -9.94
C ILE B 243 23.21 -5.89 -8.44
N ALA B 244 21.99 -5.94 -7.93
CA ALA B 244 21.75 -5.61 -6.53
C ALA B 244 22.32 -6.67 -5.60
N LEU B 245 22.17 -7.95 -5.94
CA LEU B 245 22.45 -9.00 -4.97
C LEU B 245 23.45 -10.05 -5.39
N LEU B 246 23.50 -10.46 -6.66
CA LEU B 246 24.39 -11.55 -7.05
C LEU B 246 25.84 -11.10 -7.14
N VAL B 247 26.08 -9.96 -7.79
CA VAL B 247 27.44 -9.43 -7.86
C VAL B 247 28.00 -9.10 -6.48
N PRO B 248 27.28 -8.39 -5.59
CA PRO B 248 27.81 -8.20 -4.24
C PRO B 248 28.03 -9.49 -3.47
N ALA B 249 27.17 -10.49 -3.66
CA ALA B 249 27.36 -11.75 -2.94
C ALA B 249 28.63 -12.46 -3.39
N GLU B 250 28.85 -12.53 -4.71
CA GLU B 250 30.08 -13.13 -5.20
C GLU B 250 31.30 -12.33 -4.76
N ALA B 251 31.18 -11.00 -4.75
CA ALA B 251 32.28 -10.16 -4.29
C ALA B 251 32.60 -10.44 -2.83
N LEU B 252 31.57 -10.56 -1.99
CA LEU B 252 31.80 -10.86 -0.58
C LEU B 252 32.42 -12.24 -0.40
N LEU B 253 31.97 -13.23 -1.18
CA LEU B 253 32.55 -14.56 -1.10
C LEU B 253 34.03 -14.54 -1.48
N LEU B 254 34.36 -13.86 -2.56
CA LEU B 254 35.76 -13.76 -2.98
C LEU B 254 36.58 -12.99 -1.95
N ALA B 255 36.00 -11.95 -1.34
CA ALA B 255 36.70 -11.22 -0.29
C ALA B 255 36.98 -12.10 0.91
N ASP B 256 36.02 -12.95 1.30
CA ASP B 256 36.25 -13.87 2.40
C ASP B 256 37.33 -14.88 2.06
N VAL B 257 37.31 -15.40 0.82
CA VAL B 257 38.35 -16.33 0.40
C VAL B 257 39.72 -15.68 0.47
N CYS B 258 39.82 -14.43 0.00
CA CYS B 258 41.09 -13.72 0.06
C CYS B 258 41.51 -13.45 1.50
N GLY B 259 40.56 -13.10 2.37
CA GLY B 259 40.85 -12.86 3.77
C GLY B 259 41.26 -14.10 4.51
N GLY B 260 40.95 -15.27 3.98
CA GLY B 260 41.46 -16.50 4.57
C GLY B 260 42.98 -16.57 4.62
N LEU B 261 43.67 -15.81 3.77
CA LEU B 261 45.12 -15.79 3.78
C LEU B 261 45.71 -14.98 4.94
N LEU B 262 44.89 -14.24 5.68
CA LEU B 262 45.42 -13.53 6.83
C LEU B 262 45.91 -14.52 7.88
N PRO B 263 47.02 -14.22 8.54
CA PRO B 263 47.57 -15.16 9.53
C PRO B 263 46.61 -15.34 10.69
N LEU B 264 46.68 -16.54 11.29
CA LEU B 264 45.79 -16.87 12.40
C LEU B 264 46.02 -15.95 13.59
N ARG B 265 47.26 -15.54 13.82
CA ARG B 265 47.60 -14.69 14.96
C ARG B 265 47.20 -13.23 14.75
N ALA B 266 46.78 -12.86 13.54
CA ALA B 266 46.37 -11.48 13.29
C ALA B 266 45.01 -11.22 13.91
N ILE B 267 44.93 -10.21 14.78
CA ILE B 267 43.67 -9.88 15.43
C ILE B 267 42.69 -9.30 14.41
N GLU B 268 43.18 -8.63 13.37
CA GLU B 268 42.32 -8.03 12.37
C GLU B 268 41.58 -9.08 11.54
N ARG B 269 42.04 -10.32 11.55
CA ARG B 269 41.38 -11.36 10.76
C ARG B 269 39.96 -11.61 11.25
N ILE B 270 39.76 -11.67 12.57
CA ILE B 270 38.46 -12.03 13.11
C ILE B 270 37.42 -10.95 12.80
N GLY B 271 37.77 -9.69 13.09
CA GLY B 271 36.81 -8.61 12.87
C GLY B 271 36.43 -8.47 11.41
N TYR B 272 37.40 -8.64 10.51
CA TYR B 272 37.12 -8.56 9.08
C TYR B 272 36.13 -9.65 8.66
N LYS B 273 36.36 -10.88 9.13
CA LYS B 273 35.46 -11.98 8.80
C LYS B 273 34.06 -11.74 9.36
N VAL B 274 33.97 -11.23 10.59
CA VAL B 274 32.65 -11.00 11.19
C VAL B 274 31.91 -9.88 10.47
N THR B 275 32.63 -8.83 10.06
CA THR B 275 31.97 -7.76 9.32
C THR B 275 31.47 -8.26 7.96
N LEU B 276 32.27 -9.08 7.27
CA LEU B 276 31.79 -9.69 6.03
C LEU B 276 30.58 -10.57 6.28
N LEU B 277 30.58 -11.33 7.37
CA LEU B 277 29.44 -12.17 7.71
C LEU B 277 28.20 -11.35 7.96
N LEU B 278 28.33 -10.23 8.67
CA LEU B 278 27.18 -9.36 8.92
C LEU B 278 26.64 -8.76 7.63
N SER B 279 27.55 -8.31 6.76
CA SER B 279 27.11 -7.77 5.47
C SER B 279 26.37 -8.81 4.66
N TYR B 280 26.90 -10.04 4.62
CA TYR B 280 26.22 -11.10 3.88
C TYR B 280 24.89 -11.48 4.52
N LEU B 281 24.80 -11.42 5.85
CA LEU B 281 23.53 -11.68 6.51
C LEU B 281 22.48 -10.65 6.10
N VAL B 282 22.86 -9.37 6.07
CA VAL B 282 21.94 -8.33 5.64
C VAL B 282 21.50 -8.57 4.20
N LEU B 283 22.47 -8.87 3.32
CA LEU B 283 22.16 -9.09 1.92
C LEU B 283 21.25 -10.31 1.72
N HIS B 284 21.52 -11.38 2.45
CA HIS B 284 20.70 -12.58 2.37
C HIS B 284 19.29 -12.34 2.85
N SER B 285 19.15 -11.60 3.96
CA SER B 285 17.81 -11.26 4.43
C SER B 285 17.06 -10.43 3.40
N SER B 286 17.74 -9.46 2.79
CA SER B 286 17.11 -8.66 1.74
C SER B 286 16.66 -9.53 0.57
N LEU B 287 17.52 -10.44 0.12
CA LEU B 287 17.17 -11.30 -1.00
C LEU B 287 15.96 -12.17 -0.68
N VAL B 288 15.99 -12.85 0.46
CA VAL B 288 14.90 -13.77 0.78
C VAL B 288 13.60 -13.00 1.01
N GLN B 289 13.67 -11.80 1.60
CA GLN B 289 12.48 -10.98 1.70
C GLN B 289 11.96 -10.53 0.34
N ALA B 290 12.86 -10.35 -0.62
CA ALA B 290 12.49 -9.91 -1.97
C ALA B 290 12.08 -11.05 -2.89
N LEU B 291 12.12 -12.30 -2.42
CA LEU B 291 11.77 -13.43 -3.27
C LEU B 291 10.64 -14.24 -2.64
N PRO B 292 9.67 -14.68 -3.43
CA PRO B 292 8.59 -15.50 -2.89
C PRO B 292 9.03 -16.93 -2.62
N SER B 293 8.25 -17.60 -1.78
CA SER B 293 8.48 -18.99 -1.44
C SER B 293 7.41 -19.86 -2.11
N SER B 294 7.86 -20.88 -2.83
CA SER B 294 6.95 -21.80 -3.50
C SER B 294 6.81 -23.07 -2.66
N SER B 295 5.66 -23.73 -2.82
CA SER B 295 5.42 -24.96 -2.08
C SER B 295 6.35 -26.07 -2.53
N SER B 296 6.62 -26.16 -3.84
CA SER B 296 7.36 -27.28 -4.40
C SER B 296 8.75 -26.88 -4.90
N CYS B 297 8.83 -25.91 -5.81
CA CYS B 297 10.11 -25.51 -6.40
C CYS B 297 10.41 -24.06 -6.06
N ASN B 298 11.11 -23.87 -4.95
CA ASN B 298 11.64 -22.56 -4.63
C ASN B 298 12.77 -22.22 -5.60
N PRO B 299 13.05 -20.93 -5.81
CA PRO B 299 14.15 -20.56 -6.71
C PRO B 299 15.48 -21.13 -6.22
N LEU B 300 16.30 -21.56 -7.19
CA LEU B 300 17.62 -22.05 -6.85
C LEU B 300 18.51 -20.96 -6.25
N LEU B 301 18.15 -19.70 -6.48
CA LEU B 301 18.97 -18.60 -5.99
C LEU B 301 19.00 -18.58 -4.46
N ILE B 302 17.86 -18.85 -3.82
CA ILE B 302 17.83 -18.83 -2.36
C ILE B 302 18.65 -19.98 -1.79
N TYR B 303 18.61 -21.15 -2.45
CA TYR B 303 19.44 -22.27 -1.99
C TYR B 303 20.92 -21.95 -2.15
N TYR B 304 21.28 -21.34 -3.28
CA TYR B 304 22.69 -20.99 -3.51
C TYR B 304 23.16 -19.97 -2.47
N PHE B 305 22.33 -18.96 -2.18
CA PHE B 305 22.71 -17.97 -1.18
C PHE B 305 22.77 -18.56 0.21
N THR B 306 21.88 -19.50 0.52
CA THR B 306 21.95 -20.17 1.82
C THR B 306 23.24 -20.99 1.95
N ILE B 307 23.63 -21.67 0.87
CA ILE B 307 24.87 -22.43 0.89
C ILE B 307 26.06 -21.50 1.08
N LEU B 308 26.06 -20.36 0.38
CA LEU B 308 27.16 -19.41 0.56
C LEU B 308 27.20 -18.84 1.97
N LEU B 309 26.03 -18.55 2.55
CA LEU B 309 25.98 -18.06 3.91
C LEU B 309 26.50 -19.10 4.89
N LEU B 310 26.14 -20.37 4.68
CA LEU B 310 26.65 -21.43 5.53
C LEU B 310 28.17 -21.56 5.38
N LEU B 311 28.68 -21.38 4.16
CA LEU B 311 30.13 -21.42 3.96
C LEU B 311 30.82 -20.28 4.69
N LEU B 312 30.23 -19.07 4.64
CA LEU B 312 30.81 -17.94 5.37
C LEU B 312 30.78 -18.17 6.87
N PHE B 313 29.66 -18.70 7.39
CA PHE B 313 29.59 -19.03 8.80
C PHE B 313 30.64 -20.07 9.18
N LEU B 314 30.82 -21.08 8.34
CA LEU B 314 31.82 -22.11 8.62
C LEU B 314 33.22 -21.51 8.64
N SER B 315 33.52 -20.63 7.68
CA SER B 315 34.83 -20.00 7.65
C SER B 315 35.07 -19.15 8.90
N THR B 316 34.07 -18.35 9.27
CA THR B 316 34.22 -17.50 10.46
C THR B 316 34.38 -18.34 11.72
N ILE B 317 33.58 -19.39 11.85
CA ILE B 317 33.65 -20.24 13.03
C ILE B 317 34.99 -20.95 13.11
N GLU B 318 35.49 -21.45 11.98
CA GLU B 318 36.81 -22.07 11.97
C GLU B 318 37.89 -21.08 12.35
N THR B 319 37.84 -19.87 11.80
CA THR B 319 38.83 -18.87 12.12
C THR B 319 38.83 -18.56 13.62
N VAL B 320 37.64 -18.35 14.18
CA VAL B 320 37.55 -18.02 15.60
C VAL B 320 38.03 -19.17 16.46
N LEU B 321 37.62 -20.41 16.12
CA LEU B 321 38.00 -21.57 16.91
C LEU B 321 39.51 -21.76 16.90
N LEU B 322 40.13 -21.66 15.72
CA LEU B 322 41.56 -21.89 15.63
C LEU B 322 42.35 -20.74 16.26
N ALA B 323 41.87 -19.51 16.14
CA ALA B 323 42.53 -18.40 16.83
C ALA B 323 42.47 -18.58 18.34
N GLY B 324 41.31 -19.00 18.85
CA GLY B 324 41.21 -19.26 20.28
C GLY B 324 42.11 -20.39 20.73
N LEU B 325 42.16 -21.47 19.96
CA LEU B 325 43.03 -22.60 20.32
C LEU B 325 44.50 -22.20 20.30
N LEU B 326 44.91 -21.43 19.29
CA LEU B 326 46.30 -20.97 19.22
C LEU B 326 46.63 -20.04 20.37
N ALA B 327 45.70 -19.14 20.72
CA ALA B 327 45.96 -18.19 21.79
C ALA B 327 46.05 -18.88 23.14
N ARG B 328 45.34 -19.98 23.32
CA ARG B 328 45.37 -20.72 24.58
C ARG B 328 46.74 -21.36 24.80
N ARG B 368 56.11 -23.71 13.55
CA ARG B 368 54.72 -23.71 13.12
C ARG B 368 53.88 -24.66 13.96
N SER B 369 53.02 -24.09 14.81
CA SER B 369 52.18 -24.90 15.67
C SER B 369 51.08 -25.58 14.87
N TRP B 370 50.45 -26.58 15.48
CA TRP B 370 49.38 -27.31 14.80
C TRP B 370 48.20 -26.45 14.39
N PRO B 371 47.73 -25.46 15.16
CA PRO B 371 46.61 -24.65 14.67
C PRO B 371 46.91 -23.90 13.39
N GLU B 372 48.15 -23.44 13.18
CA GLU B 372 48.47 -22.76 11.94
C GLU B 372 48.41 -23.70 10.74
N THR B 373 48.94 -24.92 10.91
CA THR B 373 48.86 -25.91 9.84
C THR B 373 47.40 -26.27 9.56
N ALA B 374 46.60 -26.43 10.61
CA ALA B 374 45.18 -26.70 10.42
C ALA B 374 44.49 -25.57 9.69
N ASP B 375 44.84 -24.32 10.01
CA ASP B 375 44.24 -23.18 9.32
C ASP B 375 44.63 -23.16 7.85
N ARG B 376 45.89 -23.47 7.53
CA ARG B 376 46.30 -23.49 6.13
C ARG B 376 45.57 -24.59 5.36
N ILE B 377 45.47 -25.79 5.96
CA ILE B 377 44.76 -26.88 5.32
C ILE B 377 43.30 -26.53 5.12
N PHE B 378 42.67 -25.91 6.14
CA PHE B 378 41.28 -25.50 6.01
C PHE B 378 41.12 -24.43 4.95
N PHE B 379 42.07 -23.52 4.81
CA PHE B 379 41.95 -22.51 3.77
C PHE B 379 41.99 -23.16 2.38
N LEU B 380 42.91 -24.11 2.18
CA LEU B 380 42.95 -24.81 0.90
C LEU B 380 41.65 -25.57 0.64
N VAL B 381 41.16 -26.29 1.66
CA VAL B 381 39.92 -27.04 1.51
C VAL B 381 38.75 -26.10 1.24
N TYR B 382 38.76 -24.93 1.87
CA TYR B 382 37.69 -23.96 1.70
C TYR B 382 37.69 -23.39 0.29
N VAL B 383 38.87 -23.08 -0.26
CA VAL B 383 38.94 -22.58 -1.63
C VAL B 383 38.45 -23.65 -2.59
N VAL B 384 38.91 -24.88 -2.40
CA VAL B 384 38.46 -25.97 -3.27
C VAL B 384 36.96 -26.16 -3.17
N GLY B 385 36.42 -26.08 -1.95
CA GLY B 385 34.99 -26.24 -1.76
C GLY B 385 34.18 -25.12 -2.38
N VAL B 386 34.69 -23.89 -2.32
CA VAL B 386 34.00 -22.77 -2.97
C VAL B 386 33.97 -22.96 -4.48
N LEU B 387 35.10 -23.36 -5.06
CA LEU B 387 35.13 -23.60 -6.50
C LEU B 387 34.18 -24.74 -6.88
N CYS B 388 34.19 -25.82 -6.09
CA CYS B 388 33.31 -26.95 -6.35
C CYS B 388 31.85 -26.55 -6.23
N THR B 389 31.53 -25.73 -5.23
CA THR B 389 30.16 -25.27 -5.05
C THR B 389 29.72 -24.41 -6.22
N GLN B 390 30.59 -23.52 -6.69
CA GLN B 390 30.23 -22.70 -7.85
C GLN B 390 29.99 -23.57 -9.08
N PHE B 391 30.86 -24.56 -9.31
CA PHE B 391 30.68 -25.44 -10.45
C PHE B 391 29.40 -26.26 -10.33
N VAL B 392 29.12 -26.76 -9.13
CA VAL B 392 27.91 -27.55 -8.91
C VAL B 392 26.66 -26.71 -9.13
N PHE B 393 26.67 -25.46 -8.64
CA PHE B 393 25.52 -24.59 -8.84
C PHE B 393 25.34 -24.27 -10.32
N ALA B 394 26.43 -24.04 -11.04
CA ALA B 394 26.33 -23.80 -12.48
C ALA B 394 25.75 -25.02 -13.20
N GLY B 395 26.20 -26.21 -12.81
CA GLY B 395 25.68 -27.41 -13.43
C GLY B 395 24.20 -27.63 -13.13
N ILE B 396 23.79 -27.36 -11.88
CA ILE B 396 22.39 -27.47 -11.53
C ILE B 396 21.55 -26.47 -12.32
N TRP B 397 22.04 -25.24 -12.45
CA TRP B 397 21.33 -24.25 -13.25
C TRP B 397 21.20 -24.69 -14.70
N MET B 398 22.27 -25.28 -15.25
CA MET B 398 22.22 -25.73 -16.63
C MET B 398 21.22 -26.87 -16.81
N TRP B 399 21.15 -27.79 -15.84
CA TRP B 399 20.29 -28.98 -15.94
C TRP B 399 19.39 -29.03 -14.71
N ALA B 400 18.24 -28.37 -14.78
CA ALA B 400 17.27 -28.40 -13.69
C ALA B 400 15.87 -28.51 -14.29
N ALA B 401 14.97 -29.15 -13.54
CA ALA B 401 13.60 -29.31 -13.98
C ALA B 401 12.71 -29.50 -12.76
N CYS B 402 11.42 -29.20 -12.94
CA CYS B 402 10.41 -29.40 -11.91
C CYS B 402 9.21 -30.12 -12.51
N LYS B 403 8.92 -31.31 -11.97
CA LYS B 403 7.65 -31.94 -12.28
C LYS B 403 6.48 -31.11 -11.77
N SER B 404 6.64 -30.55 -10.57
CA SER B 404 5.63 -29.70 -9.92
C SER B 404 4.35 -30.53 -9.78
N ASP B 405 3.17 -29.90 -9.87
CA ASP B 405 1.92 -30.62 -9.80
C ASP B 405 0.83 -29.74 -10.38
N ALA B 406 0.01 -30.31 -11.26
CA ALA B 406 -1.09 -29.55 -11.85
C ALA B 406 -2.11 -29.20 -10.77
N ALA B 407 -2.51 -27.93 -10.73
CA ALA B 407 -3.50 -27.51 -9.77
C ALA B 407 -4.86 -28.13 -10.10
N PRO B 408 -5.73 -28.29 -9.10
CA PRO B 408 -7.06 -28.86 -9.39
C PRO B 408 -7.83 -28.08 -10.44
N GLY B 409 -7.70 -26.75 -10.44
CA GLY B 409 -8.31 -25.97 -11.50
C GLY B 409 -7.66 -26.22 -12.85
N GLU B 410 -6.34 -26.36 -12.87
CA GLU B 410 -5.64 -26.64 -14.13
C GLU B 410 -5.91 -28.06 -14.61
N ALA B 411 -5.84 -29.03 -13.70
CA ALA B 411 -6.09 -30.42 -14.08
C ALA B 411 -7.53 -30.63 -14.53
N ALA B 412 -8.48 -30.01 -13.83
CA ALA B 412 -9.91 -30.14 -14.15
C ALA B 412 -10.47 -28.74 -14.33
N PRO B 413 -10.39 -28.18 -15.52
CA PRO B 413 -10.90 -26.82 -15.75
C PRO B 413 -12.41 -26.76 -15.55
N HIS B 414 -12.87 -25.59 -15.13
CA HIS B 414 -14.30 -25.40 -14.88
C HIS B 414 -15.10 -25.53 -16.17
N GLY B 415 -16.26 -26.15 -16.08
CA GLY B 415 -17.13 -26.31 -17.23
C GLY B 415 -16.58 -27.17 -18.34
N ARG B 416 -15.98 -28.32 -18.00
CA ARG B 416 -15.45 -29.25 -18.98
C ARG B 416 -16.42 -30.42 -19.18
N ARG B 417 -16.02 -31.35 -20.03
CA ARG B 417 -16.81 -32.54 -20.35
C ARG B 417 -18.21 -32.17 -20.86
N GLN C 55 -45.62 -7.39 -8.65
CA GLN C 55 -44.53 -7.42 -7.68
C GLN C 55 -44.39 -8.79 -7.04
N GLU C 56 -45.32 -9.69 -7.38
CA GLU C 56 -45.27 -11.04 -6.82
C GLU C 56 -44.09 -11.84 -7.34
N SER C 57 -43.52 -11.45 -8.48
CA SER C 57 -42.37 -12.17 -9.02
C SER C 57 -41.16 -12.03 -8.11
N ILE C 58 -40.98 -10.87 -7.50
CA ILE C 58 -39.84 -10.65 -6.61
C ILE C 58 -39.95 -11.51 -5.36
N GLN C 59 -41.16 -11.90 -4.97
CA GLN C 59 -41.35 -12.67 -3.75
C GLN C 59 -40.77 -14.07 -3.91
N ILE C 60 -40.34 -14.62 -2.78
CA ILE C 60 -39.71 -15.95 -2.76
C ILE C 60 -40.76 -17.00 -3.11
N PRO C 61 -40.42 -17.98 -3.95
CA PRO C 61 -41.40 -19.04 -4.27
C PRO C 61 -41.77 -19.84 -3.03
N ASN C 62 -43.00 -20.35 -3.02
CA ASN C 62 -43.52 -21.11 -1.90
C ASN C 62 -43.40 -22.60 -2.21
N ASN C 63 -42.64 -23.31 -1.40
CA ASN C 63 -42.51 -24.77 -1.51
C ASN C 63 -43.49 -25.45 -0.55
N GLY C 64 -44.77 -25.10 -0.71
CA GLY C 64 -45.79 -25.60 0.20
C GLY C 64 -45.50 -25.20 1.63
N SER C 65 -45.65 -26.17 2.54
CA SER C 65 -45.34 -25.92 3.94
C SER C 65 -43.83 -25.88 4.19
N ALA C 66 -43.08 -26.77 3.52
CA ALA C 66 -41.65 -26.84 3.73
C ALA C 66 -40.95 -25.62 3.13
N PRO C 67 -39.81 -25.24 3.69
CA PRO C 67 -39.07 -24.10 3.12
C PRO C 67 -38.51 -24.44 1.73
N LEU C 68 -38.34 -23.40 0.93
CA LEU C 68 -37.76 -23.57 -0.39
C LEU C 68 -36.33 -24.04 -0.29
N LEU C 69 -35.96 -25.00 -1.13
CA LEU C 69 -34.63 -25.58 -1.11
C LEU C 69 -33.80 -25.00 -2.24
N VAL C 70 -32.65 -24.44 -1.90
CA VAL C 70 -31.73 -23.86 -2.86
C VAL C 70 -30.43 -24.66 -2.81
N ASP C 71 -30.06 -25.26 -3.93
CA ASP C 71 -28.84 -26.04 -4.02
C ASP C 71 -27.70 -25.13 -4.47
N VAL C 72 -26.68 -25.01 -3.63
CA VAL C 72 -25.55 -24.13 -3.89
C VAL C 72 -24.32 -24.98 -4.14
N ARG C 73 -23.66 -24.72 -5.27
CA ARG C 73 -22.38 -25.34 -5.59
C ARG C 73 -21.31 -24.26 -5.58
N VAL C 74 -20.27 -24.47 -4.78
CA VAL C 74 -19.20 -23.49 -4.59
C VAL C 74 -17.93 -24.02 -5.23
N PHE C 75 -17.37 -23.27 -6.17
CA PHE C 75 -16.08 -23.58 -6.77
C PHE C 75 -15.07 -22.57 -6.26
N VAL C 76 -14.06 -23.04 -5.55
CA VAL C 76 -13.01 -22.18 -5.01
C VAL C 76 -11.93 -22.06 -6.07
N SER C 77 -11.94 -20.93 -6.80
CA SER C 77 -11.00 -20.76 -7.89
C SER C 77 -9.58 -20.55 -7.40
N ASN C 78 -9.41 -19.81 -6.32
CA ASN C 78 -8.07 -19.48 -5.85
C ASN C 78 -8.15 -18.89 -4.45
N VAL C 79 -7.07 -19.08 -3.69
CA VAL C 79 -6.88 -18.47 -2.37
C VAL C 79 -5.51 -17.80 -2.43
N PHE C 80 -5.48 -16.50 -2.72
CA PHE C 80 -4.25 -15.84 -3.13
C PHE C 80 -3.55 -15.10 -1.98
N ASN C 81 -4.23 -14.20 -1.29
CA ASN C 81 -3.60 -13.48 -0.18
C ASN C 81 -3.98 -14.14 1.15
N VAL C 82 -2.97 -14.54 1.91
CA VAL C 82 -3.14 -15.05 3.27
C VAL C 82 -2.23 -14.20 4.14
N ASP C 83 -2.79 -13.14 4.72
CA ASP C 83 -2.03 -12.18 5.51
C ASP C 83 -2.14 -12.54 6.99
N ILE C 84 -1.06 -13.10 7.53
CA ILE C 84 -1.06 -13.46 8.94
C ILE C 84 -1.10 -12.21 9.82
N LEU C 85 -0.44 -11.13 9.38
CA LEU C 85 -0.44 -9.90 10.16
C LEU C 85 -1.85 -9.33 10.30
N ARG C 86 -2.62 -9.35 9.22
CA ARG C 86 -3.99 -8.84 9.24
C ARG C 86 -5.01 -9.91 9.61
N TYR C 87 -4.58 -11.16 9.77
CA TYR C 87 -5.48 -12.27 10.12
C TYR C 87 -6.61 -12.41 9.11
N THR C 88 -6.31 -12.16 7.83
CA THR C 88 -7.31 -12.21 6.78
C THR C 88 -6.84 -13.14 5.67
N MET C 89 -7.80 -13.78 5.02
CA MET C 89 -7.55 -14.67 3.89
C MET C 89 -8.41 -14.23 2.72
N SER C 90 -7.79 -14.07 1.56
CA SER C 90 -8.49 -13.61 0.37
C SER C 90 -8.71 -14.79 -0.57
N SER C 91 -9.93 -14.91 -1.09
CA SER C 91 -10.29 -16.05 -1.92
C SER C 91 -11.19 -15.58 -3.06
N MET C 92 -11.33 -16.45 -4.05
CA MET C 92 -12.21 -16.24 -5.20
C MET C 92 -13.15 -17.42 -5.32
N LEU C 93 -14.45 -17.14 -5.44
CA LEU C 93 -15.46 -18.19 -5.43
C LEU C 93 -16.42 -18.00 -6.60
N LEU C 94 -16.95 -19.12 -7.06
CA LEU C 94 -18.06 -19.15 -8.01
C LEU C 94 -19.20 -19.91 -7.36
N LEU C 95 -20.34 -19.24 -7.18
CA LEU C 95 -21.52 -19.84 -6.58
C LEU C 95 -22.55 -20.09 -7.68
N ARG C 96 -22.96 -21.34 -7.81
CA ARG C 96 -24.06 -21.72 -8.70
C ARG C 96 -25.24 -22.10 -7.83
N LEU C 97 -26.27 -21.26 -7.83
CA LEU C 97 -27.46 -21.45 -7.01
C LEU C 97 -28.59 -21.91 -7.91
N SER C 98 -29.17 -23.06 -7.58
CA SER C 98 -30.27 -23.63 -8.36
C SER C 98 -31.48 -23.81 -7.46
N TRP C 99 -32.63 -23.35 -7.93
CA TRP C 99 -33.89 -23.58 -7.23
C TRP C 99 -34.99 -23.79 -8.26
N LEU C 100 -36.21 -23.96 -7.77
CA LEU C 100 -37.36 -24.19 -8.63
C LEU C 100 -38.38 -23.08 -8.43
N ASP C 101 -38.79 -22.46 -9.54
CA ASP C 101 -39.78 -21.38 -9.53
C ASP C 101 -40.85 -21.75 -10.56
N THR C 102 -41.91 -22.42 -10.10
CA THR C 102 -42.96 -22.86 -11.00
C THR C 102 -43.70 -21.69 -11.65
N ARG C 103 -43.65 -20.50 -11.04
CA ARG C 103 -44.31 -19.34 -11.62
C ARG C 103 -43.66 -18.89 -12.93
N LEU C 104 -42.40 -19.24 -13.15
CA LEU C 104 -41.70 -18.86 -14.38
C LEU C 104 -41.78 -19.91 -15.47
N ALA C 105 -42.41 -21.06 -15.21
CA ALA C 105 -42.53 -22.09 -16.22
C ALA C 105 -43.46 -21.63 -17.34
N TRP C 106 -43.10 -21.99 -18.57
CA TRP C 106 -43.89 -21.64 -19.75
C TRP C 106 -44.09 -22.86 -20.62
N ASN C 107 -45.21 -22.87 -21.34
CA ASN C 107 -45.48 -23.96 -22.27
C ASN C 107 -44.53 -23.89 -23.45
N THR C 108 -44.04 -25.06 -23.87
CA THR C 108 -43.11 -25.11 -25.00
C THR C 108 -43.77 -24.77 -26.32
N SER C 109 -45.09 -24.88 -26.41
CA SER C 109 -45.77 -24.55 -27.66
C SER C 109 -45.81 -23.05 -27.89
N ALA C 110 -46.12 -22.28 -26.85
CA ALA C 110 -46.16 -20.83 -27.00
C ALA C 110 -44.78 -20.25 -27.27
N HIS C 111 -43.77 -20.73 -26.55
CA HIS C 111 -42.40 -20.26 -26.69
C HIS C 111 -41.49 -21.42 -27.00
N PRO C 112 -40.74 -21.41 -28.12
CA PRO C 112 -39.90 -22.56 -28.46
C PRO C 112 -38.56 -22.58 -27.74
N ARG C 113 -38.21 -21.53 -27.00
CA ARG C 113 -36.93 -21.50 -26.31
C ARG C 113 -36.95 -22.46 -25.12
N HIS C 114 -35.91 -23.28 -25.00
CA HIS C 114 -35.79 -24.21 -23.89
C HIS C 114 -35.20 -23.56 -22.65
N ALA C 115 -34.63 -22.36 -22.77
CA ALA C 115 -34.08 -21.66 -21.62
C ALA C 115 -34.02 -20.17 -21.94
N ILE C 116 -34.29 -19.35 -20.93
CA ILE C 116 -34.28 -17.90 -21.08
C ILE C 116 -33.37 -17.30 -20.02
N THR C 117 -32.95 -16.06 -20.27
CA THR C 117 -32.12 -15.31 -19.35
C THR C 117 -32.88 -14.07 -18.89
N LEU C 118 -32.83 -13.81 -17.59
CA LEU C 118 -33.51 -12.67 -16.99
C LEU C 118 -32.51 -11.85 -16.19
N PRO C 119 -32.75 -10.55 -16.06
CA PRO C 119 -31.84 -9.71 -15.26
C PRO C 119 -31.92 -10.08 -13.78
N TRP C 120 -30.99 -9.49 -13.02
CA TRP C 120 -30.85 -9.82 -11.61
C TRP C 120 -32.10 -9.46 -10.82
N GLU C 121 -32.72 -8.33 -11.12
CA GLU C 121 -33.83 -7.81 -10.33
C GLU C 121 -35.20 -8.16 -10.90
N SER C 122 -35.26 -8.98 -11.95
CA SER C 122 -36.52 -9.33 -12.55
C SER C 122 -37.18 -10.54 -11.90
N LEU C 123 -36.50 -11.22 -10.99
CA LEU C 123 -37.04 -12.41 -10.34
C LEU C 123 -36.39 -12.53 -8.97
N TRP C 124 -36.98 -13.36 -8.13
CA TRP C 124 -36.43 -13.56 -6.79
C TRP C 124 -35.10 -14.28 -6.87
N THR C 125 -34.08 -13.70 -6.23
CA THR C 125 -32.77 -14.30 -6.14
C THR C 125 -32.30 -14.07 -4.71
N PRO C 126 -31.81 -15.10 -4.01
CA PRO C 126 -31.34 -14.90 -2.64
C PRO C 126 -30.18 -13.93 -2.58
N ARG C 127 -30.21 -13.05 -1.57
CA ARG C 127 -29.14 -12.08 -1.35
C ARG C 127 -28.20 -12.64 -0.31
N LEU C 128 -27.04 -13.13 -0.76
CA LEU C 128 -26.06 -13.73 0.13
C LEU C 128 -25.12 -12.66 0.67
N THR C 129 -24.88 -12.71 1.98
CA THR C 129 -23.96 -11.81 2.64
C THR C 129 -22.96 -12.62 3.44
N ILE C 130 -21.70 -12.20 3.42
CA ILE C 130 -20.63 -12.89 4.14
C ILE C 130 -20.28 -12.06 5.37
N LEU C 131 -20.42 -12.66 6.54
CA LEU C 131 -20.17 -11.91 7.78
C LEU C 131 -18.69 -11.68 8.01
N GLU C 132 -17.86 -12.68 7.76
CA GLU C 132 -16.44 -12.58 8.01
C GLU C 132 -15.69 -11.83 6.92
N ALA C 133 -16.34 -11.50 5.82
CA ALA C 133 -15.66 -10.90 4.68
C ALA C 133 -15.44 -9.41 4.91
N LEU C 134 -14.17 -9.00 4.93
CA LEU C 134 -13.85 -7.58 5.03
C LEU C 134 -14.43 -6.81 3.86
N TRP C 135 -14.26 -7.34 2.65
CA TRP C 135 -14.86 -6.77 1.46
C TRP C 135 -15.19 -7.90 0.49
N VAL C 136 -16.27 -7.69 -0.27
CA VAL C 136 -16.71 -8.61 -1.31
C VAL C 136 -16.83 -7.82 -2.60
N ASP C 137 -16.18 -8.31 -3.66
CA ASP C 137 -16.26 -7.70 -4.98
C ASP C 137 -16.94 -8.70 -5.91
N TRP C 138 -18.14 -8.36 -6.37
CA TRP C 138 -18.86 -9.21 -7.30
C TRP C 138 -18.42 -8.89 -8.73
N ARG C 139 -17.95 -9.90 -9.45
CA ARG C 139 -17.41 -9.72 -10.78
C ARG C 139 -18.49 -9.53 -11.85
N ASP C 140 -19.73 -9.28 -11.44
CA ASP C 140 -20.82 -9.02 -12.39
C ASP C 140 -21.84 -8.13 -11.69
N GLN C 141 -21.80 -6.83 -11.99
CA GLN C 141 -22.73 -5.89 -11.37
C GLN C 141 -24.17 -6.13 -11.79
N SER C 142 -24.40 -6.73 -12.95
CA SER C 142 -25.74 -7.04 -13.45
C SER C 142 -25.79 -8.50 -13.85
N PRO C 143 -25.83 -9.41 -12.87
CA PRO C 143 -25.90 -10.84 -13.19
C PRO C 143 -27.23 -11.21 -13.81
N GLN C 144 -27.21 -12.26 -14.61
CA GLN C 144 -28.40 -12.75 -15.29
C GLN C 144 -28.69 -14.18 -14.83
N ALA C 145 -29.92 -14.41 -14.39
CA ALA C 145 -30.36 -15.74 -14.00
C ALA C 145 -30.89 -16.48 -15.22
N ARG C 146 -30.75 -17.81 -15.21
CA ARG C 146 -31.19 -18.65 -16.30
C ARG C 146 -32.35 -19.52 -15.85
N VAL C 147 -33.45 -19.49 -16.59
CA VAL C 147 -34.67 -20.20 -16.26
C VAL C 147 -34.99 -21.19 -17.36
N ASP C 148 -35.21 -22.44 -17.00
CA ASP C 148 -35.60 -23.46 -17.95
C ASP C 148 -37.10 -23.44 -18.17
N GLN C 149 -37.57 -24.26 -19.12
CA GLN C 149 -38.99 -24.34 -19.39
C GLN C 149 -39.77 -24.96 -18.25
N ASP C 150 -39.12 -25.76 -17.41
CA ASP C 150 -39.77 -26.40 -16.28
C ASP C 150 -39.79 -25.51 -15.03
N GLY C 151 -39.19 -24.32 -15.10
CA GLY C 151 -39.16 -23.41 -13.98
C GLY C 151 -37.88 -23.43 -13.17
N HIS C 152 -36.96 -24.35 -13.47
CA HIS C 152 -35.70 -24.39 -12.75
C HIS C 152 -34.88 -23.14 -13.05
N VAL C 153 -34.37 -22.50 -12.00
CA VAL C 153 -33.60 -21.27 -12.11
C VAL C 153 -32.19 -21.55 -11.62
N LYS C 154 -31.20 -21.19 -12.43
CA LYS C 154 -29.79 -21.30 -12.09
C LYS C 154 -29.15 -19.93 -12.19
N LEU C 155 -28.40 -19.55 -11.16
CA LEU C 155 -27.74 -18.25 -11.09
C LEU C 155 -26.27 -18.46 -10.76
N ASN C 156 -25.39 -17.87 -11.55
CA ASN C 156 -23.95 -17.98 -11.36
C ASN C 156 -23.39 -16.63 -10.91
N LEU C 157 -22.67 -16.64 -9.80
CA LEU C 157 -22.11 -15.42 -9.23
C LEU C 157 -20.63 -15.64 -8.93
N ALA C 158 -19.77 -14.83 -9.52
CA ALA C 158 -18.34 -14.88 -9.26
C ALA C 158 -17.98 -13.72 -8.34
N LEU C 159 -17.33 -14.03 -7.22
CA LEU C 159 -17.03 -13.03 -6.21
C LEU C 159 -15.66 -13.25 -5.62
N ALA C 160 -14.92 -12.16 -5.44
CA ALA C 160 -13.63 -12.18 -4.75
C ALA C 160 -13.81 -11.54 -3.39
N THR C 161 -13.49 -12.27 -2.34
CA THR C 161 -13.73 -11.82 -0.98
C THR C 161 -12.45 -11.81 -0.17
N GLU C 162 -12.41 -10.97 0.86
CA GLU C 162 -11.34 -11.00 1.86
C GLU C 162 -11.98 -11.29 3.20
N THR C 163 -12.00 -12.56 3.59
CA THR C 163 -12.65 -12.97 4.81
C THR C 163 -11.67 -13.01 5.97
N ASN C 164 -12.22 -13.19 7.17
CA ASN C 164 -11.45 -13.25 8.40
C ASN C 164 -11.16 -14.69 8.76
N CYS C 165 -9.89 -15.00 8.97
CA CYS C 165 -9.47 -16.34 9.38
C CYS C 165 -8.67 -16.24 10.67
N ASN C 166 -9.02 -17.08 11.64
CA ASN C 166 -8.33 -17.11 12.93
C ASN C 166 -7.20 -18.12 12.83
N PHE C 167 -6.04 -17.65 12.38
CA PHE C 167 -4.88 -18.54 12.22
C PHE C 167 -4.36 -18.98 13.58
N GLU C 168 -4.03 -20.27 13.67
CA GLU C 168 -3.40 -20.83 14.86
C GLU C 168 -1.89 -20.76 14.67
N LEU C 169 -1.34 -19.58 14.95
CA LEU C 169 0.06 -19.27 14.69
C LEU C 169 0.99 -19.76 15.79
N LEU C 170 0.55 -20.68 16.64
CA LEU C 170 1.41 -21.16 17.71
C LEU C 170 2.65 -21.86 17.15
N HIS C 171 2.48 -22.65 16.10
CA HIS C 171 3.57 -23.43 15.51
C HIS C 171 4.08 -22.83 14.22
N PHE C 172 4.11 -21.50 14.12
CA PHE C 172 4.64 -20.84 12.95
C PHE C 172 6.11 -21.22 12.77
N PRO C 173 6.57 -21.46 11.53
CA PRO C 173 5.84 -21.34 10.26
C PRO C 173 5.17 -22.62 9.77
N ARG C 174 4.97 -23.61 10.63
CA ARG C 174 4.26 -24.84 10.27
C ARG C 174 2.97 -24.89 11.08
N ASP C 175 1.94 -24.23 10.58
CA ASP C 175 0.69 -24.07 11.30
C ASP C 175 -0.48 -24.45 10.42
N HIS C 176 -1.49 -25.05 11.04
CA HIS C 176 -2.72 -25.44 10.35
C HIS C 176 -3.87 -24.59 10.88
N SER C 177 -4.59 -23.95 9.98
CA SER C 177 -5.65 -23.01 10.35
C SER C 177 -6.94 -23.42 9.65
N ASN C 178 -8.06 -23.02 10.25
CA ASN C 178 -9.37 -23.24 9.68
C ASN C 178 -9.98 -21.89 9.31
N CYS C 179 -10.33 -21.73 8.04
CA CYS C 179 -10.98 -20.51 7.56
C CYS C 179 -12.40 -20.83 7.15
N SER C 180 -13.35 -20.09 7.69
CA SER C 180 -14.76 -20.31 7.44
C SER C 180 -15.35 -19.11 6.71
N LEU C 181 -16.02 -19.38 5.59
CA LEU C 181 -16.75 -18.37 4.83
C LEU C 181 -18.23 -18.69 4.97
N SER C 182 -18.96 -17.85 5.70
CA SER C 182 -20.37 -18.09 5.99
C SER C 182 -21.22 -17.18 5.13
N PHE C 183 -22.11 -17.76 4.33
CA PHE C 183 -23.05 -17.02 3.51
C PHE C 183 -24.41 -17.08 4.19
N TYR C 184 -24.99 -15.90 4.45
CA TYR C 184 -26.26 -15.76 5.13
C TYR C 184 -27.27 -15.11 4.19
N ALA C 185 -28.52 -15.56 4.27
CA ALA C 185 -29.61 -14.88 3.59
C ALA C 185 -30.37 -14.08 4.65
N LEU C 186 -29.86 -12.87 4.91
CA LEU C 186 -30.37 -12.07 6.02
C LEU C 186 -31.83 -11.69 5.82
N SER C 187 -32.21 -11.35 4.58
CA SER C 187 -33.57 -10.92 4.32
C SER C 187 -34.59 -12.05 4.44
N ASN C 188 -34.15 -13.30 4.57
CA ASN C 188 -35.05 -14.44 4.62
C ASN C 188 -34.93 -15.15 5.96
N THR C 189 -35.87 -16.06 6.20
CA THR C 189 -35.89 -16.88 7.40
C THR C 189 -35.79 -18.35 7.02
N ALA C 190 -35.39 -19.16 7.99
CA ALA C 190 -35.22 -20.59 7.75
C ALA C 190 -36.53 -21.28 7.41
N MET C 191 -37.66 -20.71 7.86
CA MET C 191 -38.95 -21.28 7.52
C MET C 191 -39.31 -21.11 6.06
N GLU C 192 -38.61 -20.23 5.33
CA GLU C 192 -38.87 -20.00 3.92
C GLU C 192 -37.74 -20.45 3.01
N LEU C 193 -36.50 -20.34 3.45
CA LEU C 193 -35.34 -20.66 2.64
C LEU C 193 -34.49 -21.73 3.30
N GLU C 194 -34.04 -22.69 2.51
CA GLU C 194 -33.16 -23.75 2.96
C GLU C 194 -32.03 -23.91 1.97
N PHE C 195 -30.82 -24.16 2.46
CA PHE C 195 -29.63 -24.24 1.64
C PHE C 195 -29.06 -25.65 1.63
N GLN C 196 -28.57 -26.06 0.47
CA GLN C 196 -27.87 -27.33 0.30
C GLN C 196 -26.57 -27.03 -0.42
N ALA C 197 -25.46 -27.05 0.31
CA ALA C 197 -24.19 -26.56 -0.19
C ALA C 197 -23.24 -27.71 -0.51
N HIS C 198 -22.56 -27.59 -1.65
CA HIS C 198 -21.48 -28.48 -2.04
C HIS C 198 -20.29 -27.64 -2.50
N VAL C 199 -19.10 -28.16 -2.26
CA VAL C 199 -17.87 -27.46 -2.63
C VAL C 199 -17.08 -28.31 -3.61
N VAL C 200 -16.54 -27.66 -4.63
CA VAL C 200 -15.69 -28.29 -5.63
C VAL C 200 -14.33 -27.62 -5.58
N ASN C 201 -13.29 -28.42 -5.42
CA ASN C 201 -11.92 -27.90 -5.35
C ASN C 201 -11.43 -27.62 -6.77
N GLU C 202 -11.52 -26.36 -7.19
CA GLU C 202 -11.06 -25.93 -8.50
C GLU C 202 -9.98 -24.87 -8.36
N ILE C 203 -9.12 -25.02 -7.35
CA ILE C 203 -8.08 -24.03 -7.11
C ILE C 203 -7.06 -24.08 -8.23
N VAL C 204 -6.71 -22.90 -8.76
CA VAL C 204 -5.84 -22.81 -9.91
C VAL C 204 -4.38 -22.56 -9.54
N SER C 205 -4.10 -22.12 -8.31
CA SER C 205 -2.74 -21.87 -7.85
C SER C 205 -2.37 -22.90 -6.78
N VAL C 206 -1.23 -23.56 -7.00
CA VAL C 206 -0.76 -24.57 -6.06
C VAL C 206 0.63 -24.26 -5.50
N LYS C 207 1.41 -23.39 -6.14
CA LYS C 207 2.78 -23.10 -5.71
C LYS C 207 2.87 -21.90 -4.79
N ARG C 208 1.82 -21.61 -4.04
CA ARG C 208 1.85 -20.51 -3.09
C ARG C 208 2.33 -21.00 -1.72
N GLU C 209 2.59 -20.04 -0.83
CA GLU C 209 3.08 -20.37 0.50
C GLU C 209 2.06 -21.19 1.28
N TYR C 210 0.79 -20.81 1.20
CA TYR C 210 -0.28 -21.48 1.92
C TYR C 210 -1.07 -22.36 0.95
N VAL C 211 -1.28 -23.61 1.34
CA VAL C 211 -1.93 -24.61 0.49
C VAL C 211 -3.21 -25.06 1.16
N VAL C 212 -4.31 -25.00 0.41
CA VAL C 212 -5.60 -25.50 0.88
C VAL C 212 -5.68 -26.98 0.56
N TYR C 213 -5.86 -27.81 1.59
CA TYR C 213 -5.90 -29.25 1.40
C TYR C 213 -7.21 -29.91 1.77
N ASP C 214 -8.06 -29.25 2.56
CA ASP C 214 -9.35 -29.81 2.95
C ASP C 214 -10.42 -28.74 2.77
N LEU C 215 -11.52 -29.11 2.10
CA LEU C 215 -12.65 -28.23 1.89
C LEU C 215 -13.94 -28.96 2.21
N LYS C 216 -14.83 -28.29 2.92
CA LYS C 216 -16.11 -28.88 3.30
C LYS C 216 -17.15 -27.77 3.32
N THR C 217 -18.42 -28.18 3.22
CA THR C 217 -19.54 -27.27 3.39
C THR C 217 -20.49 -27.83 4.43
N GLN C 218 -21.09 -26.95 5.21
CA GLN C 218 -22.03 -27.39 6.23
C GLN C 218 -23.07 -26.32 6.48
N VAL C 219 -24.29 -26.77 6.74
CA VAL C 219 -25.42 -25.90 7.08
C VAL C 219 -25.66 -26.04 8.58
N PRO C 220 -25.31 -25.06 9.40
CA PRO C 220 -25.47 -25.19 10.85
C PRO C 220 -26.92 -25.39 11.22
N PRO C 221 -27.19 -26.23 12.22
CA PRO C 221 -28.58 -26.45 12.65
C PRO C 221 -29.03 -25.37 13.62
N GLN C 222 -30.34 -25.40 13.92
CA GLN C 222 -30.96 -24.45 14.84
C GLN C 222 -30.67 -23.01 14.42
N GLN C 223 -30.81 -22.73 13.13
CA GLN C 223 -30.55 -21.41 12.58
C GLN C 223 -31.86 -20.72 12.27
N LEU C 224 -31.97 -19.45 12.66
CA LEU C 224 -33.12 -18.65 12.27
C LEU C 224 -32.94 -18.05 10.89
N VAL C 225 -31.77 -17.46 10.64
CA VAL C 225 -31.42 -16.93 9.33
C VAL C 225 -30.76 -18.04 8.53
N PRO C 226 -31.29 -18.40 7.35
CA PRO C 226 -30.70 -19.49 6.58
C PRO C 226 -29.28 -19.13 6.14
N CYS C 227 -28.37 -20.07 6.34
CA CYS C 227 -26.96 -19.81 6.04
C CYS C 227 -26.27 -21.14 5.75
N PHE C 228 -25.13 -21.04 5.08
CA PHE C 228 -24.26 -22.18 4.83
C PHE C 228 -22.82 -21.70 4.87
N GLN C 229 -21.95 -22.50 5.46
CA GLN C 229 -20.55 -22.09 5.61
C GLN C 229 -19.62 -23.10 4.96
N VAL C 230 -18.63 -22.57 4.24
CA VAL C 230 -17.57 -23.34 3.63
C VAL C 230 -16.35 -23.25 4.52
N THR C 231 -15.87 -24.40 4.99
CA THR C 231 -14.70 -24.47 5.86
C THR C 231 -13.53 -25.06 5.07
N LEU C 232 -12.42 -24.35 5.06
CA LEU C 232 -11.22 -24.80 4.39
C LEU C 232 -10.05 -24.82 5.37
N ARG C 233 -9.14 -25.76 5.14
CA ARG C 233 -7.97 -25.94 6.00
C ARG C 233 -6.74 -25.44 5.28
N LEU C 234 -6.01 -24.52 5.91
CA LEU C 234 -4.85 -23.89 5.34
C LEU C 234 -3.60 -24.35 6.06
N LYS C 235 -2.61 -24.82 5.31
CA LYS C 235 -1.33 -25.20 5.87
C LYS C 235 -0.22 -24.36 5.23
N ASN C 236 0.80 -24.07 6.01
CA ASN C 236 1.92 -23.25 5.56
C ASN C 236 3.07 -24.16 5.14
N THR C 237 3.50 -24.04 3.90
CA THR C 237 4.62 -24.81 3.36
C THR C 237 5.73 -23.91 2.86
N ALA C 238 5.87 -22.72 3.45
CA ALA C 238 6.84 -21.74 3.00
C ALA C 238 8.17 -21.95 3.71
N LEU C 239 9.23 -22.09 2.92
CA LEU C 239 10.59 -22.17 3.45
C LEU C 239 11.25 -20.80 3.55
N LYS C 240 10.55 -19.73 3.17
CA LYS C 240 11.15 -18.40 3.21
C LYS C 240 11.52 -17.99 4.63
N SER C 241 10.60 -18.20 5.57
CA SER C 241 10.85 -17.79 6.94
C SER C 241 12.00 -18.58 7.55
N ILE C 242 12.01 -19.90 7.36
CA ILE C 242 13.06 -20.73 7.94
C ILE C 242 14.42 -20.32 7.41
N ILE C 243 14.58 -20.35 6.08
CA ILE C 243 15.87 -20.01 5.48
C ILE C 243 16.28 -18.59 5.84
N ALA C 244 15.32 -17.66 5.88
CA ALA C 244 15.66 -16.26 6.11
C ALA C 244 16.12 -16.02 7.55
N LEU C 245 15.48 -16.66 8.53
CA LEU C 245 15.69 -16.27 9.92
C LEU C 245 16.13 -17.38 10.86
N LEU C 246 15.65 -18.61 10.71
CA LEU C 246 15.98 -19.64 11.68
C LEU C 246 17.39 -20.17 11.50
N VAL C 247 17.76 -20.48 10.25
CA VAL C 247 19.13 -20.94 9.98
C VAL C 247 20.16 -19.86 10.36
N PRO C 248 20.02 -18.59 9.95
CA PRO C 248 20.98 -17.59 10.42
C PRO C 248 21.01 -17.43 11.93
N ALA C 249 19.86 -17.55 12.60
CA ALA C 249 19.86 -17.41 14.06
C ALA C 249 20.63 -18.54 14.73
N GLU C 250 20.39 -19.77 14.30
CA GLU C 250 21.15 -20.90 14.84
C GLU C 250 22.63 -20.77 14.52
N ALA C 251 22.95 -20.29 13.30
CA ALA C 251 24.34 -20.09 12.94
C ALA C 251 25.01 -19.05 13.84
N LEU C 252 24.31 -17.95 14.12
CA LEU C 252 24.85 -16.92 15.01
C LEU C 252 25.03 -17.46 16.42
N LEU C 253 24.07 -18.25 16.90
CA LEU C 253 24.19 -18.83 18.23
C LEU C 253 25.40 -19.75 18.32
N LEU C 254 25.58 -20.62 17.31
CA LEU C 254 26.73 -21.51 17.30
C LEU C 254 28.04 -20.72 17.18
N ALA C 255 28.03 -19.64 16.40
CA ALA C 255 29.22 -18.80 16.29
C ALA C 255 29.56 -18.17 17.62
N ASP C 256 28.56 -17.70 18.37
CA ASP C 256 28.83 -17.13 19.68
C ASP C 256 29.36 -18.19 20.64
N VAL C 257 28.80 -19.40 20.60
CA VAL C 257 29.30 -20.48 21.44
C VAL C 257 30.75 -20.78 21.12
N CYS C 258 31.09 -20.84 19.83
CA CYS C 258 32.47 -21.08 19.43
C CYS C 258 33.38 -19.93 19.85
N GLY C 259 32.91 -18.69 19.73
CA GLY C 259 33.69 -17.54 20.14
C GLY C 259 33.90 -17.44 21.63
N GLY C 260 33.07 -18.15 22.41
CA GLY C 260 33.33 -18.25 23.84
C GLY C 260 34.68 -18.84 24.18
N LEU C 261 35.28 -19.62 23.28
CA LEU C 261 36.59 -20.19 23.51
C LEU C 261 37.73 -19.19 23.36
N LEU C 262 37.47 -17.99 22.86
CA LEU C 262 38.52 -16.99 22.79
C LEU C 262 38.98 -16.62 24.19
N PRO C 263 40.28 -16.40 24.38
CA PRO C 263 40.78 -16.07 25.72
C PRO C 263 40.23 -14.75 26.20
N LEU C 264 40.10 -14.63 27.53
CA LEU C 264 39.55 -13.43 28.12
C LEU C 264 40.42 -12.21 27.84
N ARG C 265 41.73 -12.39 27.77
CA ARG C 265 42.65 -11.28 27.54
C ARG C 265 42.70 -10.85 26.08
N ALA C 266 42.06 -11.59 25.17
CA ALA C 266 42.05 -11.21 23.77
C ALA C 266 41.10 -10.04 23.56
N ILE C 267 41.63 -8.95 22.99
CA ILE C 267 40.81 -7.77 22.73
C ILE C 267 39.79 -8.06 21.64
N GLU C 268 40.12 -8.94 20.69
CA GLU C 268 39.22 -9.26 19.61
C GLU C 268 37.97 -9.99 20.07
N ARG C 269 37.99 -10.57 21.27
CA ARG C 269 36.82 -11.29 21.76
C ARG C 269 35.63 -10.37 21.93
N ILE C 270 35.85 -9.18 22.50
CA ILE C 270 34.73 -8.29 22.81
C ILE C 270 34.05 -7.79 21.54
N GLY C 271 34.85 -7.29 20.59
CA GLY C 271 34.27 -6.75 19.37
C GLY C 271 33.51 -7.80 18.58
N TYR C 272 34.04 -9.02 18.53
CA TYR C 272 33.37 -10.11 17.82
C TYR C 272 32.01 -10.41 18.46
N LYS C 273 31.97 -10.48 19.78
CA LYS C 273 30.72 -10.74 20.48
C LYS C 273 29.71 -9.61 20.25
N VAL C 274 30.18 -8.36 20.28
CA VAL C 274 29.26 -7.24 20.10
C VAL C 274 28.72 -7.19 18.67
N THR C 275 29.57 -7.52 17.69
CA THR C 275 29.09 -7.55 16.32
C THR C 275 28.06 -8.66 16.12
N LEU C 276 28.29 -9.84 16.71
CA LEU C 276 27.29 -10.90 16.66
C LEU C 276 26.00 -10.45 17.33
N LEU C 277 26.11 -9.76 18.46
CA LEU C 277 24.92 -9.27 19.17
C LEU C 277 24.15 -8.28 18.32
N LEU C 278 24.85 -7.38 17.62
CA LEU C 278 24.16 -6.42 16.75
C LEU C 278 23.47 -7.13 15.59
N SER C 279 24.15 -8.10 14.99
CA SER C 279 23.53 -8.85 13.89
C SER C 279 22.28 -9.57 14.37
N TYR C 280 22.35 -10.20 15.56
CA TYR C 280 21.18 -10.90 16.07
C TYR C 280 20.07 -9.92 16.45
N LEU C 281 20.43 -8.72 16.92
CA LEU C 281 19.41 -7.72 17.20
C LEU C 281 18.67 -7.32 15.93
N VAL C 282 19.41 -7.10 14.85
CA VAL C 282 18.77 -6.75 13.58
C VAL C 282 17.86 -7.89 13.12
N LEU C 283 18.35 -9.12 13.21
CA LEU C 283 17.57 -10.28 12.76
C LEU C 283 16.31 -10.45 13.62
N HIS C 284 16.44 -10.28 14.93
CA HIS C 284 15.30 -10.40 15.83
C HIS C 284 14.26 -9.32 15.55
N SER C 285 14.71 -8.08 15.33
CA SER C 285 13.77 -7.02 14.99
C SER C 285 13.04 -7.34 13.70
N SER C 286 13.76 -7.84 12.69
CA SER C 286 13.12 -8.22 11.44
C SER C 286 12.08 -9.31 11.65
N LEU C 287 12.42 -10.34 12.44
CA LEU C 287 11.48 -11.42 12.69
C LEU C 287 10.22 -10.93 13.38
N VAL C 288 10.40 -10.17 14.47
CA VAL C 288 9.22 -9.74 15.23
C VAL C 288 8.38 -8.77 14.41
N GLN C 289 9.01 -7.93 13.60
CA GLN C 289 8.24 -7.08 12.69
C GLN C 289 7.48 -7.90 11.65
N ALA C 290 8.04 -9.05 11.25
CA ALA C 290 7.43 -9.90 10.23
C ALA C 290 6.41 -10.87 10.81
N LEU C 291 6.20 -10.88 12.13
CA LEU C 291 5.27 -11.81 12.73
C LEU C 291 4.20 -11.07 13.52
N PRO C 292 2.94 -11.50 13.43
CA PRO C 292 1.89 -10.83 14.19
C PRO C 292 1.91 -11.24 15.65
N SER C 293 1.26 -10.41 16.47
CA SER C 293 1.12 -10.65 17.90
C SER C 293 -0.30 -11.06 18.20
N SER C 294 -0.46 -12.17 18.90
CA SER C 294 -1.77 -12.66 19.30
C SER C 294 -2.04 -12.28 20.75
N SER C 295 -3.32 -12.14 21.08
CA SER C 295 -3.70 -11.80 22.45
C SER C 295 -3.35 -12.92 23.41
N SER C 296 -3.56 -14.18 23.00
CA SER C 296 -3.42 -15.31 23.90
C SER C 296 -2.21 -16.18 23.59
N CYS C 297 -2.11 -16.69 22.36
CA CYS C 297 -1.03 -17.61 21.98
C CYS C 297 -0.19 -16.98 20.87
N ASN C 298 0.85 -16.25 21.27
CA ASN C 298 1.83 -15.79 20.32
C ASN C 298 2.65 -16.98 19.82
N PRO C 299 3.24 -16.86 18.64
CA PRO C 299 4.06 -17.97 18.12
C PRO C 299 5.22 -18.28 19.07
N LEU C 300 5.52 -19.57 19.18
CA LEU C 300 6.66 -19.99 20.00
C LEU C 300 7.98 -19.50 19.43
N LEU C 301 7.99 -19.15 18.13
CA LEU C 301 9.22 -18.72 17.50
C LEU C 301 9.73 -17.42 18.11
N ILE C 302 8.84 -16.48 18.41
CA ILE C 302 9.27 -15.22 18.99
C ILE C 302 9.81 -15.43 20.39
N TYR C 303 9.20 -16.33 21.16
CA TYR C 303 9.73 -16.63 22.50
C TYR C 303 11.11 -17.27 22.40
N TYR C 304 11.28 -18.20 21.46
CA TYR C 304 12.58 -18.87 21.29
C TYR C 304 13.65 -17.86 20.88
N PHE C 305 13.31 -16.94 19.96
CA PHE C 305 14.28 -15.94 19.54
C PHE C 305 14.58 -14.95 20.66
N THR C 306 13.59 -14.61 21.47
CA THR C 306 13.84 -13.75 22.62
C THR C 306 14.77 -14.42 23.62
N ILE C 307 14.57 -15.72 23.86
CA ILE C 307 15.45 -16.45 24.77
C ILE C 307 16.87 -16.48 24.22
N LEU C 308 17.01 -16.72 22.91
CA LEU C 308 18.35 -16.73 22.32
C LEU C 308 19.01 -15.35 22.40
N LEU C 309 18.23 -14.29 22.17
CA LEU C 309 18.77 -12.94 22.28
C LEU C 309 19.21 -12.65 23.70
N LEU C 310 18.42 -13.08 24.69
CA LEU C 310 18.82 -12.89 26.08
C LEU C 310 20.09 -13.68 26.40
N LEU C 311 20.21 -14.87 25.83
CA LEU C 311 21.44 -15.66 26.03
C LEU C 311 22.65 -14.94 25.42
N LEU C 312 22.48 -14.38 24.22
CA LEU C 312 23.59 -13.64 23.61
C LEU C 312 23.96 -12.41 24.43
N PHE C 313 22.96 -11.68 24.91
CA PHE C 313 23.23 -10.53 25.78
C PHE C 313 23.96 -10.97 27.04
N LEU C 314 23.54 -12.08 27.65
CA LEU C 314 24.19 -12.57 28.85
C LEU C 314 25.64 -12.94 28.57
N SER C 315 25.89 -13.60 27.44
CA SER C 315 27.26 -13.97 27.08
C SER C 315 28.13 -12.74 26.88
N THR C 316 27.61 -11.75 26.13
CA THR C 316 28.37 -10.54 25.89
C THR C 316 28.65 -9.78 27.18
N ILE C 317 27.64 -9.67 28.04
CA ILE C 317 27.80 -8.95 29.30
C ILE C 317 28.81 -9.65 30.20
N GLU C 318 28.74 -10.98 30.27
CA GLU C 318 29.72 -11.74 31.06
C GLU C 318 31.12 -11.54 30.51
N THR C 319 31.28 -11.61 29.19
CA THR C 319 32.60 -11.43 28.59
C THR C 319 33.15 -10.06 28.93
N VAL C 320 32.34 -9.02 28.77
CA VAL C 320 32.80 -7.66 29.04
C VAL C 320 33.13 -7.49 30.52
N LEU C 321 32.28 -7.99 31.40
CA LEU C 321 32.49 -7.84 32.83
C LEU C 321 33.78 -8.52 33.26
N LEU C 322 34.00 -9.75 32.79
CA LEU C 322 35.18 -10.49 33.21
C LEU C 322 36.45 -9.92 32.58
N ALA C 323 36.37 -9.44 31.34
CA ALA C 323 37.53 -8.77 30.75
C ALA C 323 37.89 -7.51 31.52
N GLY C 324 36.88 -6.73 31.90
CA GLY C 324 37.15 -5.55 32.70
C GLY C 324 37.75 -5.88 34.05
N LEU C 325 37.20 -6.90 34.72
CA LEU C 325 37.74 -7.29 36.02
C LEU C 325 39.18 -7.79 35.91
N LEU C 326 39.47 -8.60 34.88
CA LEU C 326 40.83 -9.07 34.69
C LEU C 326 41.79 -7.93 34.38
N ALA C 327 41.35 -6.98 33.55
CA ALA C 327 42.22 -5.86 33.19
C ALA C 327 42.51 -4.96 34.38
N ARG C 328 41.57 -4.85 35.32
CA ARG C 328 41.77 -4.01 36.49
C ARG C 328 42.85 -4.59 37.40
N ARG C 368 46.98 -18.82 36.51
CA ARG C 368 45.60 -18.61 36.09
C ARG C 368 44.81 -17.84 37.15
N SER C 369 44.49 -16.59 36.84
CA SER C 369 43.75 -15.75 37.77
C SER C 369 42.29 -16.21 37.86
N TRP C 370 41.61 -15.73 38.89
CA TRP C 370 40.21 -16.10 39.09
C TRP C 370 39.29 -15.70 37.93
N PRO C 371 39.42 -14.53 37.29
CA PRO C 371 38.52 -14.24 36.17
C PRO C 371 38.63 -15.24 35.02
N GLU C 372 39.82 -15.77 34.75
CA GLU C 372 39.93 -16.75 33.67
C GLU C 372 39.21 -18.05 34.03
N THR C 373 39.35 -18.51 35.27
CA THR C 373 38.63 -19.69 35.71
C THR C 373 37.12 -19.46 35.67
N ALA C 374 36.69 -18.27 36.08
CA ALA C 374 35.26 -17.94 36.02
C ALA C 374 34.78 -17.93 34.58
N ASP C 375 35.59 -17.41 33.66
CA ASP C 375 35.20 -17.40 32.25
C ASP C 375 35.09 -18.81 31.69
N ARG C 376 36.02 -19.69 32.05
CA ARG C 376 35.94 -21.07 31.58
C ARG C 376 34.70 -21.78 32.12
N ILE C 377 34.42 -21.60 33.41
CA ILE C 377 33.24 -22.19 34.02
C ILE C 377 31.98 -21.65 33.36
N PHE C 378 31.93 -20.34 33.12
CA PHE C 378 30.78 -19.74 32.46
C PHE C 378 30.63 -20.26 31.04
N PHE C 379 31.73 -20.48 30.32
CA PHE C 379 31.62 -21.02 28.97
C PHE C 379 31.01 -22.41 28.99
N LEU C 380 31.47 -23.25 29.92
CA LEU C 380 30.89 -24.60 30.03
C LEU C 380 29.40 -24.52 30.38
N VAL C 381 29.05 -23.68 31.36
CA VAL C 381 27.66 -23.53 31.75
C VAL C 381 26.82 -22.98 30.61
N TYR C 382 27.40 -22.08 29.81
CA TYR C 382 26.70 -21.49 28.68
C TYR C 382 26.43 -22.52 27.61
N VAL C 383 27.42 -23.36 27.30
CA VAL C 383 27.21 -24.41 26.30
C VAL C 383 26.14 -25.38 26.77
N VAL C 384 26.21 -25.79 28.04
CA VAL C 384 25.19 -26.69 28.59
C VAL C 384 23.82 -26.04 28.54
N GLY C 385 23.75 -24.75 28.86
CA GLY C 385 22.48 -24.06 28.84
C GLY C 385 21.91 -23.90 27.45
N VAL C 386 22.77 -23.68 26.45
CA VAL C 386 22.31 -23.60 25.07
C VAL C 386 21.75 -24.94 24.62
N LEU C 387 22.46 -26.03 24.93
CA LEU C 387 21.95 -27.35 24.57
C LEU C 387 20.62 -27.64 25.27
N CYS C 388 20.54 -27.31 26.56
CA CYS C 388 19.31 -27.53 27.30
C CYS C 388 18.17 -26.69 26.74
N THR C 389 18.46 -25.44 26.36
CA THR C 389 17.43 -24.59 25.79
C THR C 389 16.94 -25.14 24.46
N GLN C 390 17.85 -25.62 23.62
CA GLN C 390 17.43 -26.22 22.35
C GLN C 390 16.55 -27.44 22.58
N PHE C 391 16.95 -28.30 23.52
CA PHE C 391 16.15 -29.49 23.81
C PHE C 391 14.78 -29.12 24.38
N VAL C 392 14.75 -28.12 25.27
CA VAL C 392 13.48 -27.69 25.86
C VAL C 392 12.56 -27.10 24.79
N PHE C 393 13.12 -26.29 23.89
CA PHE C 393 12.30 -25.72 22.83
C PHE C 393 11.78 -26.81 21.89
N ALA C 394 12.60 -27.81 21.59
CA ALA C 394 12.14 -28.92 20.77
C ALA C 394 11.01 -29.69 21.46
N GLY C 395 11.16 -29.92 22.76
CA GLY C 395 10.11 -30.60 23.50
C GLY C 395 8.82 -29.81 23.56
N ILE C 396 8.93 -28.49 23.75
CA ILE C 396 7.75 -27.64 23.76
C ILE C 396 7.06 -27.67 22.40
N TRP C 397 7.85 -27.59 21.33
CA TRP C 397 7.28 -27.67 19.99
C TRP C 397 6.57 -29.00 19.77
N MET C 398 7.17 -30.10 20.25
CA MET C 398 6.55 -31.41 20.09
C MET C 398 5.23 -31.50 20.85
N TRP C 399 5.18 -30.93 22.06
CA TRP C 399 4.01 -31.03 22.93
C TRP C 399 3.57 -29.62 23.33
N ALA C 400 2.73 -29.00 22.51
CA ALA C 400 2.19 -27.69 22.81
C ALA C 400 0.71 -27.67 22.43
N ALA C 401 -0.06 -26.85 23.15
CA ALA C 401 -1.48 -26.71 22.88
C ALA C 401 -1.95 -25.37 23.39
N CYS C 402 -3.07 -24.90 22.83
CA CYS C 402 -3.71 -23.66 23.26
C CYS C 402 -5.20 -23.91 23.45
N LYS C 403 -5.68 -23.70 24.69
CA LYS C 403 -7.11 -23.65 24.90
C LYS C 403 -7.73 -22.47 24.17
N SER C 404 -7.03 -21.32 24.18
CA SER C 404 -7.46 -20.08 23.51
C SER C 404 -8.83 -19.70 24.08
N ASP C 405 -9.71 -19.11 23.28
CA ASP C 405 -11.04 -18.76 23.74
C ASP C 405 -11.92 -18.53 22.52
N ALA C 406 -13.11 -19.13 22.53
CA ALA C 406 -14.04 -18.94 21.42
C ALA C 406 -14.50 -17.49 21.38
N ALA C 407 -14.45 -16.89 20.19
CA ALA C 407 -14.90 -15.52 20.03
C ALA C 407 -16.42 -15.45 20.22
N PRO C 408 -16.94 -14.29 20.62
CA PRO C 408 -18.39 -14.17 20.78
C PRO C 408 -19.17 -14.52 19.52
N GLY C 409 -18.64 -14.15 18.35
CA GLY C 409 -19.26 -14.57 17.11
C GLY C 409 -19.18 -16.06 16.90
N GLU C 410 -18.05 -16.67 17.24
CA GLU C 410 -17.91 -18.11 17.09
C GLU C 410 -18.74 -18.86 18.11
N ALA C 411 -18.70 -18.41 19.38
CA ALA C 411 -19.49 -19.07 20.42
C ALA C 411 -20.99 -18.93 20.17
N ALA C 412 -21.42 -17.75 19.75
CA ALA C 412 -22.84 -17.48 19.48
C ALA C 412 -22.96 -16.96 18.05
N PRO C 413 -23.08 -17.85 17.08
CA PRO C 413 -23.18 -17.41 15.68
C PRO C 413 -24.45 -16.60 15.44
N HIS C 414 -24.36 -15.68 14.49
CA HIS C 414 -25.50 -14.82 14.18
C HIS C 414 -26.66 -15.64 13.62
N GLY C 415 -27.87 -15.28 14.03
CA GLY C 415 -29.06 -15.96 13.54
C GLY C 415 -29.19 -17.41 13.96
N ARG C 416 -28.91 -17.71 15.22
CA ARG C 416 -29.04 -19.07 15.74
C ARG C 416 -30.33 -19.20 16.53
N ARG C 417 -30.54 -20.40 17.09
CA ARG C 417 -31.72 -20.72 17.88
C ARG C 417 -33.02 -20.45 17.11
N GLN D 55 -45.90 8.98 -4.82
CA GLN D 55 -44.62 9.36 -4.22
C GLN D 55 -44.74 9.43 -2.70
N GLU D 56 -45.96 9.23 -2.19
CA GLU D 56 -46.17 9.27 -0.74
C GLU D 56 -45.52 8.09 -0.04
N SER D 57 -45.25 7.00 -0.76
CA SER D 57 -44.62 5.84 -0.14
C SER D 57 -43.20 6.17 0.32
N ILE D 58 -42.48 6.99 -0.45
CA ILE D 58 -41.12 7.35 -0.08
C ILE D 58 -41.10 8.19 1.19
N GLN D 59 -42.18 8.89 1.48
CA GLN D 59 -42.21 9.78 2.64
C GLN D 59 -42.18 8.97 3.94
N ILE D 60 -41.62 9.59 4.97
CA ILE D 60 -41.47 8.94 6.28
C ILE D 60 -42.85 8.72 6.88
N PRO D 61 -43.13 7.57 7.48
CA PRO D 61 -44.43 7.37 8.13
C PRO D 61 -44.63 8.33 9.29
N ASN D 62 -45.88 8.68 9.53
CA ASN D 62 -46.25 9.61 10.59
C ASN D 62 -46.71 8.84 11.82
N ASN D 63 -45.99 9.00 12.92
CA ASN D 63 -46.38 8.40 14.20
C ASN D 63 -47.17 9.40 15.03
N GLY D 64 -48.25 9.90 14.43
CA GLY D 64 -49.04 10.94 15.06
C GLY D 64 -48.20 12.17 15.35
N SER D 65 -48.36 12.71 16.56
CA SER D 65 -47.57 13.86 16.97
C SER D 65 -46.13 13.47 17.30
N ALA D 66 -45.95 12.31 17.95
CA ALA D 66 -44.62 11.88 18.36
C ALA D 66 -43.80 11.46 17.14
N PRO D 67 -42.47 11.59 17.21
CA PRO D 67 -41.63 11.15 16.09
C PRO D 67 -41.67 9.64 15.93
N LEU D 68 -41.44 9.20 14.68
CA LEU D 68 -41.39 7.78 14.40
C LEU D 68 -40.22 7.14 15.11
N LEU D 69 -40.46 5.96 15.70
CA LEU D 69 -39.46 5.25 16.46
C LEU D 69 -38.88 4.12 15.62
N VAL D 70 -37.56 4.12 15.45
CA VAL D 70 -36.85 3.10 14.69
C VAL D 70 -35.94 2.36 15.66
N ASP D 71 -36.14 1.06 15.80
CA ASP D 71 -35.32 0.23 16.67
C ASP D 71 -34.16 -0.33 15.88
N VAL D 72 -32.94 0.01 16.28
CA VAL D 72 -31.73 -0.40 15.58
C VAL D 72 -30.97 -1.39 16.45
N ARG D 73 -30.66 -2.55 15.88
CA ARG D 73 -29.81 -3.53 16.52
C ARG D 73 -28.50 -3.63 15.75
N VAL D 74 -27.39 -3.44 16.44
CA VAL D 74 -26.06 -3.41 15.82
C VAL D 74 -25.29 -4.64 16.27
N PHE D 75 -24.85 -5.44 15.30
CA PHE D 75 -23.98 -6.58 15.56
C PHE D 75 -22.59 -6.24 15.03
N VAL D 76 -21.62 -6.20 15.92
CA VAL D 76 -20.24 -5.89 15.55
C VAL D 76 -19.56 -7.21 15.20
N SER D 77 -19.44 -7.47 13.89
CA SER D 77 -18.90 -8.75 13.45
C SER D 77 -17.40 -8.84 13.71
N ASN D 78 -16.67 -7.75 13.52
CA ASN D 78 -15.22 -7.79 13.65
C ASN D 78 -14.67 -6.38 13.69
N VAL D 79 -13.52 -6.23 14.35
CA VAL D 79 -12.75 -4.99 14.37
C VAL D 79 -11.33 -5.39 13.99
N PHE D 80 -10.98 -5.24 12.71
CA PHE D 80 -9.79 -5.88 12.15
C PHE D 80 -8.57 -4.96 12.08
N ASN D 81 -8.69 -3.81 11.46
CA ASN D 81 -7.55 -2.88 11.37
C ASN D 81 -7.67 -1.80 12.44
N VAL D 82 -6.66 -1.69 13.28
CA VAL D 82 -6.55 -0.63 14.27
C VAL D 82 -5.19 0.02 14.03
N ASP D 83 -5.18 1.08 13.22
CA ASP D 83 -3.94 1.75 12.81
C ASP D 83 -3.69 2.94 13.71
N ILE D 84 -2.73 2.80 14.63
CA ILE D 84 -2.40 3.90 15.53
C ILE D 84 -1.77 5.04 14.76
N LEU D 85 -0.98 4.73 13.74
CA LEU D 85 -0.34 5.79 12.94
C LEU D 85 -1.39 6.66 12.25
N ARG D 86 -2.42 6.05 11.69
CA ARG D 86 -3.48 6.79 11.01
C ARG D 86 -4.62 7.19 11.95
N TYR D 87 -4.58 6.76 13.21
CA TYR D 87 -5.62 7.08 14.18
C TYR D 87 -6.99 6.64 13.70
N THR D 88 -7.05 5.50 13.01
CA THR D 88 -8.29 4.99 12.44
C THR D 88 -8.51 3.56 12.91
N MET D 89 -9.78 3.19 13.05
CA MET D 89 -10.18 1.85 13.42
C MET D 89 -11.18 1.33 12.40
N SER D 90 -10.94 0.13 11.89
CA SER D 90 -11.79 -0.46 10.87
C SER D 90 -12.66 -1.55 11.50
N SER D 91 -13.95 -1.52 11.19
CA SER D 91 -14.90 -2.44 11.80
C SER D 91 -15.91 -2.90 10.75
N MET D 92 -16.62 -3.98 11.11
CA MET D 92 -17.70 -4.52 10.29
C MET D 92 -18.96 -4.61 11.14
N LEU D 93 -20.06 -4.09 10.62
CA LEU D 93 -21.29 -4.00 11.37
C LEU D 93 -22.47 -4.53 10.57
N LEU D 94 -23.44 -5.08 11.29
CA LEU D 94 -24.74 -5.44 10.73
C LEU D 94 -25.80 -4.65 11.49
N LEU D 95 -26.55 -3.83 10.76
CA LEU D 95 -27.60 -3.02 11.34
C LEU D 95 -28.95 -3.61 10.94
N ARG D 96 -29.76 -3.95 11.93
CA ARG D 96 -31.14 -4.38 11.72
C ARG D 96 -32.04 -3.27 12.21
N LEU D 97 -32.70 -2.60 11.28
CA LEU D 97 -33.57 -1.46 11.57
C LEU D 97 -35.01 -1.91 11.43
N SER D 98 -35.79 -1.75 12.48
CA SER D 98 -37.19 -2.15 12.49
C SER D 98 -38.05 -0.93 12.80
N TRP D 99 -39.09 -0.72 12.00
CA TRP D 99 -40.07 0.33 12.27
C TRP D 99 -41.44 -0.16 11.86
N LEU D 100 -42.44 0.70 12.00
CA LEU D 100 -43.81 0.36 11.66
C LEU D 100 -44.31 1.30 10.56
N ASP D 101 -44.83 0.71 9.48
CA ASP D 101 -45.37 1.46 8.34
C ASP D 101 -46.76 0.91 8.07
N THR D 102 -47.78 1.52 8.67
CA THR D 102 -49.14 1.05 8.51
C THR D 102 -49.64 1.16 7.07
N ARG D 103 -49.02 2.02 6.27
CA ARG D 103 -49.43 2.16 4.88
C ARG D 103 -49.12 0.92 4.06
N LEU D 104 -48.17 0.10 4.50
CA LEU D 104 -47.81 -1.11 3.77
C LEU D 104 -48.56 -2.35 4.25
N ALA D 105 -49.40 -2.22 5.27
CA ALA D 105 -50.16 -3.37 5.76
C ALA D 105 -51.19 -3.80 4.73
N TRP D 106 -51.37 -5.12 4.61
CA TRP D 106 -52.33 -5.68 3.68
C TRP D 106 -53.17 -6.74 4.37
N ASN D 107 -54.40 -6.90 3.90
CA ASN D 107 -55.28 -7.93 4.44
C ASN D 107 -54.78 -9.31 4.06
N THR D 108 -54.84 -10.23 5.03
CA THR D 108 -54.38 -11.59 4.78
C THR D 108 -55.27 -12.34 3.81
N SER D 109 -56.52 -11.92 3.65
CA SER D 109 -57.42 -12.61 2.73
C SER D 109 -57.04 -12.32 1.27
N ALA D 110 -56.75 -11.06 0.95
CA ALA D 110 -56.37 -10.71 -0.42
C ALA D 110 -55.04 -11.33 -0.80
N HIS D 111 -54.07 -11.28 0.11
CA HIS D 111 -52.73 -11.82 -0.15
C HIS D 111 -52.38 -12.82 0.93
N PRO D 112 -52.06 -14.08 0.59
CA PRO D 112 -51.77 -15.08 1.62
C PRO D 112 -50.35 -15.02 2.16
N ARG D 113 -49.48 -14.20 1.59
CA ARG D 113 -48.11 -14.12 2.08
C ARG D 113 -48.06 -13.39 3.41
N HIS D 114 -47.35 -13.98 4.38
CA HIS D 114 -47.19 -13.36 5.69
C HIS D 114 -46.06 -12.33 5.71
N ALA D 115 -45.22 -12.29 4.70
CA ALA D 115 -44.14 -11.32 4.63
C ALA D 115 -43.72 -11.16 3.18
N ILE D 116 -43.37 -9.92 2.81
CA ILE D 116 -42.96 -9.61 1.45
C ILE D 116 -41.62 -8.88 1.50
N THR D 117 -40.93 -8.88 0.36
CA THR D 117 -39.66 -8.19 0.21
C THR D 117 -39.81 -7.10 -0.83
N LEU D 118 -39.27 -5.92 -0.53
CA LEU D 118 -39.33 -4.78 -1.42
C LEU D 118 -37.94 -4.24 -1.65
N PRO D 119 -37.69 -3.64 -2.81
CA PRO D 119 -36.36 -3.06 -3.07
C PRO D 119 -36.08 -1.87 -2.15
N TRP D 120 -34.83 -1.42 -2.21
CA TRP D 120 -34.37 -0.37 -1.31
C TRP D 120 -35.12 0.93 -1.52
N GLU D 121 -35.42 1.28 -2.77
CA GLU D 121 -36.00 2.58 -3.11
C GLU D 121 -37.51 2.54 -3.26
N SER D 122 -38.15 1.41 -2.97
CA SER D 122 -39.59 1.31 -3.11
C SER D 122 -40.36 1.75 -1.88
N LEU D 123 -39.67 2.04 -0.78
CA LEU D 123 -40.32 2.46 0.45
C LEU D 123 -39.35 3.33 1.24
N TRP D 124 -39.89 4.02 2.24
CA TRP D 124 -39.04 4.88 3.05
C TRP D 124 -38.10 4.04 3.89
N THR D 125 -36.80 4.34 3.80
CA THR D 125 -35.79 3.70 4.61
C THR D 125 -34.84 4.82 5.07
N PRO D 126 -34.52 4.88 6.36
CA PRO D 126 -33.61 5.93 6.83
C PRO D 126 -32.24 5.81 6.18
N ARG D 127 -31.67 6.95 5.82
CA ARG D 127 -30.34 7.01 5.21
C ARG D 127 -29.34 7.35 6.30
N LEU D 128 -28.61 6.34 6.76
CA LEU D 128 -27.64 6.50 7.83
C LEU D 128 -26.29 6.92 7.26
N THR D 129 -25.68 7.92 7.88
CA THR D 129 -24.36 8.40 7.50
C THR D 129 -23.47 8.42 8.73
N ILE D 130 -22.22 8.02 8.57
CA ILE D 130 -21.26 7.98 9.67
C ILE D 130 -20.29 9.14 9.48
N LEU D 131 -20.24 10.02 10.48
CA LEU D 131 -19.40 11.22 10.37
C LEU D 131 -17.92 10.88 10.50
N GLU D 132 -17.58 10.01 11.45
CA GLU D 132 -16.19 9.67 11.70
C GLU D 132 -15.62 8.67 10.71
N ALA D 133 -16.45 8.09 9.84
CA ALA D 133 -16.01 7.02 8.96
C ALA D 133 -15.27 7.60 7.76
N LEU D 134 -13.99 7.22 7.62
CA LEU D 134 -13.22 7.62 6.45
C LEU D 134 -13.86 7.10 5.18
N TRP D 135 -14.26 5.82 5.19
CA TRP D 135 -15.00 5.23 4.09
C TRP D 135 -15.95 4.19 4.64
N VAL D 136 -17.09 4.04 3.96
CA VAL D 136 -18.09 3.03 4.27
C VAL D 136 -18.36 2.22 3.02
N ASP D 137 -18.27 0.90 3.13
CA ASP D 137 -18.56 -0.01 2.03
C ASP D 137 -19.78 -0.84 2.43
N TRP D 138 -20.88 -0.63 1.73
CA TRP D 138 -22.09 -1.41 1.98
C TRP D 138 -22.04 -2.71 1.19
N ARG D 139 -22.17 -3.83 1.89
CA ARG D 139 -22.04 -5.14 1.26
C ARG D 139 -23.28 -5.55 0.47
N ASP D 140 -24.18 -4.61 0.19
CA ASP D 140 -25.37 -4.90 -0.61
C ASP D 140 -25.79 -3.60 -1.30
N GLN D 141 -25.43 -3.48 -2.58
CA GLN D 141 -25.77 -2.27 -3.33
C GLN D 141 -27.27 -2.10 -3.52
N SER D 142 -28.03 -3.19 -3.50
CA SER D 142 -29.48 -3.17 -3.67
C SER D 142 -30.13 -3.94 -2.52
N PRO D 143 -30.13 -3.38 -1.32
CA PRO D 143 -30.75 -4.07 -0.19
C PRO D 143 -32.25 -4.16 -0.34
N GLN D 144 -32.82 -5.19 0.28
CA GLN D 144 -34.26 -5.44 0.24
C GLN D 144 -34.82 -5.38 1.65
N ALA D 145 -35.85 -4.56 1.83
CA ALA D 145 -36.55 -4.47 3.10
C ALA D 145 -37.64 -5.54 3.17
N ARG D 146 -37.93 -5.98 4.38
CA ARG D 146 -38.93 -7.01 4.61
C ARG D 146 -40.10 -6.41 5.38
N VAL D 147 -41.31 -6.59 4.86
CA VAL D 147 -42.53 -6.02 5.42
C VAL D 147 -43.47 -7.16 5.79
N ASP D 148 -43.95 -7.14 7.03
CA ASP D 148 -44.92 -8.12 7.48
C ASP D 148 -46.33 -7.68 7.12
N GLN D 149 -47.30 -8.56 7.38
CA GLN D 149 -48.69 -8.24 7.09
C GLN D 149 -49.23 -7.13 7.98
N ASP D 150 -48.63 -6.94 9.16
CA ASP D 150 -49.06 -5.88 10.07
C ASP D 150 -48.41 -4.54 9.79
N GLY D 151 -47.52 -4.47 8.80
CA GLY D 151 -46.85 -3.25 8.44
C GLY D 151 -45.46 -3.08 9.02
N HIS D 152 -45.02 -3.99 9.87
CA HIS D 152 -43.68 -3.91 10.43
C HIS D 152 -42.64 -4.11 9.33
N VAL D 153 -41.66 -3.22 9.28
CA VAL D 153 -40.61 -3.25 8.27
C VAL D 153 -39.28 -3.49 8.96
N LYS D 154 -38.54 -4.48 8.48
CA LYS D 154 -37.20 -4.80 8.95
C LYS D 154 -36.22 -4.72 7.79
N LEU D 155 -35.11 -4.04 8.01
CA LEU D 155 -34.08 -3.84 6.99
C LEU D 155 -32.74 -4.22 7.57
N ASN D 156 -32.00 -5.08 6.86
CA ASN D 156 -30.69 -5.53 7.29
C ASN D 156 -29.63 -4.96 6.37
N LEU D 157 -28.63 -4.30 6.95
CA LEU D 157 -27.56 -3.66 6.20
C LEU D 157 -26.22 -4.08 6.77
N ALA D 158 -25.37 -4.69 5.95
CA ALA D 158 -24.03 -5.07 6.36
C ALA D 158 -23.05 -4.07 5.75
N LEU D 159 -22.22 -3.47 6.61
CA LEU D 159 -21.32 -2.41 6.16
C LEU D 159 -19.97 -2.53 6.85
N ALA D 160 -18.91 -2.34 6.07
CA ALA D 160 -17.55 -2.30 6.60
C ALA D 160 -17.08 -0.85 6.55
N THR D 161 -16.69 -0.31 7.69
CA THR D 161 -16.34 1.10 7.80
C THR D 161 -14.94 1.26 8.35
N GLU D 162 -14.31 2.39 8.02
CA GLU D 162 -13.05 2.79 8.64
C GLU D 162 -13.30 4.12 9.35
N THR D 163 -13.59 4.06 10.64
CA THR D 163 -13.93 5.26 11.39
C THR D 163 -12.70 5.84 12.07
N ASN D 164 -12.87 7.03 12.64
CA ASN D 164 -11.81 7.75 13.32
C ASN D 164 -11.90 7.48 14.81
N CYS D 165 -10.79 7.06 15.40
CA CYS D 165 -10.71 6.81 16.83
C CYS D 165 -9.56 7.61 17.41
N ASN D 166 -9.84 8.33 18.50
CA ASN D 166 -8.83 9.15 19.18
C ASN D 166 -8.16 8.27 20.24
N PHE D 167 -7.12 7.56 19.83
CA PHE D 167 -6.41 6.68 20.76
C PHE D 167 -5.67 7.49 21.81
N GLU D 168 -5.74 7.02 23.06
CA GLU D 168 -4.99 7.62 24.15
C GLU D 168 -3.67 6.86 24.28
N LEU D 169 -2.71 7.24 23.42
CA LEU D 169 -1.45 6.53 23.29
C LEU D 169 -0.43 6.94 24.33
N LEU D 170 -0.84 7.57 25.43
CA LEU D 170 0.12 7.98 26.45
C LEU D 170 0.83 6.78 27.06
N HIS D 171 0.09 5.69 27.32
CA HIS D 171 0.64 4.51 27.95
C HIS D 171 0.89 3.38 26.98
N PHE D 172 1.30 3.70 25.75
CA PHE D 172 1.61 2.67 24.77
C PHE D 172 2.75 1.79 25.30
N PRO D 173 2.70 0.47 25.08
CA PRO D 173 1.69 -0.28 24.33
C PRO D 173 0.53 -0.82 25.15
N ARG D 174 0.31 -0.31 26.36
CA ARG D 174 -0.83 -0.72 27.18
C ARG D 174 -1.74 0.49 27.35
N ASP D 175 -2.61 0.69 26.37
CA ASP D 175 -3.46 1.88 26.30
C ASP D 175 -4.91 1.48 26.09
N HIS D 176 -5.81 2.23 26.70
CA HIS D 176 -7.24 2.03 26.55
C HIS D 176 -7.84 3.22 25.81
N SER D 177 -8.56 2.94 24.73
CA SER D 177 -9.10 3.99 23.87
C SER D 177 -10.60 3.79 23.72
N ASN D 178 -11.29 4.88 23.42
CA ASN D 178 -12.71 4.87 23.15
C ASN D 178 -12.95 5.22 21.69
N CYS D 179 -13.61 4.34 20.96
CA CYS D 179 -13.95 4.56 19.56
C CYS D 179 -15.45 4.70 19.44
N SER D 180 -15.90 5.79 18.82
CA SER D 180 -17.32 6.07 18.68
C SER D 180 -17.70 6.06 17.21
N LEU D 181 -18.72 5.30 16.87
CA LEU D 181 -19.30 5.27 15.52
C LEU D 181 -20.69 5.89 15.62
N SER D 182 -20.84 7.07 15.03
CA SER D 182 -22.09 7.82 15.12
C SER D 182 -22.83 7.72 13.81
N PHE D 183 -24.06 7.22 13.85
CA PHE D 183 -24.93 7.14 12.69
C PHE D 183 -25.96 8.26 12.78
N TYR D 184 -26.01 9.09 11.74
CA TYR D 184 -26.90 10.23 11.66
C TYR D 184 -27.89 10.05 10.53
N ALA D 185 -29.12 10.49 10.74
CA ALA D 185 -30.10 10.57 9.67
C ALA D 185 -30.19 12.03 9.25
N LEU D 186 -29.27 12.42 8.36
CA LEU D 186 -29.13 13.83 8.01
C LEU D 186 -30.37 14.38 7.34
N SER D 187 -31.00 13.59 6.46
CA SER D 187 -32.17 14.06 5.73
C SER D 187 -33.40 14.22 6.62
N ASN D 188 -33.36 13.75 7.86
CA ASN D 188 -34.51 13.82 8.75
C ASN D 188 -34.21 14.68 9.96
N THR D 189 -35.26 15.00 10.70
CA THR D 189 -35.16 15.78 11.93
C THR D 189 -35.66 14.96 13.10
N ALA D 190 -35.25 15.37 14.30
CA ALA D 190 -35.62 14.65 15.51
C ALA D 190 -37.12 14.68 15.76
N MET D 191 -37.81 15.70 15.25
CA MET D 191 -39.26 15.76 15.39
C MET D 191 -39.98 14.71 14.57
N GLU D 192 -39.31 14.07 13.61
CA GLU D 192 -39.90 13.05 12.78
C GLU D 192 -39.32 11.66 13.00
N LEU D 193 -38.04 11.57 13.31
CA LEU D 193 -37.35 10.29 13.46
C LEU D 193 -36.73 10.18 14.84
N GLU D 194 -36.88 9.01 15.45
CA GLU D 194 -36.28 8.71 16.74
C GLU D 194 -35.63 7.34 16.67
N PHE D 195 -34.47 7.19 17.31
CA PHE D 195 -33.68 5.98 17.24
C PHE D 195 -33.63 5.29 18.60
N GLN D 196 -33.69 3.97 18.58
CA GLN D 196 -33.51 3.14 19.77
C GLN D 196 -32.47 2.08 19.43
N ALA D 197 -31.26 2.24 19.94
CA ALA D 197 -30.13 1.45 19.52
C ALA D 197 -29.74 0.42 20.57
N HIS D 198 -29.45 -0.80 20.11
CA HIS D 198 -28.89 -1.85 20.95
C HIS D 198 -27.70 -2.46 20.22
N VAL D 199 -26.72 -2.91 20.98
CA VAL D 199 -25.51 -3.50 20.42
C VAL D 199 -25.39 -4.94 20.91
N VAL D 200 -25.02 -5.83 20.00
CA VAL D 200 -24.77 -7.24 20.31
C VAL D 200 -23.33 -7.55 19.97
N ASN D 201 -22.59 -8.09 20.93
CA ASN D 201 -21.18 -8.42 20.72
C ASN D 201 -21.10 -9.75 19.99
N GLU D 202 -20.91 -9.68 18.67
CA GLU D 202 -20.77 -10.86 17.83
C GLU D 202 -19.42 -10.85 17.12
N ILE D 203 -18.38 -10.38 17.81
CA ILE D 203 -17.06 -10.29 17.21
C ILE D 203 -16.52 -11.68 16.96
N VAL D 204 -16.00 -11.91 15.76
CA VAL D 204 -15.55 -13.24 15.35
C VAL D 204 -14.04 -13.43 15.53
N SER D 205 -13.28 -12.35 15.70
CA SER D 205 -11.83 -12.43 15.89
C SER D 205 -11.48 -12.01 17.31
N VAL D 206 -10.75 -12.85 18.01
CA VAL D 206 -10.35 -12.56 19.38
C VAL D 206 -8.84 -12.56 19.58
N LYS D 207 -8.06 -13.16 18.67
CA LYS D 207 -6.62 -13.26 18.83
C LYS D 207 -5.86 -12.13 18.15
N ARG D 208 -6.47 -10.96 18.01
CA ARG D 208 -5.80 -9.82 17.42
C ARG D 208 -5.09 -9.00 18.49
N GLU D 209 -4.28 -8.04 18.05
CA GLU D 209 -3.53 -7.21 18.97
C GLU D 209 -4.46 -6.37 19.86
N TYR D 210 -5.50 -5.80 19.26
CA TYR D 210 -6.45 -4.96 19.97
C TYR D 210 -7.74 -5.74 20.23
N VAL D 211 -8.20 -5.71 21.47
CA VAL D 211 -9.36 -6.49 21.90
C VAL D 211 -10.45 -5.53 22.36
N VAL D 212 -11.65 -5.70 21.81
CA VAL D 212 -12.80 -4.93 22.22
C VAL D 212 -13.45 -5.63 23.41
N TYR D 213 -13.55 -4.93 24.54
CA TYR D 213 -14.10 -5.53 25.75
C TYR D 213 -15.36 -4.87 26.26
N ASP D 214 -15.67 -3.64 25.85
CA ASP D 214 -16.88 -2.96 26.28
C ASP D 214 -17.56 -2.34 25.07
N LEU D 215 -18.87 -2.58 24.93
CA LEU D 215 -19.67 -2.03 23.86
C LEU D 215 -20.95 -1.45 24.42
N LYS D 216 -21.32 -0.26 23.96
CA LYS D 216 -22.53 0.40 24.42
C LYS D 216 -23.10 1.20 23.26
N THR D 217 -24.40 1.50 23.36
CA THR D 217 -25.07 2.38 22.41
C THR D 217 -25.77 3.49 23.19
N GLN D 218 -25.78 4.69 22.61
CA GLN D 218 -26.44 5.80 23.26
C GLN D 218 -26.96 6.78 22.22
N VAL D 219 -28.11 7.37 22.52
CA VAL D 219 -28.74 8.39 21.69
C VAL D 219 -28.53 9.73 22.39
N PRO D 220 -27.65 10.60 21.90
CA PRO D 220 -27.38 11.86 22.58
C PRO D 220 -28.63 12.72 22.67
N PRO D 221 -28.83 13.41 23.78
CA PRO D 221 -30.00 14.28 23.92
C PRO D 221 -29.76 15.65 23.27
N GLN D 222 -30.85 16.42 23.19
CA GLN D 222 -30.81 17.77 22.61
C GLN D 222 -30.23 17.75 21.19
N GLN D 223 -30.67 16.79 20.40
CA GLN D 223 -30.20 16.62 19.04
C GLN D 223 -31.25 17.10 18.06
N LEU D 224 -30.82 17.87 17.06
CA LEU D 224 -31.72 18.26 15.99
C LEU D 224 -31.79 17.19 14.91
N VAL D 225 -30.64 16.68 14.49
CA VAL D 225 -30.57 15.58 13.53
C VAL D 225 -30.59 14.28 14.32
N PRO D 226 -31.54 13.38 14.06
CA PRO D 226 -31.60 12.13 14.83
C PRO D 226 -30.36 11.28 14.58
N CYS D 227 -29.77 10.79 15.65
CA CYS D 227 -28.52 10.03 15.54
C CYS D 227 -28.41 9.10 16.73
N PHE D 228 -27.57 8.07 16.56
CA PHE D 228 -27.23 7.15 17.64
C PHE D 228 -25.78 6.75 17.48
N GLN D 229 -25.06 6.64 18.58
CA GLN D 229 -23.64 6.33 18.52
C GLN D 229 -23.32 5.07 19.32
N VAL D 230 -22.50 4.22 18.72
CA VAL D 230 -21.99 3.01 19.35
C VAL D 230 -20.58 3.31 19.84
N THR D 231 -20.36 3.15 21.14
CA THR D 231 -19.07 3.39 21.77
C THR D 231 -18.46 2.06 22.18
N LEU D 232 -17.24 1.81 21.72
CA LEU D 232 -16.52 0.60 22.07
C LEU D 232 -15.18 0.96 22.69
N ARG D 233 -14.72 0.10 23.59
CA ARG D 233 -13.47 0.30 24.31
C ARG D 233 -12.43 -0.67 23.77
N LEU D 234 -11.29 -0.13 23.34
CA LEU D 234 -10.22 -0.91 22.73
C LEU D 234 -9.03 -0.93 23.67
N LYS D 235 -8.52 -2.13 23.94
CA LYS D 235 -7.32 -2.31 24.74
C LYS D 235 -6.27 -3.05 23.92
N ASN D 236 -5.02 -2.71 24.15
CA ASN D 236 -3.90 -3.30 23.43
C ASN D 236 -3.28 -4.40 24.28
N THR D 237 -3.25 -5.62 23.72
CA THR D 237 -2.66 -6.77 24.40
C THR D 237 -1.54 -7.38 23.58
N ALA D 238 -0.86 -6.56 22.78
CA ALA D 238 0.18 -7.03 21.88
C ALA D 238 1.53 -7.04 22.59
N LEU D 239 2.19 -8.19 22.57
CA LEU D 239 3.55 -8.31 23.09
C LEU D 239 4.61 -8.09 22.03
N LYS D 240 4.20 -7.79 20.79
CA LYS D 240 5.17 -7.58 19.72
C LYS D 240 6.07 -6.39 20.01
N SER D 241 5.48 -5.27 20.42
CA SER D 241 6.26 -4.06 20.65
C SER D 241 7.23 -4.26 21.81
N ILE D 242 6.76 -4.84 22.91
CA ILE D 242 7.61 -5.04 24.08
C ILE D 242 8.80 -5.92 23.73
N ILE D 243 8.52 -7.13 23.24
CA ILE D 243 9.59 -8.07 22.92
C ILE D 243 10.52 -7.49 21.86
N ALA D 244 9.97 -6.76 20.88
CA ALA D 244 10.78 -6.26 19.79
C ALA D 244 11.73 -5.16 20.24
N LEU D 245 11.26 -4.25 21.10
CA LEU D 245 12.01 -3.03 21.35
C LEU D 245 12.34 -2.74 22.80
N LEU D 246 11.48 -3.05 23.76
CA LEU D 246 11.75 -2.68 25.14
C LEU D 246 12.79 -3.59 25.79
N VAL D 247 12.63 -4.91 25.62
CA VAL D 247 13.63 -5.84 26.14
C VAL D 247 15.01 -5.61 25.53
N PRO D 248 15.16 -5.49 24.20
CA PRO D 248 16.48 -5.17 23.66
C PRO D 248 17.04 -3.84 24.13
N ALA D 249 16.18 -2.84 24.32
CA ALA D 249 16.67 -1.54 24.80
C ALA D 249 17.22 -1.64 26.21
N GLU D 250 16.48 -2.30 27.10
CA GLU D 250 16.97 -2.49 28.46
C GLU D 250 18.24 -3.34 28.47
N ALA D 251 18.29 -4.36 27.60
CA ALA D 251 19.49 -5.17 27.50
C ALA D 251 20.70 -4.36 27.06
N LEU D 252 20.51 -3.48 26.07
CA LEU D 252 21.60 -2.63 25.61
C LEU D 252 22.03 -1.66 26.70
N LEU D 253 21.07 -1.10 27.44
CA LEU D 253 21.41 -0.18 28.52
C LEU D 253 22.23 -0.90 29.60
N LEU D 254 21.80 -2.10 29.98
CA LEU D 254 22.55 -2.86 30.97
C LEU D 254 23.93 -3.26 30.45
N ALA D 255 24.02 -3.58 29.16
CA ALA D 255 25.32 -3.91 28.57
C ALA D 255 26.24 -2.70 28.61
N ASP D 256 25.73 -1.51 28.33
CA ASP D 256 26.55 -0.31 28.40
C ASP D 256 27.00 -0.04 29.84
N VAL D 257 26.10 -0.23 30.80
CA VAL D 257 26.46 -0.05 32.20
C VAL D 257 27.57 -1.02 32.58
N CYS D 258 27.45 -2.28 32.17
CA CYS D 258 28.49 -3.26 32.46
C CYS D 258 29.80 -2.92 31.77
N GLY D 259 29.74 -2.43 30.53
CA GLY D 259 30.93 -2.04 29.80
C GLY D 259 31.60 -0.82 30.36
N GLY D 260 30.89 -0.04 31.16
CA GLY D 260 31.54 1.05 31.88
C GLY D 260 32.67 0.61 32.79
N LEU D 261 32.67 -0.66 33.22
CA LEU D 261 33.73 -1.18 34.06
C LEU D 261 35.02 -1.46 33.30
N LEU D 262 35.02 -1.41 31.97
CA LEU D 262 36.25 -1.59 31.24
C LEU D 262 37.22 -0.46 31.55
N PRO D 263 38.51 -0.76 31.66
CA PRO D 263 39.48 0.28 31.99
C PRO D 263 39.56 1.34 30.91
N LEU D 264 39.90 2.57 31.33
CA LEU D 264 39.97 3.68 30.40
C LEU D 264 41.04 3.46 29.34
N ARG D 265 42.14 2.81 29.70
CA ARG D 265 43.25 2.57 28.78
C ARG D 265 42.96 1.44 27.80
N ALA D 266 41.88 0.70 27.98
CA ALA D 266 41.55 -0.38 27.07
C ALA D 266 41.01 0.18 25.76
N ILE D 267 41.65 -0.18 24.64
CA ILE D 267 41.20 0.31 23.35
C ILE D 267 39.85 -0.29 22.98
N GLU D 268 39.57 -1.52 23.44
CA GLU D 268 38.33 -2.18 23.12
C GLU D 268 37.13 -1.50 23.74
N ARG D 269 37.34 -0.67 24.76
CA ARG D 269 36.21 0.02 25.41
C ARG D 269 35.49 0.94 24.45
N ILE D 270 36.24 1.70 23.64
CA ILE D 270 35.62 2.72 22.79
C ILE D 270 34.77 2.06 21.71
N GLY D 271 35.34 1.07 21.00
CA GLY D 271 34.61 0.43 19.92
C GLY D 271 33.36 -0.27 20.41
N TYR D 272 33.43 -0.91 21.56
CA TYR D 272 32.26 -1.58 22.14
C TYR D 272 31.15 -0.57 22.43
N LYS D 273 31.50 0.56 23.04
CA LYS D 273 30.52 1.60 23.33
C LYS D 273 29.90 2.15 22.05
N VAL D 274 30.73 2.38 21.02
CA VAL D 274 30.20 2.96 19.79
C VAL D 274 29.29 1.97 19.07
N THR D 275 29.64 0.68 19.10
CA THR D 275 28.76 -0.32 18.49
C THR D 275 27.43 -0.40 19.22
N LEU D 276 27.46 -0.36 20.55
CA LEU D 276 26.20 -0.32 21.31
C LEU D 276 25.40 0.92 20.97
N LEU D 277 26.07 2.07 20.83
CA LEU D 277 25.38 3.30 20.48
C LEU D 277 24.74 3.19 19.11
N LEU D 278 25.43 2.61 18.14
CA LEU D 278 24.85 2.43 16.80
C LEU D 278 23.65 1.51 16.83
N SER D 279 23.76 0.40 17.58
CA SER D 279 22.62 -0.51 17.70
C SER D 279 21.43 0.19 18.32
N TYR D 280 21.66 0.97 19.38
CA TYR D 280 20.55 1.68 20.01
C TYR D 280 19.99 2.76 19.10
N LEU D 281 20.83 3.39 18.27
CA LEU D 281 20.33 4.37 17.32
C LEU D 281 19.39 3.71 16.32
N VAL D 282 19.78 2.55 15.80
CA VAL D 282 18.92 1.82 14.87
C VAL D 282 17.60 1.46 15.54
N LEU D 283 17.68 0.93 16.77
CA LEU D 283 16.47 0.52 17.47
C LEU D 283 15.56 1.71 17.76
N HIS D 284 16.14 2.84 18.17
CA HIS D 284 15.36 4.04 18.44
C HIS D 284 14.69 4.57 17.19
N SER D 285 15.41 4.58 16.07
CA SER D 285 14.80 5.00 14.81
C SER D 285 13.64 4.08 14.44
N SER D 286 13.81 2.78 14.61
CA SER D 286 12.73 1.84 14.33
C SER D 286 11.52 2.12 15.21
N LEU D 287 11.74 2.34 16.51
CA LEU D 287 10.64 2.59 17.42
C LEU D 287 9.89 3.86 17.04
N VAL D 288 10.62 4.96 16.84
CA VAL D 288 9.95 6.22 16.55
C VAL D 288 9.24 6.17 15.21
N GLN D 289 9.81 5.47 14.22
CA GLN D 289 9.11 5.28 12.97
C GLN D 289 7.85 4.44 13.15
N ALA D 290 7.86 3.50 14.10
CA ALA D 290 6.73 2.63 14.34
C ALA D 290 5.68 3.24 15.27
N LEU D 291 5.90 4.44 15.79
CA LEU D 291 4.96 5.05 16.71
C LEU D 291 4.49 6.40 16.18
N PRO D 292 3.20 6.70 16.30
CA PRO D 292 2.70 7.99 15.84
C PRO D 292 3.05 9.12 16.81
N SER D 293 2.99 10.34 16.28
CA SER D 293 3.24 11.54 17.06
C SER D 293 1.92 12.26 17.31
N SER D 294 1.66 12.58 18.57
CA SER D 294 0.45 13.31 18.94
C SER D 294 0.79 14.77 19.14
N SER D 295 -0.22 15.63 18.94
CA SER D 295 -0.02 17.05 19.13
C SER D 295 0.24 17.39 20.59
N SER D 296 -0.47 16.74 21.51
CA SER D 296 -0.43 17.10 22.91
C SER D 296 0.28 16.05 23.78
N CYS D 297 -0.17 14.80 23.74
CA CYS D 297 0.39 13.75 24.60
C CYS D 297 0.99 12.66 23.72
N ASN D 298 2.28 12.80 23.42
CA ASN D 298 3.01 11.72 22.79
C ASN D 298 3.21 10.58 23.78
N PRO D 299 3.40 9.36 23.30
CA PRO D 299 3.62 8.23 24.21
C PRO D 299 4.86 8.47 25.09
N LEU D 300 4.75 8.05 26.35
CA LEU D 300 5.90 8.16 27.24
C LEU D 300 7.06 7.27 26.80
N LEU D 301 6.77 6.27 25.97
CA LEU D 301 7.81 5.36 25.53
C LEU D 301 8.87 6.08 24.71
N ILE D 302 8.46 7.00 23.84
CA ILE D 302 9.43 7.71 23.01
C ILE D 302 10.29 8.63 23.87
N TYR D 303 9.70 9.26 24.89
CA TYR D 303 10.50 10.09 25.80
C TYR D 303 11.50 9.23 26.57
N TYR D 304 11.05 8.06 27.05
CA TYR D 304 11.96 7.19 27.79
C TYR D 304 13.11 6.71 26.92
N PHE D 305 12.81 6.35 25.66
CA PHE D 305 13.86 5.90 24.76
C PHE D 305 14.79 7.05 24.39
N THR D 306 14.27 8.26 24.24
CA THR D 306 15.13 9.40 23.98
C THR D 306 16.06 9.67 25.15
N ILE D 307 15.54 9.55 26.38
CA ILE D 307 16.38 9.74 27.55
C ILE D 307 17.47 8.68 27.60
N LEU D 308 17.12 7.42 27.30
CA LEU D 308 18.13 6.37 27.30
C LEU D 308 19.18 6.59 26.21
N LEU D 309 18.75 7.05 25.03
CA LEU D 309 19.69 7.36 23.97
C LEU D 309 20.62 8.48 24.36
N LEU D 310 20.09 9.52 25.01
CA LEU D 310 20.94 10.60 25.49
C LEU D 310 21.93 10.10 26.54
N LEU D 311 21.48 9.19 27.41
CA LEU D 311 22.39 8.62 28.40
C LEU D 311 23.51 7.83 27.73
N LEU D 312 23.17 7.04 26.70
CA LEU D 312 24.20 6.29 25.98
C LEU D 312 25.18 7.22 25.26
N PHE D 313 24.66 8.28 24.64
CA PHE D 313 25.54 9.27 24.02
C PHE D 313 26.46 9.91 25.05
N LEU D 314 25.91 10.26 26.22
CA LEU D 314 26.72 10.87 27.27
C LEU D 314 27.81 9.91 27.73
N SER D 315 27.47 8.64 27.91
CA SER D 315 28.46 7.65 28.33
C SER D 315 29.57 7.51 27.29
N THR D 316 29.18 7.40 26.02
CA THR D 316 30.18 7.25 24.96
C THR D 316 31.07 8.49 24.86
N ILE D 317 30.47 9.67 24.94
CA ILE D 317 31.24 10.90 24.84
C ILE D 317 32.19 11.04 26.02
N GLU D 318 31.73 10.72 27.22
CA GLU D 318 32.62 10.75 28.39
C GLU D 318 33.77 9.77 28.23
N THR D 319 33.48 8.55 27.78
CA THR D 319 34.52 7.55 27.60
C THR D 319 35.56 8.05 26.60
N VAL D 320 35.11 8.57 25.46
CA VAL D 320 36.04 9.03 24.44
C VAL D 320 36.86 10.22 24.95
N LEU D 321 36.20 11.17 25.60
CA LEU D 321 36.90 12.35 26.09
C LEU D 321 37.97 11.98 27.11
N LEU D 322 37.62 11.11 28.06
CA LEU D 322 38.58 10.75 29.09
C LEU D 322 39.70 9.87 28.55
N ALA D 323 39.39 8.98 27.60
CA ALA D 323 40.45 8.21 26.96
C ALA D 323 41.41 9.11 26.21
N GLY D 324 40.88 10.10 25.48
CA GLY D 324 41.75 11.05 24.80
C GLY D 324 42.60 11.86 25.76
N LEU D 325 42.00 12.33 26.85
CA LEU D 325 42.76 13.11 27.83
C LEU D 325 43.86 12.27 28.48
N LEU D 326 43.54 11.02 28.83
CA LEU D 326 44.55 10.14 29.42
C LEU D 326 45.67 9.84 28.43
N ALA D 327 45.32 9.60 27.16
CA ALA D 327 46.34 9.29 26.17
C ALA D 327 47.26 10.47 25.89
N ARG D 328 46.75 11.69 26.01
CA ARG D 328 47.56 12.88 25.78
C ARG D 328 48.63 13.03 26.85
N ARG D 368 47.55 6.14 39.94
CA ARG D 368 46.25 6.39 39.35
C ARG D 368 46.11 7.87 38.96
N SER D 369 46.12 8.13 37.65
CA SER D 369 46.02 9.50 37.17
C SER D 369 44.60 10.03 37.35
N TRP D 370 44.46 11.35 37.23
CA TRP D 370 43.15 11.96 37.40
C TRP D 370 42.09 11.48 36.41
N PRO D 371 42.38 11.24 35.12
CA PRO D 371 41.31 10.74 34.25
C PRO D 371 40.73 9.41 34.68
N GLU D 372 41.54 8.51 35.25
CA GLU D 372 41.00 7.23 35.72
C GLU D 372 40.05 7.43 36.90
N THR D 373 40.42 8.29 37.85
CA THR D 373 39.54 8.60 38.96
C THR D 373 38.25 9.25 38.47
N ALA D 374 38.36 10.16 37.51
CA ALA D 374 37.17 10.79 36.94
C ALA D 374 36.29 9.76 36.26
N ASP D 375 36.89 8.80 35.55
CA ASP D 375 36.11 7.76 34.90
C ASP D 375 35.39 6.88 35.91
N ARG D 376 36.06 6.53 37.01
CA ARG D 376 35.40 5.72 38.04
C ARG D 376 34.23 6.48 38.67
N ILE D 377 34.45 7.75 38.99
CA ILE D 377 33.39 8.57 39.58
C ILE D 377 32.23 8.69 38.60
N PHE D 378 32.53 8.92 37.32
CA PHE D 378 31.47 9.01 36.31
C PHE D 378 30.73 7.70 36.17
N PHE D 379 31.43 6.57 36.27
CA PHE D 379 30.74 5.29 36.17
C PHE D 379 29.76 5.12 37.32
N LEU D 380 30.19 5.46 38.54
CA LEU D 380 29.28 5.37 39.68
C LEU D 380 28.08 6.31 39.50
N VAL D 381 28.34 7.55 39.08
CA VAL D 381 27.27 8.51 38.88
C VAL D 381 26.33 8.03 37.77
N TYR D 382 26.88 7.40 36.73
CA TYR D 382 26.09 6.91 35.62
C TYR D 382 25.19 5.77 36.05
N VAL D 383 25.70 4.84 36.86
CA VAL D 383 24.88 3.74 37.35
C VAL D 383 23.76 4.28 38.23
N VAL D 384 24.09 5.21 39.12
CA VAL D 384 23.06 5.81 39.98
C VAL D 384 22.03 6.54 39.15
N GLY D 385 22.47 7.25 38.11
CA GLY D 385 21.55 7.98 37.26
C GLY D 385 20.64 7.06 36.45
N VAL D 386 21.18 5.92 35.99
CA VAL D 386 20.36 4.96 35.27
C VAL D 386 19.29 4.38 36.19
N LEU D 387 19.68 4.01 37.41
CA LEU D 387 18.69 3.49 38.35
C LEU D 387 17.63 4.55 38.68
N CYS D 388 18.07 5.79 38.89
CA CYS D 388 17.13 6.87 39.19
C CYS D 388 16.19 7.12 38.01
N THR D 389 16.73 7.06 36.79
CA THR D 389 15.90 7.26 35.60
C THR D 389 14.87 6.15 35.47
N GLN D 390 15.27 4.91 35.72
CA GLN D 390 14.31 3.80 35.66
C GLN D 390 13.21 3.98 36.69
N PHE D 391 13.59 4.35 37.92
CA PHE D 391 12.58 4.56 38.97
C PHE D 391 11.66 5.72 38.62
N VAL D 392 12.22 6.81 38.09
CA VAL D 392 11.41 7.97 37.73
C VAL D 392 10.43 7.62 36.60
N PHE D 393 10.90 6.87 35.61
CA PHE D 393 10.02 6.47 34.52
C PHE D 393 8.91 5.55 35.02
N ALA D 394 9.25 4.63 35.93
CA ALA D 394 8.22 3.77 36.51
C ALA D 394 7.19 4.58 37.28
N GLY D 395 7.65 5.57 38.05
CA GLY D 395 6.73 6.42 38.79
C GLY D 395 5.84 7.24 37.87
N ILE D 396 6.42 7.77 36.79
CA ILE D 396 5.63 8.54 35.83
C ILE D 396 4.58 7.64 35.18
N TRP D 397 4.97 6.43 34.81
CA TRP D 397 4.02 5.48 34.23
C TRP D 397 2.89 5.17 35.21
N MET D 398 3.24 5.00 36.49
CA MET D 398 2.21 4.71 37.49
C MET D 398 1.25 5.88 37.66
N TRP D 399 1.76 7.10 37.63
CA TRP D 399 0.95 8.30 37.88
C TRP D 399 1.13 9.27 36.72
N ALA D 400 0.31 9.10 35.68
CA ALA D 400 0.33 9.99 34.53
C ALA D 400 -1.10 10.27 34.08
N ALA D 401 -1.30 11.46 33.52
CA ALA D 401 -2.61 11.86 33.05
C ALA D 401 -2.45 12.91 31.96
N CYS D 402 -3.48 13.03 31.12
CA CYS D 402 -3.53 14.05 30.08
C CYS D 402 -4.88 14.75 30.12
N LYS D 403 -4.85 16.06 30.35
CA LYS D 403 -6.05 16.86 30.14
C LYS D 403 -6.46 16.85 28.68
N SER D 404 -5.48 16.92 27.79
CA SER D 404 -5.68 16.93 26.33
C SER D 404 -6.60 18.09 25.98
N ASP D 405 -7.45 17.95 24.97
CA ASP D 405 -8.39 19.01 24.61
C ASP D 405 -9.49 18.39 23.76
N ALA D 406 -10.74 18.69 24.08
CA ALA D 406 -11.85 18.19 23.30
C ALA D 406 -11.82 18.80 21.90
N ALA D 407 -11.96 17.94 20.90
CA ALA D 407 -11.99 18.41 19.53
C ALA D 407 -13.26 19.21 19.27
N PRO D 408 -13.23 20.14 18.30
CA PRO D 408 -14.45 20.92 18.02
C PRO D 408 -15.65 20.04 17.67
N GLY D 409 -15.42 18.94 16.96
CA GLY D 409 -16.50 17.99 16.71
C GLY D 409 -16.97 17.31 17.98
N GLU D 410 -16.04 16.96 18.87
CA GLU D 410 -16.41 16.31 20.12
C GLU D 410 -17.08 17.30 21.07
N ALA D 411 -16.51 18.51 21.19
CA ALA D 411 -17.10 19.52 22.06
C ALA D 411 -18.47 19.97 21.58
N ALA D 412 -18.62 20.15 20.28
CA ALA D 412 -19.89 20.59 19.68
C ALA D 412 -20.27 19.58 18.60
N PRO D 413 -20.97 18.51 18.99
CA PRO D 413 -21.36 17.50 18.00
C PRO D 413 -22.31 18.08 16.96
N HIS D 414 -22.24 17.51 15.76
CA HIS D 414 -23.09 17.97 14.66
C HIS D 414 -24.56 17.71 14.97
N GLY D 415 -25.40 18.67 14.60
CA GLY D 415 -26.83 18.53 14.80
C GLY D 415 -27.27 18.49 16.25
N ARG D 416 -26.73 19.36 17.09
CA ARG D 416 -27.11 19.43 18.50
C ARG D 416 -28.06 20.60 18.71
N ARG D 417 -28.45 20.79 19.98
CA ARG D 417 -29.36 21.86 20.38
C ARG D 417 -30.68 21.80 19.61
N GLN E 55 -39.77 17.48 -17.96
CA GLN E 55 -38.32 17.60 -17.83
C GLN E 55 -37.92 18.97 -17.29
N GLU E 56 -38.92 19.85 -17.13
CA GLU E 56 -38.64 21.18 -16.60
C GLU E 56 -38.22 21.16 -15.14
N SER E 57 -38.54 20.08 -14.41
CA SER E 57 -38.15 19.99 -13.01
C SER E 57 -36.64 19.91 -12.86
N ILE E 58 -35.97 19.22 -13.79
CA ILE E 58 -34.52 19.08 -13.72
C ILE E 58 -33.84 20.42 -13.96
N GLN E 59 -34.50 21.34 -14.66
CA GLN E 59 -33.88 22.63 -14.97
C GLN E 59 -33.70 23.47 -13.73
N ILE E 60 -32.68 24.31 -13.76
CA ILE E 60 -32.35 25.17 -12.61
C ILE E 60 -33.46 26.20 -12.41
N PRO E 61 -33.88 26.46 -11.18
CA PRO E 61 -34.91 27.49 -10.95
C PRO E 61 -34.42 28.86 -11.37
N ASN E 62 -35.36 29.69 -11.80
CA ASN E 62 -35.06 31.04 -12.28
C ASN E 62 -35.33 32.04 -11.16
N ASN E 63 -34.30 32.74 -10.72
CA ASN E 63 -34.43 33.80 -9.73
C ASN E 63 -34.56 35.16 -10.43
N GLY E 64 -35.56 35.23 -11.30
CA GLY E 64 -35.74 36.43 -12.11
C GLY E 64 -34.51 36.72 -12.95
N SER E 65 -34.10 37.99 -12.96
CA SER E 65 -32.90 38.38 -13.70
C SER E 65 -31.63 37.95 -12.95
N ALA E 66 -31.63 38.07 -11.62
CA ALA E 66 -30.45 37.73 -10.84
C ALA E 66 -30.23 36.22 -10.82
N PRO E 67 -28.98 35.78 -10.68
CA PRO E 67 -28.72 34.34 -10.60
C PRO E 67 -29.28 33.74 -9.32
N LEU E 68 -29.61 32.45 -9.39
CA LEU E 68 -30.10 31.74 -8.22
C LEU E 68 -29.03 31.66 -7.16
N LEU E 69 -29.43 31.90 -5.91
CA LEU E 69 -28.52 31.91 -4.79
C LEU E 69 -28.63 30.60 -4.02
N VAL E 70 -27.50 29.92 -3.86
CA VAL E 70 -27.43 28.66 -3.12
C VAL E 70 -26.53 28.89 -1.91
N ASP E 71 -27.09 28.68 -0.72
CA ASP E 71 -26.34 28.84 0.52
C ASP E 71 -25.72 27.50 0.89
N VAL E 72 -24.40 27.46 0.97
CA VAL E 72 -23.66 26.24 1.25
C VAL E 72 -23.03 26.36 2.63
N ARG E 73 -23.29 25.38 3.49
CA ARG E 73 -22.64 25.27 4.78
C ARG E 73 -21.75 24.03 4.78
N VAL E 74 -20.47 24.23 5.08
CA VAL E 74 -19.47 23.17 5.03
C VAL E 74 -19.03 22.86 6.45
N PHE E 75 -19.19 21.59 6.84
CA PHE E 75 -18.69 21.09 8.12
C PHE E 75 -17.51 20.18 7.84
N VAL E 76 -16.34 20.56 8.35
CA VAL E 76 -15.12 19.78 8.15
C VAL E 76 -15.04 18.78 9.30
N SER E 77 -15.43 17.53 9.03
CA SER E 77 -15.48 16.53 10.08
C SER E 77 -14.09 16.11 10.53
N ASN E 78 -13.15 15.99 9.60
CA ASN E 78 -11.83 15.49 9.94
C ASN E 78 -10.87 15.74 8.78
N VAL E 79 -9.59 15.88 9.13
CA VAL E 79 -8.50 15.97 8.16
C VAL E 79 -7.47 14.94 8.60
N PHE E 80 -7.52 13.75 8.01
CA PHE E 80 -6.83 12.59 8.56
C PHE E 80 -5.47 12.31 7.92
N ASN E 81 -5.40 12.18 6.61
CA ASN E 81 -4.12 11.93 5.95
C ASN E 81 -3.55 13.24 5.39
N VAL E 82 -2.35 13.58 5.82
CA VAL E 82 -1.60 14.71 5.28
C VAL E 82 -0.25 14.16 4.84
N ASP E 83 -0.16 13.78 3.56
CA ASP E 83 1.03 13.13 3.01
C ASP E 83 1.91 14.18 2.36
N ILE E 84 3.01 14.52 3.02
CA ILE E 84 3.94 15.50 2.47
C ILE E 84 4.62 14.95 1.23
N LEU E 85 4.91 13.65 1.23
CA LEU E 85 5.57 13.04 0.08
C LEU E 85 4.70 13.14 -1.18
N ARG E 86 3.41 12.90 -1.04
CA ARG E 86 2.48 12.98 -2.16
C ARG E 86 1.88 14.37 -2.34
N TYR E 87 2.17 15.30 -1.42
CA TYR E 87 1.65 16.66 -1.49
C TYR E 87 0.12 16.68 -1.53
N THR E 88 -0.50 15.75 -0.80
CA THR E 88 -1.95 15.62 -0.80
C THR E 88 -2.46 15.65 0.64
N MET E 89 -3.67 16.18 0.81
CA MET E 89 -4.33 16.25 2.10
C MET E 89 -5.71 15.62 1.97
N SER E 90 -6.04 14.71 2.87
CA SER E 90 -7.31 14.00 2.83
C SER E 90 -8.23 14.55 3.91
N SER E 91 -9.48 14.82 3.54
CA SER E 91 -10.42 15.45 4.44
C SER E 91 -11.80 14.83 4.26
N MET E 92 -12.67 15.08 5.24
CA MET E 92 -14.06 14.66 5.22
C MET E 92 -14.95 15.86 5.42
N LEU E 93 -15.94 16.03 4.55
CA LEU E 93 -16.78 17.23 4.57
C LEU E 93 -18.25 16.84 4.52
N LEU E 94 -19.07 17.69 5.13
CA LEU E 94 -20.52 17.63 5.00
C LEU E 94 -20.99 18.95 4.42
N LEU E 95 -21.62 18.90 3.25
CA LEU E 95 -22.13 20.08 2.58
C LEU E 95 -23.65 20.11 2.71
N ARG E 96 -24.17 21.18 3.28
CA ARG E 96 -25.60 21.43 3.34
C ARG E 96 -25.91 22.57 2.38
N LEU E 97 -26.58 22.25 1.29
CA LEU E 97 -26.90 23.22 0.24
C LEU E 97 -28.38 23.54 0.33
N SER E 98 -28.70 24.82 0.49
CA SER E 98 -30.08 25.28 0.60
C SER E 98 -30.36 26.28 -0.51
N TRP E 99 -31.48 26.08 -1.20
CA TRP E 99 -31.93 27.04 -2.20
C TRP E 99 -33.45 27.09 -2.17
N LEU E 100 -34.03 27.89 -3.05
CA LEU E 100 -35.47 28.06 -3.13
C LEU E 100 -35.96 27.62 -4.50
N ASP E 101 -36.95 26.73 -4.51
CA ASP E 101 -37.56 26.20 -5.74
C ASP E 101 -39.07 26.37 -5.59
N THR E 102 -39.59 27.49 -6.07
CA THR E 102 -41.02 27.77 -5.94
C THR E 102 -41.87 26.78 -6.73
N ARG E 103 -41.30 26.10 -7.73
CA ARG E 103 -42.06 25.12 -8.49
C ARG E 103 -42.43 23.90 -7.66
N LEU E 104 -41.70 23.63 -6.58
CA LEU E 104 -41.98 22.49 -5.73
C LEU E 104 -42.90 22.81 -4.56
N ALA E 105 -43.29 24.07 -4.40
CA ALA E 105 -44.18 24.44 -3.30
C ALA E 105 -45.56 23.84 -3.52
N TRP E 106 -46.18 23.41 -2.42
CA TRP E 106 -47.51 22.82 -2.47
C TRP E 106 -48.38 23.44 -1.38
N ASN E 107 -49.68 23.49 -1.64
CA ASN E 107 -50.62 24.00 -0.65
C ASN E 107 -50.73 23.03 0.52
N THR E 108 -50.78 23.59 1.73
CA THR E 108 -50.87 22.76 2.93
C THR E 108 -52.21 22.06 3.05
N SER E 109 -53.24 22.57 2.39
CA SER E 109 -54.55 21.93 2.47
C SER E 109 -54.58 20.63 1.69
N ALA E 110 -54.03 20.62 0.47
CA ALA E 110 -54.01 19.41 -0.33
C ALA E 110 -53.13 18.33 0.30
N HIS E 111 -51.95 18.73 0.78
CA HIS E 111 -51.01 17.80 1.39
C HIS E 111 -50.67 18.26 2.80
N PRO E 112 -50.89 17.44 3.83
CA PRO E 112 -50.63 17.90 5.21
C PRO E 112 -49.17 17.80 5.63
N ARG E 113 -48.30 17.21 4.81
CA ARG E 113 -46.90 17.08 5.17
C ARG E 113 -46.21 18.44 5.08
N HIS E 114 -45.46 18.79 6.13
CA HIS E 114 -44.71 20.04 6.13
C HIS E 114 -43.36 19.93 5.41
N ALA E 115 -42.91 18.71 5.11
CA ALA E 115 -41.66 18.51 4.40
C ALA E 115 -41.68 17.16 3.73
N ILE E 116 -41.11 17.08 2.53
CA ILE E 116 -41.06 15.85 1.76
C ILE E 116 -39.61 15.57 1.36
N THR E 117 -39.35 14.32 1.02
CA THR E 117 -38.05 13.87 0.56
C THR E 117 -38.16 13.38 -0.87
N LEU E 118 -37.21 13.79 -1.71
CA LEU E 118 -37.18 13.41 -3.11
C LEU E 118 -35.83 12.80 -3.44
N PRO E 119 -35.78 11.90 -4.42
CA PRO E 119 -34.49 11.31 -4.81
C PRO E 119 -33.58 12.36 -5.45
N TRP E 120 -32.33 11.94 -5.67
CA TRP E 120 -31.31 12.85 -6.16
C TRP E 120 -31.63 13.39 -7.54
N GLU E 121 -32.17 12.54 -8.42
CA GLU E 121 -32.39 12.90 -9.81
C GLU E 121 -33.81 13.38 -10.10
N SER E 122 -34.65 13.54 -9.08
CA SER E 122 -36.02 13.96 -9.30
C SER E 122 -36.18 15.48 -9.32
N LEU E 123 -35.13 16.23 -9.01
CA LEU E 123 -35.20 17.69 -8.99
C LEU E 123 -33.81 18.23 -9.27
N TRP E 124 -33.75 19.52 -9.59
CA TRP E 124 -32.46 20.14 -9.87
C TRP E 124 -31.62 20.22 -8.61
N THR E 125 -30.39 19.71 -8.70
CA THR E 125 -29.43 19.78 -7.62
C THR E 125 -28.10 20.14 -8.26
N PRO E 126 -27.38 21.13 -7.73
CA PRO E 126 -26.08 21.49 -8.33
C PRO E 126 -25.10 20.33 -8.25
N ARG E 127 -24.34 20.14 -9.33
CA ARG E 127 -23.32 19.09 -9.39
C ARG E 127 -21.98 19.73 -9.07
N LEU E 128 -21.50 19.49 -7.85
CA LEU E 128 -20.24 20.07 -7.39
C LEU E 128 -19.09 19.15 -7.77
N THR E 129 -18.02 19.76 -8.30
CA THR E 129 -16.81 19.03 -8.67
C THR E 129 -15.62 19.74 -8.02
N ILE E 130 -14.68 18.96 -7.51
CA ILE E 130 -13.49 19.49 -6.86
C ILE E 130 -12.32 19.30 -7.80
N LEU E 131 -11.67 20.40 -8.18
CA LEU E 131 -10.58 20.34 -9.15
C LEU E 131 -9.32 19.74 -8.53
N GLU E 132 -9.00 20.13 -7.30
CA GLU E 132 -7.78 19.68 -6.66
C GLU E 132 -7.90 18.28 -6.07
N ALA E 133 -9.09 17.71 -6.05
CA ALA E 133 -9.31 16.43 -5.38
C ALA E 133 -8.84 15.28 -6.26
N LEU E 134 -7.86 14.52 -5.76
CA LEU E 134 -7.41 13.32 -6.46
C LEU E 134 -8.55 12.33 -6.62
N TRP E 135 -9.31 12.11 -5.55
CA TRP E 135 -10.49 11.28 -5.60
C TRP E 135 -11.51 11.82 -4.61
N VAL E 136 -12.79 11.65 -4.95
CA VAL E 136 -13.91 12.02 -4.09
C VAL E 136 -14.80 10.80 -3.93
N ASP E 137 -15.09 10.45 -2.68
CA ASP E 137 -15.99 9.35 -2.36
C ASP E 137 -17.21 9.93 -1.67
N TRP E 138 -18.36 9.84 -2.33
CA TRP E 138 -19.61 10.31 -1.75
C TRP E 138 -20.22 9.20 -0.90
N ARG E 139 -20.47 9.50 0.37
CA ARG E 139 -20.97 8.50 1.31
C ARG E 139 -22.46 8.22 1.13
N ASP E 140 -23.06 8.63 0.03
CA ASP E 140 -24.46 8.35 -0.25
C ASP E 140 -24.64 8.33 -1.76
N GLN E 141 -24.68 7.14 -2.34
CA GLN E 141 -24.84 7.00 -3.79
C GLN E 141 -26.20 7.50 -4.28
N SER E 142 -27.21 7.49 -3.42
CA SER E 142 -28.55 7.95 -3.77
C SER E 142 -29.02 8.95 -2.71
N PRO E 143 -28.47 10.16 -2.73
CA PRO E 143 -28.88 11.17 -1.75
C PRO E 143 -30.31 11.63 -1.99
N GLN E 144 -30.95 12.07 -0.91
CA GLN E 144 -32.33 12.54 -0.96
C GLN E 144 -32.37 14.00 -0.53
N ALA E 145 -32.98 14.83 -1.37
CA ALA E 145 -33.18 16.24 -1.05
C ALA E 145 -34.47 16.41 -0.26
N ARG E 146 -34.49 17.43 0.59
CA ARG E 146 -35.64 17.72 1.43
C ARG E 146 -36.26 19.05 1.01
N VAL E 147 -37.56 19.03 0.74
CA VAL E 147 -38.30 20.19 0.26
C VAL E 147 -39.38 20.54 1.26
N ASP E 148 -39.42 21.80 1.67
CA ASP E 148 -40.46 22.29 2.57
C ASP E 148 -41.69 22.69 1.78
N GLN E 149 -42.76 23.04 2.51
CA GLN E 149 -43.99 23.46 1.86
C GLN E 149 -43.84 24.79 1.14
N ASP E 150 -42.88 25.61 1.54
CA ASP E 150 -42.65 26.91 0.91
C ASP E 150 -41.73 26.81 -0.30
N GLY E 151 -41.22 25.62 -0.61
CA GLY E 151 -40.34 25.42 -1.74
C GLY E 151 -38.86 25.40 -1.41
N HIS E 152 -38.49 25.66 -0.16
CA HIS E 152 -37.09 25.62 0.22
C HIS E 152 -36.57 24.19 0.13
N VAL E 153 -35.42 24.01 -0.52
CA VAL E 153 -34.81 22.72 -0.73
C VAL E 153 -33.48 22.68 0.00
N LYS E 154 -33.28 21.66 0.83
CA LYS E 154 -32.03 21.41 1.54
C LYS E 154 -31.50 20.04 1.15
N LEU E 155 -30.21 19.99 0.82
CA LEU E 155 -29.55 18.76 0.41
C LEU E 155 -28.28 18.59 1.22
N ASN E 156 -28.12 17.41 1.83
CA ASN E 156 -26.95 17.09 2.64
C ASN E 156 -26.11 16.04 1.92
N LEU E 157 -24.83 16.35 1.75
CA LEU E 157 -23.90 15.46 1.05
C LEU E 157 -22.65 15.28 1.90
N ALA E 158 -22.34 14.03 2.25
CA ALA E 158 -21.13 13.70 2.98
C ALA E 158 -20.13 13.11 2.02
N LEU E 159 -18.93 13.69 1.98
CA LEU E 159 -17.93 13.27 1.00
C LEU E 159 -16.55 13.26 1.63
N ALA E 160 -15.77 12.22 1.32
CA ALA E 160 -14.38 12.13 1.72
C ALA E 160 -13.52 12.34 0.50
N THR E 161 -12.64 13.34 0.54
CA THR E 161 -11.85 13.72 -0.61
C THR E 161 -10.37 13.67 -0.29
N GLU E 162 -9.55 13.49 -1.32
CA GLU E 162 -8.10 13.63 -1.21
C GLU E 162 -7.69 14.75 -2.16
N THR E 163 -7.56 15.96 -1.62
CA THR E 163 -7.25 17.12 -2.44
C THR E 163 -5.75 17.37 -2.48
N ASN E 164 -5.35 18.29 -3.34
CA ASN E 164 -3.96 18.68 -3.52
C ASN E 164 -3.66 19.90 -2.68
N CYS E 165 -2.61 19.82 -1.87
CA CYS E 165 -2.17 20.94 -1.04
C CYS E 165 -0.70 21.22 -1.33
N ASN E 166 -0.38 22.48 -1.57
CA ASN E 166 0.99 22.90 -1.85
C ASN E 166 1.64 23.27 -0.51
N PHE E 167 2.23 22.27 0.13
CA PHE E 167 2.87 22.49 1.42
C PHE E 167 4.12 23.34 1.26
N GLU E 168 4.30 24.30 2.18
CA GLU E 168 5.50 25.12 2.23
C GLU E 168 6.48 24.43 3.18
N LEU E 169 7.19 23.44 2.66
CA LEU E 169 8.06 22.58 3.45
C LEU E 169 9.43 23.19 3.68
N LEU E 170 9.60 24.50 3.51
CA LEU E 170 10.90 25.10 3.72
C LEU E 170 11.35 24.95 5.17
N HIS E 171 10.43 25.13 6.12
CA HIS E 171 10.74 25.10 7.54
C HIS E 171 10.30 23.80 8.19
N PHE E 172 10.39 22.68 7.48
CA PHE E 172 10.04 21.39 8.05
C PHE E 172 10.95 21.10 9.24
N PRO E 173 10.41 20.53 10.34
CA PRO E 173 9.04 20.06 10.52
C PRO E 173 8.08 21.07 11.14
N ARG E 174 8.42 22.35 11.14
CA ARG E 174 7.54 23.40 11.65
C ARG E 174 7.15 24.29 10.47
N ASP E 175 6.13 23.88 9.74
CA ASP E 175 5.73 24.53 8.51
C ASP E 175 4.23 24.82 8.53
N HIS E 176 3.86 25.95 7.94
CA HIS E 176 2.47 26.35 7.82
C HIS E 176 2.08 26.33 6.35
N SER E 177 1.00 25.61 6.02
CA SER E 177 0.58 25.43 4.65
C SER E 177 -0.87 25.85 4.49
N ASN E 178 -1.24 26.22 3.27
CA ASN E 178 -2.60 26.57 2.94
C ASN E 178 -3.15 25.52 1.97
N CYS E 179 -4.25 24.89 2.36
CA CYS E 179 -4.93 23.90 1.52
C CYS E 179 -6.27 24.46 1.09
N SER E 180 -6.52 24.45 -0.21
CA SER E 180 -7.74 25.00 -0.78
C SER E 180 -8.55 23.89 -1.44
N LEU E 181 -9.81 23.78 -1.07
CA LEU E 181 -10.76 22.86 -1.69
C LEU E 181 -11.77 23.70 -2.46
N SER E 182 -11.72 23.64 -3.78
CA SER E 182 -12.57 24.46 -4.63
C SER E 182 -13.68 23.60 -5.21
N PHE E 183 -14.93 23.98 -4.95
CA PHE E 183 -16.10 23.32 -5.51
C PHE E 183 -16.63 24.16 -6.65
N TYR E 184 -16.74 23.56 -7.83
CA TYR E 184 -17.20 24.22 -9.04
C TYR E 184 -18.50 23.59 -9.50
N ALA E 185 -19.40 24.41 -10.03
CA ALA E 185 -20.59 23.93 -10.70
C ALA E 185 -20.34 24.07 -12.20
N LEU E 186 -19.67 23.05 -12.76
CA LEU E 186 -19.20 23.14 -14.14
C LEU E 186 -20.35 23.23 -15.13
N SER E 187 -21.44 22.49 -14.89
CA SER E 187 -22.56 22.49 -15.81
C SER E 187 -23.34 23.80 -15.80
N ASN E 188 -23.06 24.70 -14.87
CA ASN E 188 -23.80 25.96 -14.75
C ASN E 188 -22.87 27.14 -14.99
N THR E 189 -23.48 28.31 -15.15
CA THR E 189 -22.76 29.57 -15.33
C THR E 189 -23.10 30.52 -14.19
N ALA E 190 -22.22 31.51 -14.00
CA ALA E 190 -22.41 32.47 -12.93
C ALA E 190 -23.66 33.31 -13.11
N MET E 191 -24.13 33.47 -14.35
CA MET E 191 -25.35 34.21 -14.60
C MET E 191 -26.59 33.46 -14.12
N GLU E 192 -26.49 32.17 -13.83
CA GLU E 192 -27.61 31.38 -13.35
C GLU E 192 -27.46 30.90 -11.92
N LEU E 193 -26.24 30.61 -11.48
CA LEU E 193 -25.98 30.06 -10.16
C LEU E 193 -25.03 30.95 -9.39
N GLU E 194 -25.34 31.17 -8.12
CA GLU E 194 -24.49 31.93 -7.22
C GLU E 194 -24.37 31.18 -5.90
N PHE E 195 -23.18 31.21 -5.32
CA PHE E 195 -22.88 30.45 -4.11
C PHE E 195 -22.62 31.38 -2.94
N GLN E 196 -23.10 30.97 -1.76
CA GLN E 196 -22.83 31.65 -0.50
C GLN E 196 -22.34 30.61 0.49
N ALA E 197 -21.04 30.60 0.75
CA ALA E 197 -20.41 29.52 1.49
C ALA E 197 -20.06 29.95 2.91
N HIS E 198 -20.33 29.05 3.86
CA HIS E 198 -19.90 29.22 5.24
C HIS E 198 -19.26 27.90 5.70
N VAL E 199 -18.28 28.01 6.59
CA VAL E 199 -17.57 26.85 7.10
C VAL E 199 -17.76 26.77 8.61
N VAL E 200 -17.99 25.56 9.10
CA VAL E 200 -18.12 25.29 10.52
C VAL E 200 -17.03 24.30 10.91
N ASN E 201 -16.24 24.65 11.91
CA ASN E 201 -15.15 23.80 12.37
C ASN E 201 -15.73 22.72 13.27
N GLU E 202 -15.94 21.53 12.71
CA GLU E 202 -16.46 20.39 13.44
C GLU E 202 -15.47 19.23 13.38
N ILE E 203 -14.17 19.55 13.42
CA ILE E 203 -13.15 18.52 13.32
C ILE E 203 -13.18 17.64 14.57
N VAL E 204 -13.17 16.33 14.36
CA VAL E 204 -13.31 15.38 15.46
C VAL E 204 -11.97 14.86 15.97
N SER E 205 -10.89 15.02 15.20
CA SER E 205 -9.56 14.57 15.61
C SER E 205 -8.67 15.78 15.86
N VAL E 206 -8.06 15.81 17.04
CA VAL E 206 -7.18 16.92 17.40
C VAL E 206 -5.76 16.46 17.75
N LYS E 207 -5.54 15.18 18.04
CA LYS E 207 -4.23 14.69 18.45
C LYS E 207 -3.41 14.15 17.29
N ARG E 208 -3.63 14.65 16.09
CA ARG E 208 -2.85 14.23 14.94
C ARG E 208 -1.63 15.11 14.77
N GLU E 209 -0.73 14.69 13.86
CA GLU E 209 0.49 15.46 13.63
C GLU E 209 0.20 16.83 13.08
N TYR E 210 -0.74 16.94 12.14
CA TYR E 210 -1.10 18.21 11.52
C TYR E 210 -2.41 18.71 12.10
N VAL E 211 -2.44 19.97 12.50
CA VAL E 211 -3.58 20.57 13.18
C VAL E 211 -4.11 21.71 12.31
N VAL E 212 -5.41 21.68 12.04
CA VAL E 212 -6.07 22.74 11.31
C VAL E 212 -6.50 23.80 12.31
N TYR E 213 -6.02 25.04 12.14
CA TYR E 213 -6.32 26.11 13.07
C TYR E 213 -7.09 27.27 12.48
N ASP E 214 -7.10 27.42 11.15
CA ASP E 214 -7.83 28.51 10.51
C ASP E 214 -8.62 27.94 9.34
N LEU E 215 -9.91 28.28 9.27
CA LEU E 215 -10.79 27.87 8.19
C LEU E 215 -11.58 29.06 7.69
N LYS E 216 -11.68 29.18 6.37
CA LYS E 216 -12.41 30.28 5.76
C LYS E 216 -13.03 29.77 4.47
N THR E 217 -14.07 30.49 4.01
CA THR E 217 -14.68 30.23 2.71
C THR E 217 -14.71 31.52 1.92
N GLN E 218 -14.53 31.41 0.61
CA GLN E 218 -14.56 32.59 -0.24
C GLN E 218 -15.04 32.22 -1.62
N VAL E 219 -15.79 33.12 -2.23
CA VAL E 219 -16.29 32.99 -3.60
C VAL E 219 -15.47 33.92 -4.47
N PRO E 220 -14.56 33.41 -5.29
CA PRO E 220 -13.70 34.28 -6.10
C PRO E 220 -14.52 35.14 -7.05
N PRO E 221 -14.12 36.39 -7.26
CA PRO E 221 -14.86 37.26 -8.18
C PRO E 221 -14.42 37.03 -9.62
N GLN E 222 -15.17 37.64 -10.53
CA GLN E 222 -14.90 37.56 -11.97
C GLN E 222 -14.82 36.10 -12.43
N GLN E 223 -15.77 35.30 -11.98
CA GLN E 223 -15.83 33.88 -12.30
C GLN E 223 -16.92 33.63 -13.31
N LEU E 224 -16.60 32.83 -14.34
CA LEU E 224 -17.62 32.42 -15.29
C LEU E 224 -18.37 31.18 -14.78
N VAL E 225 -17.62 30.19 -14.30
CA VAL E 225 -18.21 29.00 -13.70
C VAL E 225 -18.39 29.28 -12.20
N PRO E 226 -19.61 29.16 -11.67
CA PRO E 226 -19.82 29.45 -10.26
C PRO E 226 -19.05 28.45 -9.38
N CYS E 227 -18.35 28.98 -8.39
CA CYS E 227 -17.50 28.14 -7.55
C CYS E 227 -17.33 28.82 -6.20
N PHE E 228 -16.95 28.02 -5.21
CA PHE E 228 -16.60 28.51 -3.89
C PHE E 228 -15.48 27.64 -3.34
N GLN E 229 -14.52 28.27 -2.67
CA GLN E 229 -13.37 27.54 -2.16
C GLN E 229 -13.23 27.70 -0.65
N VAL E 230 -12.96 26.58 0.00
CA VAL E 230 -12.68 26.53 1.43
C VAL E 230 -11.18 26.46 1.61
N THR E 231 -10.62 27.44 2.32
CA THR E 231 -9.19 27.53 2.58
C THR E 231 -8.94 27.21 4.05
N LEU E 232 -8.06 26.24 4.30
CA LEU E 232 -7.70 25.87 5.65
C LEU E 232 -6.19 25.95 5.82
N ARG E 233 -5.77 26.27 7.04
CA ARG E 233 -4.36 26.44 7.37
C ARG E 233 -3.91 25.24 8.19
N LEU E 234 -2.85 24.58 7.74
CA LEU E 234 -2.33 23.38 8.37
C LEU E 234 -0.97 23.68 8.98
N LYS E 235 -0.82 23.35 10.26
CA LYS E 235 0.45 23.47 10.94
C LYS E 235 0.90 22.11 11.45
N ASN E 236 2.21 21.90 11.47
CA ASN E 236 2.79 20.63 11.89
C ASN E 236 3.26 20.76 13.34
N THR E 237 2.74 19.89 14.20
CA THR E 237 3.11 19.87 15.61
C THR E 237 3.67 18.52 16.01
N ALA E 238 4.28 17.81 15.07
CA ALA E 238 4.79 16.47 15.30
C ALA E 238 6.21 16.52 15.83
N LEU E 239 6.44 15.87 16.96
CA LEU E 239 7.77 15.72 17.54
C LEU E 239 8.46 14.45 17.07
N LYS E 240 7.80 13.65 16.23
CA LYS E 240 8.40 12.40 15.78
C LYS E 240 9.67 12.65 14.99
N SER E 241 9.63 13.59 14.04
CA SER E 241 10.78 13.85 13.20
C SER E 241 11.95 14.38 14.01
N ILE E 242 11.69 15.34 14.91
CA ILE E 242 12.76 15.93 15.71
C ILE E 242 13.43 14.86 16.56
N ILE E 243 12.65 14.18 17.39
CA ILE E 243 13.20 13.17 18.29
C ILE E 243 13.89 12.06 17.49
N ALA E 244 13.32 11.68 16.36
CA ALA E 244 13.86 10.56 15.59
C ALA E 244 15.20 10.91 14.95
N LEU E 245 15.33 12.12 14.42
CA LEU E 245 16.48 12.41 13.55
C LEU E 245 17.32 13.61 13.95
N LEU E 246 16.74 14.69 14.47
CA LEU E 246 17.54 15.88 14.75
C LEU E 246 18.38 15.72 16.00
N VAL E 247 17.77 15.22 17.09
CA VAL E 247 18.54 14.98 18.32
C VAL E 247 19.65 13.96 18.09
N PRO E 248 19.41 12.80 17.48
CA PRO E 248 20.52 11.88 17.20
C PRO E 248 21.59 12.48 16.29
N ALA E 249 21.20 13.31 15.31
CA ALA E 249 22.20 13.92 14.43
C ALA E 249 23.10 14.87 15.20
N GLU E 250 22.51 15.73 16.03
CA GLU E 250 23.32 16.64 16.84
C GLU E 250 24.18 15.86 17.83
N ALA E 251 23.64 14.78 18.39
CA ALA E 251 24.42 13.94 19.29
C ALA E 251 25.62 13.33 18.59
N LEU E 252 25.42 12.83 17.36
CA LEU E 252 26.52 12.26 16.60
C LEU E 252 27.55 13.31 16.25
N LEU E 253 27.11 14.52 15.88
CA LEU E 253 28.04 15.60 15.58
C LEU E 253 28.89 15.95 16.79
N LEU E 254 28.24 16.09 17.96
CA LEU E 254 28.97 16.40 19.18
C LEU E 254 29.92 15.26 19.55
N ALA E 255 29.50 14.01 19.33
CA ALA E 255 30.37 12.88 19.60
C ALA E 255 31.60 12.90 18.70
N ASP E 256 31.42 13.24 17.43
CA ASP E 256 32.57 13.34 16.52
C ASP E 256 33.50 14.47 16.95
N VAL E 257 32.93 15.61 17.36
CA VAL E 257 33.76 16.72 17.84
C VAL E 257 34.57 16.28 19.05
N CYS E 258 33.93 15.59 19.99
CA CYS E 258 34.64 15.11 21.17
C CYS E 258 35.70 14.08 20.80
N GLY E 259 35.41 13.19 19.85
CA GLY E 259 36.37 12.20 19.41
C GLY E 259 37.54 12.79 18.67
N GLY E 260 37.40 14.02 18.17
CA GLY E 260 38.55 14.71 17.60
C GLY E 260 39.70 14.88 18.57
N LEU E 261 39.44 14.85 19.87
CA LEU E 261 40.49 14.97 20.86
C LEU E 261 41.32 13.70 21.02
N LEU E 262 40.92 12.59 20.43
CA LEU E 262 41.73 11.39 20.51
C LEU E 262 43.06 11.61 19.79
N PRO E 263 44.15 11.09 20.33
CA PRO E 263 45.46 11.31 19.71
C PRO E 263 45.52 10.67 18.33
N LEU E 264 46.34 11.28 17.46
CA LEU E 264 46.47 10.80 16.10
C LEU E 264 47.03 9.38 16.05
N ARG E 265 47.92 9.04 16.97
CA ARG E 265 48.54 7.73 16.99
C ARG E 265 47.63 6.65 17.55
N ALA E 266 46.47 7.02 18.10
CA ALA E 266 45.55 6.03 18.64
C ALA E 266 44.84 5.31 17.51
N ILE E 267 44.95 3.98 17.48
CA ILE E 267 44.30 3.20 16.43
C ILE E 267 42.78 3.25 16.60
N GLU E 268 42.29 3.37 17.83
CA GLU E 268 40.86 3.40 18.08
C GLU E 268 40.20 4.64 17.52
N ARG E 269 40.97 5.69 17.22
CA ARG E 269 40.38 6.92 16.69
C ARG E 269 39.72 6.68 15.33
N ILE E 270 40.39 5.93 14.45
CA ILE E 270 39.89 5.76 13.10
C ILE E 270 38.58 4.97 13.09
N GLY E 271 38.56 3.84 13.79
CA GLY E 271 37.36 3.01 13.78
C GLY E 271 36.17 3.72 14.38
N TYR E 272 36.40 4.48 15.45
CA TYR E 272 35.32 5.24 16.08
C TYR E 272 34.73 6.26 15.11
N LYS E 273 35.60 6.99 14.40
CA LYS E 273 35.14 7.97 13.43
C LYS E 273 34.36 7.30 12.29
N VAL E 274 34.85 6.15 11.81
CA VAL E 274 34.17 5.50 10.70
C VAL E 274 32.82 4.95 11.13
N THR E 275 32.73 4.42 12.36
CA THR E 275 31.44 3.94 12.84
C THR E 275 30.45 5.09 13.00
N LEU E 276 30.90 6.23 13.51
CA LEU E 276 30.03 7.40 13.57
C LEU E 276 29.60 7.83 12.18
N LEU E 277 30.51 7.79 11.22
CA LEU E 277 30.18 8.15 9.85
C LEU E 277 29.14 7.22 9.26
N LEU E 278 29.27 5.91 9.52
CA LEU E 278 28.28 4.96 9.02
C LEU E 278 26.92 5.19 9.65
N SER E 279 26.90 5.44 10.97
CA SER E 279 25.63 5.72 11.64
C SER E 279 24.97 6.96 11.07
N TYR E 280 25.76 8.02 10.84
CA TYR E 280 25.20 9.23 10.26
C TYR E 280 24.74 9.02 8.83
N LEU E 281 25.45 8.17 8.07
CA LEU E 281 25.00 7.86 6.72
C LEU E 281 23.64 7.19 6.73
N VAL E 282 23.46 6.22 7.64
CA VAL E 282 22.17 5.54 7.75
C VAL E 282 21.08 6.54 8.13
N LEU E 283 21.37 7.40 9.10
CA LEU E 283 20.38 8.37 9.56
C LEU E 283 20.03 9.37 8.45
N HIS E 284 21.04 9.83 7.70
CA HIS E 284 20.81 10.76 6.61
C HIS E 284 19.97 10.13 5.51
N SER E 285 20.28 8.87 5.16
CA SER E 285 19.46 8.18 4.17
C SER E 285 18.03 8.06 4.63
N SER E 286 17.82 7.72 5.90
CA SER E 286 16.47 7.63 6.42
C SER E 286 15.74 8.96 6.34
N LEU E 287 16.42 10.05 6.72
CA LEU E 287 15.79 11.37 6.68
C LEU E 287 15.41 11.75 5.25
N VAL E 288 16.35 11.62 4.31
CA VAL E 288 16.06 12.05 2.94
C VAL E 288 14.99 11.17 2.32
N GLN E 289 14.97 9.88 2.64
CA GLN E 289 13.88 9.02 2.17
C GLN E 289 12.54 9.43 2.78
N ALA E 290 12.56 9.94 4.01
CA ALA E 290 11.34 10.35 4.70
C ALA E 290 10.89 11.76 4.36
N LEU E 291 11.63 12.49 3.52
CA LEU E 291 11.27 13.85 3.19
C LEU E 291 11.10 14.02 1.69
N PRO E 292 10.09 14.74 1.24
CA PRO E 292 9.91 14.96 -0.20
C PRO E 292 10.88 15.99 -0.74
N SER E 293 11.04 15.95 -2.06
CA SER E 293 11.89 16.90 -2.77
C SER E 293 11.02 17.86 -3.54
N SER E 294 11.27 19.15 -3.36
CA SER E 294 10.54 20.20 -4.07
C SER E 294 11.37 20.70 -5.24
N SER E 295 10.67 21.19 -6.26
CA SER E 295 11.37 21.72 -7.44
C SER E 295 12.16 22.98 -7.09
N SER E 296 11.61 23.84 -6.25
CA SER E 296 12.20 25.15 -5.98
C SER E 296 12.77 25.27 -4.57
N CYS E 297 11.96 25.04 -3.55
CA CYS E 297 12.39 25.21 -2.15
C CYS E 297 12.31 23.86 -1.43
N ASN E 298 13.42 23.12 -1.46
CA ASN E 298 13.53 21.94 -0.63
C ASN E 298 13.66 22.37 0.83
N PRO E 299 13.30 21.49 1.76
CA PRO E 299 13.43 21.83 3.18
C PRO E 299 14.88 22.15 3.54
N LEU E 300 15.05 23.14 4.42
CA LEU E 300 16.39 23.47 4.89
C LEU E 300 17.01 22.34 5.70
N LEU E 301 16.17 21.43 6.21
CA LEU E 301 16.68 20.34 7.03
C LEU E 301 17.60 19.43 6.23
N ILE E 302 17.25 19.14 4.97
CA ILE E 302 18.08 18.25 4.17
C ILE E 302 19.41 18.92 3.85
N TYR E 303 19.40 20.24 3.60
CA TYR E 303 20.66 20.94 3.37
C TYR E 303 21.53 20.94 4.62
N TYR E 304 20.92 21.15 5.78
CA TYR E 304 21.68 21.14 7.03
C TYR E 304 22.28 19.78 7.30
N PHE E 305 21.50 18.71 7.06
CA PHE E 305 22.03 17.37 7.27
C PHE E 305 23.11 17.02 6.25
N THR E 306 22.97 17.50 5.01
CA THR E 306 24.02 17.27 4.03
C THR E 306 25.31 17.98 4.44
N ILE E 307 25.19 19.20 4.96
CA ILE E 307 26.37 19.93 5.42
C ILE E 307 27.03 19.19 6.58
N LEU E 308 26.22 18.69 7.52
CA LEU E 308 26.79 17.95 8.64
C LEU E 308 27.46 16.65 8.17
N LEU E 309 26.85 15.97 7.20
CA LEU E 309 27.45 14.75 6.66
C LEU E 309 28.77 15.06 5.97
N LEU E 310 28.83 16.16 5.22
CA LEU E 310 30.08 16.56 4.59
C LEU E 310 31.13 16.91 5.64
N LEU E 311 30.72 17.55 6.73
CA LEU E 311 31.66 17.84 7.81
C LEU E 311 32.20 16.55 8.44
N LEU E 312 31.33 15.56 8.66
CA LEU E 312 31.79 14.30 9.21
C LEU E 312 32.73 13.58 8.26
N PHE E 313 32.41 13.58 6.96
CA PHE E 313 33.32 13.00 5.98
C PHE E 313 34.67 13.72 5.98
N LEU E 314 34.65 15.04 6.06
CA LEU E 314 35.90 15.80 6.08
C LEU E 314 36.72 15.45 7.32
N SER E 315 36.06 15.35 8.47
CA SER E 315 36.78 14.99 9.69
C SER E 315 37.39 13.60 9.59
N THR E 316 36.62 12.63 9.10
CA THR E 316 37.13 11.27 8.97
C THR E 316 38.28 11.20 7.98
N ILE E 317 38.15 11.89 6.84
CA ILE E 317 39.20 11.89 5.83
C ILE E 317 40.46 12.53 6.36
N GLU E 318 40.32 13.66 7.07
CA GLU E 318 41.50 14.30 7.66
C GLU E 318 42.16 13.39 8.67
N THR E 319 41.38 12.75 9.53
CA THR E 319 41.94 11.85 10.53
C THR E 319 42.71 10.72 9.87
N VAL E 320 42.12 10.10 8.85
CA VAL E 320 42.78 8.98 8.17
C VAL E 320 44.04 9.45 7.47
N LEU E 321 43.97 10.59 6.77
CA LEU E 321 45.12 11.08 6.03
C LEU E 321 46.27 11.40 6.97
N LEU E 322 45.98 12.08 8.09
CA LEU E 322 47.05 12.46 8.99
C LEU E 322 47.60 11.26 9.76
N ALA E 323 46.75 10.30 10.10
CA ALA E 323 47.26 9.07 10.71
C ALA E 323 48.17 8.31 9.76
N GLY E 324 47.78 8.23 8.49
CA GLY E 324 48.64 7.58 7.51
C GLY E 324 49.96 8.30 7.33
N LEU E 325 49.91 9.64 7.25
CA LEU E 325 51.15 10.40 7.09
C LEU E 325 52.07 10.25 8.29
N LEU E 326 51.50 10.28 9.50
CA LEU E 326 52.31 10.09 10.70
C LEU E 326 52.91 8.70 10.76
N ALA E 327 52.12 7.68 10.39
CA ALA E 327 52.62 6.31 10.44
C ALA E 327 53.73 6.07 9.43
N ARG E 328 53.70 6.77 8.30
CA ARG E 328 54.73 6.62 7.27
C ARG E 328 56.08 7.14 7.77
N ARG E 368 57.02 16.64 19.12
CA ARG E 368 55.75 16.75 18.42
C ARG E 368 55.97 16.93 16.92
N SER E 369 55.66 15.89 16.14
CA SER E 369 55.84 15.94 14.71
C SER E 369 54.79 16.84 14.06
N TRP E 370 55.05 17.22 12.81
CA TRP E 370 54.13 18.09 12.09
C TRP E 370 52.72 17.52 11.94
N PRO E 371 52.50 16.23 11.68
CA PRO E 371 51.11 15.75 11.58
C PRO E 371 50.31 15.95 12.86
N GLU E 372 50.92 15.83 14.04
CA GLU E 372 50.18 16.05 15.28
C GLU E 372 49.76 17.51 15.41
N THR E 373 50.66 18.44 15.09
CA THR E 373 50.32 19.85 15.13
C THR E 373 49.22 20.17 14.12
N ALA E 374 49.31 19.58 12.93
CA ALA E 374 48.26 19.77 11.92
C ALA E 374 46.93 19.23 12.42
N ASP E 375 46.95 18.08 13.09
CA ASP E 375 45.71 17.51 13.62
C ASP E 375 45.11 18.40 14.69
N ARG E 376 45.93 18.96 15.58
CA ARG E 376 45.42 19.86 16.60
C ARG E 376 44.81 21.12 15.98
N ILE E 377 45.51 21.70 15.01
CA ILE E 377 44.99 22.89 14.34
C ILE E 377 43.69 22.57 13.62
N PHE E 378 43.63 21.42 12.95
CA PHE E 378 42.40 21.02 12.27
C PHE E 378 41.28 20.78 13.26
N PHE E 379 41.57 20.23 14.43
CA PHE E 379 40.52 20.03 15.42
C PHE E 379 39.94 21.37 15.88
N LEU E 380 40.82 22.35 16.15
CA LEU E 380 40.34 23.67 16.53
C LEU E 380 39.50 24.29 15.41
N VAL E 381 40.00 24.21 14.17
CA VAL E 381 39.27 24.78 13.05
C VAL E 381 37.94 24.07 12.85
N TYR E 382 37.91 22.76 13.09
CA TYR E 382 36.70 21.98 12.94
C TYR E 382 35.66 22.36 13.99
N VAL E 383 36.08 22.55 15.23
CA VAL E 383 35.15 22.97 16.28
C VAL E 383 34.59 24.35 15.96
N VAL E 384 35.47 25.27 15.55
CA VAL E 384 35.01 26.61 15.18
C VAL E 384 34.04 26.54 14.02
N GLY E 385 34.34 25.70 13.02
CA GLY E 385 33.47 25.58 11.87
C GLY E 385 32.13 24.97 12.21
N VAL E 386 32.10 24.00 13.13
CA VAL E 386 30.84 23.41 13.55
C VAL E 386 29.98 24.45 14.26
N LEU E 387 30.60 25.24 15.16
CA LEU E 387 29.84 26.28 15.84
C LEU E 387 29.33 27.32 14.85
N CYS E 388 30.18 27.72 13.89
CA CYS E 388 29.77 28.69 12.89
C CYS E 388 28.65 28.15 12.01
N THR E 389 28.73 26.87 11.66
CA THR E 389 27.68 26.26 10.86
C THR E 389 26.36 26.21 11.61
N GLN E 390 26.40 25.87 12.91
CA GLN E 390 25.18 25.87 13.69
C GLN E 390 24.57 27.26 13.77
N PHE E 391 25.41 28.27 14.01
CA PHE E 391 24.91 29.64 14.08
C PHE E 391 24.34 30.09 12.73
N VAL E 392 25.01 29.75 11.64
CA VAL E 392 24.54 30.13 10.31
C VAL E 392 23.21 29.46 10.00
N PHE E 393 23.08 28.18 10.34
CA PHE E 393 21.82 27.48 10.10
C PHE E 393 20.70 28.09 10.94
N ALA E 394 20.99 28.43 12.19
CA ALA E 394 19.98 29.08 13.02
C ALA E 394 19.55 30.42 12.42
N GLY E 395 20.52 31.20 11.94
CA GLY E 395 20.19 32.47 11.33
C GLY E 395 19.37 32.32 10.05
N ILE E 396 19.72 31.32 9.24
CA ILE E 396 18.95 31.05 8.02
C ILE E 396 17.53 30.65 8.38
N TRP E 397 17.38 29.79 9.38
CA TRP E 397 16.05 29.39 9.82
C TRP E 397 15.24 30.59 10.31
N MET E 398 15.90 31.49 11.05
CA MET E 398 15.20 32.68 11.54
C MET E 398 14.76 33.58 10.40
N TRP E 399 15.60 33.74 9.38
CA TRP E 399 15.33 34.65 8.27
C TRP E 399 15.43 33.88 6.95
N ALA E 400 14.32 33.28 6.53
CA ALA E 400 14.27 32.56 5.27
C ALA E 400 12.93 32.85 4.59
N ALA E 401 12.95 32.83 3.26
CA ALA E 401 11.75 33.08 2.48
C ALA E 401 11.89 32.42 1.12
N CYS E 402 10.75 32.16 0.49
CA CYS E 402 10.69 31.60 -0.85
C CYS E 402 9.72 32.41 -1.70
N LYS E 403 10.24 33.01 -2.78
CA LYS E 403 9.35 33.58 -3.78
C LYS E 403 8.52 32.49 -4.45
N SER E 404 9.15 31.34 -4.72
CA SER E 404 8.51 30.18 -5.34
C SER E 404 7.95 30.63 -6.69
N ASP E 405 6.82 30.07 -7.13
CA ASP E 405 6.20 30.47 -8.38
C ASP E 405 4.76 29.99 -8.37
N ALA E 406 3.84 30.88 -8.73
CA ALA E 406 2.43 30.52 -8.78
C ALA E 406 2.21 29.49 -9.89
N ALA E 407 1.50 28.41 -9.57
CA ALA E 407 1.20 27.39 -10.56
C ALA E 407 0.24 27.96 -11.61
N PRO E 408 0.25 27.41 -12.82
CA PRO E 408 -0.68 27.90 -13.84
C PRO E 408 -2.14 27.82 -13.41
N GLY E 409 -2.51 26.77 -12.67
CA GLY E 409 -3.85 26.71 -12.11
C GLY E 409 -4.09 27.78 -11.07
N GLU E 410 -3.10 28.03 -10.22
CA GLU E 410 -3.24 29.07 -9.20
C GLU E 410 -3.22 30.46 -9.82
N ALA E 411 -2.30 30.71 -10.75
CA ALA E 411 -2.23 32.02 -11.39
C ALA E 411 -3.46 32.31 -12.23
N ALA E 412 -3.95 31.31 -12.95
CA ALA E 412 -5.13 31.45 -13.81
C ALA E 412 -6.13 30.37 -13.42
N PRO E 413 -6.98 30.64 -12.42
CA PRO E 413 -7.96 29.65 -11.98
C PRO E 413 -8.96 29.32 -13.09
N HIS E 414 -9.45 28.09 -13.06
CA HIS E 414 -10.40 27.64 -14.07
C HIS E 414 -11.70 28.42 -13.97
N GLY E 415 -12.27 28.76 -15.12
CA GLY E 415 -13.53 29.48 -15.17
C GLY E 415 -13.49 30.88 -14.61
N ARG E 416 -12.46 31.65 -14.95
CA ARG E 416 -12.34 33.03 -14.51
C ARG E 416 -12.75 33.98 -15.63
N ARG E 417 -12.65 35.28 -15.35
CA ARG E 417 -13.00 36.33 -16.30
C ARG E 417 -14.44 36.20 -16.79
C1 NAG F . -19.33 19.36 -40.55
C2 NAG F . -18.87 20.20 -39.36
C3 NAG F . -18.14 21.42 -39.77
C4 NAG F . -17.03 21.14 -40.73
C5 NAG F . -17.50 20.30 -41.93
C6 NAG F . -16.33 19.91 -42.76
C7 NAG F . -20.46 19.83 -37.40
C8 NAG F . -21.70 20.22 -36.59
N2 NAG F . -20.08 20.60 -38.57
O3 NAG F . -17.60 22.05 -38.58
O4 NAG F . -16.52 22.38 -41.22
O5 NAG F . -18.19 19.08 -41.48
O6 NAG F . -15.65 18.84 -42.14
O7 NAG F . -19.81 18.89 -37.06
C1 NAG F . -15.18 22.59 -40.71
C2 NAG F . -14.42 23.46 -41.69
C3 NAG F . -13.03 23.71 -41.21
C4 NAG F . -13.02 24.31 -39.83
C5 NAG F . -13.82 23.46 -38.84
C6 NAG F . -13.92 24.21 -37.55
C7 NAG F . -15.37 23.10 -44.03
C8 NAG F . -15.34 22.40 -45.40
N2 NAG F . -14.37 22.78 -43.01
O3 NAG F . -12.38 24.63 -42.12
O4 NAG F . -11.67 24.39 -39.38
O5 NAG F . -15.19 23.18 -39.33
O6 NAG F . -13.00 23.67 -36.63
O7 NAG F . -16.22 23.89 -43.79
C1 NAG G . -23.87 -20.76 -37.32
C2 NAG G . -22.82 -19.68 -37.49
C3 NAG G . -21.91 -19.94 -38.63
C4 NAG G . -21.31 -21.30 -38.58
C5 NAG G . -22.37 -22.40 -38.40
C6 NAG G . -21.70 -23.72 -38.19
C7 NAG G . -23.75 -17.46 -36.63
C8 NAG G . -24.48 -16.13 -36.87
N2 NAG G . -23.54 -18.38 -37.74
O3 NAG G . -20.85 -18.94 -38.61
O4 NAG G . -20.61 -21.54 -39.80
O5 NAG G . -23.24 -22.12 -37.24
O6 NAG G . -21.24 -23.80 -36.86
O7 NAG G . -23.36 -17.73 -35.54
C1 NAG G . -19.19 -21.59 -39.54
C2 NAG G . -18.53 -22.47 -40.60
C3 NAG G . -17.06 -22.55 -40.39
C4 NAG G . -16.44 -21.20 -40.35
C5 NAG G . -17.11 -20.27 -39.33
C6 NAG G . -16.56 -18.89 -39.48
C7 NAG G . -20.24 -24.20 -41.40
C8 NAG G . -20.85 -25.60 -41.33
N2 NAG G . -19.12 -23.85 -40.52
O3 NAG G . -16.48 -23.31 -41.47
O4 NAG G . -15.06 -21.33 -40.01
O5 NAG G . -18.58 -20.22 -39.51
O6 NAG G . -15.62 -18.65 -38.46
O7 NAG G . -20.67 -23.39 -42.16
C1 NAG H . -39.63 -28.67 -0.83
C2 NAG H . -38.40 -28.91 -1.69
C3 NAG H . -38.03 -30.34 -1.77
C4 NAG H . -37.90 -30.97 -0.41
C5 NAG H . -39.14 -30.72 0.45
C6 NAG H . -38.90 -31.23 1.84
C7 NAG H . -38.26 -27.09 -3.49
C8 NAG H . -38.57 -26.58 -4.90
N2 NAG H . -38.71 -28.42 -3.08
O3 NAG H . -36.76 -30.45 -2.46
O4 NAG H . -37.74 -32.38 -0.58
O5 NAG H . -39.47 -29.29 0.53
O6 NAG H . -38.09 -30.31 2.54
O7 NAG H . -37.66 -26.40 -2.73
C1 NAG H . -36.40 -32.76 -0.20
C2 NAG H . -36.42 -34.20 0.28
C3 NAG H . -35.06 -34.65 0.69
C4 NAG H . -34.06 -34.45 -0.40
C5 NAG H . -34.05 -33.02 -0.93
C6 NAG H . -33.17 -32.94 -2.13
C7 NAG H . -38.74 -34.73 1.20
C8 NAG H . -39.72 -34.86 2.38
N2 NAG H . -37.35 -34.32 1.43
O3 NAG H . -35.12 -36.06 1.03
O4 NAG H . -32.76 -34.76 0.10
O5 NAG H . -35.40 -32.55 -1.30
O6 NAG H . -31.93 -32.38 -1.75
O7 NAG H . -39.11 -34.95 0.09
C1 NAG I . -44.81 6.57 18.46
C2 NAG I . -44.06 5.25 18.54
C3 NAG I . -44.21 4.59 19.85
C4 NAG I . -43.87 5.50 21.00
C5 NAG I . -44.63 6.83 20.91
C6 NAG I . -44.13 7.76 21.97
C7 NAG I . -43.92 4.23 16.20
C8 NAG I . -44.48 3.30 15.12
N2 NAG I . -44.62 4.35 17.48
O3 NAG I . -43.32 3.44 19.89
O4 NAG I . -44.22 4.84 22.21
O5 NAG I . -44.44 7.48 19.60
O6 NAG I . -42.91 8.31 21.57
O7 NAG I . -42.94 4.85 16.00
C1 NAG I . -43.02 4.52 22.94
C2 NAG I . -43.34 4.47 24.43
C3 NAG I . -42.14 4.14 25.24
C4 NAG I . -41.53 2.85 24.79
C5 NAG I . -41.23 2.85 23.28
C6 NAG I . -40.79 1.48 22.87
C7 NAG I . -45.30 6.05 24.88
C8 NAG I . -45.85 7.42 25.31
N2 NAG I . -43.86 5.81 24.86
O3 NAG I . -42.53 4.01 26.62
O4 NAG I . -40.31 2.65 25.50
O5 NAG I . -42.41 3.22 22.48
O6 NAG I . -39.39 1.46 22.74
O7 NAG I . -46.05 5.18 24.56
C1 NAG J . -32.28 36.25 -6.07
C2 NAG J . -31.99 35.59 -4.73
C3 NAG J . -31.92 36.57 -3.62
C4 NAG J . -30.97 37.69 -3.91
C5 NAG J . -31.26 38.35 -5.27
C6 NAG J . -30.19 39.35 -5.59
C7 NAG J . -32.93 33.21 -4.74
C8 NAG J . -34.06 32.22 -4.46
N2 NAG J . -33.11 34.63 -4.45
O3 NAG J . -31.48 35.87 -2.43
O4 NAG J . -31.11 38.68 -2.89
O5 NAG J . -31.30 37.35 -6.35
O6 NAG J . -29.04 38.68 -6.02
O7 NAG J . -31.91 32.83 -5.21
C1 NAG J . -29.91 38.71 -2.09
C2 NAG J . -29.75 40.10 -1.49
C3 NAG J . -28.53 40.19 -0.65
C4 NAG J . -28.53 39.14 0.42
C5 NAG J . -28.73 37.74 -0.14
C6 NAG J . -28.90 36.78 0.99
C7 NAG J . -30.87 41.78 -3.07
C8 NAG J . -30.79 42.80 -4.20
N2 NAG J . -29.66 41.10 -2.61
O3 NAG J . -28.48 41.51 -0.04
O4 NAG J . -27.27 39.20 1.10
O5 NAG J . -29.92 37.66 -1.01
O6 NAG J . -27.69 36.09 1.20
O7 NAG J . -31.91 41.54 -2.55
C1 NAG K . 9.50 13.61 -26.93
C2 NAG K . 10.56 12.88 -27.76
C3 NAG K . 11.46 13.80 -28.48
C4 NAG K . 10.70 14.79 -29.30
C5 NAG K . 9.68 15.56 -28.45
C6 NAG K . 8.87 16.45 -29.34
C7 NAG K . 11.08 10.62 -26.68
C8 NAG K . 11.90 9.75 -25.73
N2 NAG K . 11.38 12.04 -26.82
O3 NAG K . 12.31 13.03 -29.36
O4 NAG K . 11.61 15.73 -29.88
O5 NAG K . 8.76 14.64 -27.74
O6 NAG K . 7.71 16.87 -28.65
O7 NAG K . 10.18 10.14 -27.29
C1 NAG L . 4.38 -22.72 -21.58
C2 NAG L . 4.85 -24.09 -21.08
C3 NAG L . 5.72 -24.79 -22.05
C4 NAG L . 5.08 -24.86 -23.41
C5 NAG L . 4.68 -23.49 -23.92
C6 NAG L . 3.96 -23.62 -25.23
C7 NAG L . 4.93 -24.08 -18.53
C8 NAG L . 5.69 -23.88 -17.22
N2 NAG L . 5.60 -23.89 -19.81
O3 NAG L . 5.96 -26.12 -21.57
O4 NAG L . 6.02 -25.44 -24.33
O5 NAG L . 3.80 -22.78 -22.97
O6 NAG L . 3.27 -22.43 -25.51
O7 NAG L . 3.78 -24.39 -18.50
C1 NAG M . -10.02 -27.38 12.27
C2 NAG M . -9.88 -27.57 13.77
C3 NAG M . -9.63 -28.98 14.15
C4 NAG M . -10.64 -29.91 13.56
C5 NAG M . -10.73 -29.75 12.04
C6 NAG M . -11.83 -30.61 11.52
C7 NAG M . -9.01 -25.41 14.83
C8 NAG M . -7.85 -24.54 15.32
N2 NAG M . -8.74 -26.73 14.25
O3 NAG M . -9.69 -29.09 15.60
O4 NAG M . -10.28 -31.25 13.87
O5 NAG M . -11.00 -28.35 11.66
O6 NAG M . -12.15 -30.21 10.21
O7 NAG M . -10.12 -25.03 14.92
C1 NAG N . -13.80 6.05 27.81
C2 NAG N . -13.26 7.23 28.62
C3 NAG N . -13.37 7.01 30.08
C4 NAG N . -14.75 6.63 30.49
C5 NAG N . -15.25 5.41 29.72
C6 NAG N . -16.68 5.14 30.09
C7 NAG N . -11.47 8.45 27.27
C8 NAG N . -10.00 8.67 26.90
N2 NAG N . -11.83 7.44 28.26
O3 NAG N . -13.00 8.23 30.76
O4 NAG N . -14.76 6.32 31.89
O5 NAG N . -15.17 5.63 28.26
O6 NAG N . -17.25 4.28 29.13
O7 NAG N . -12.31 9.11 26.77
C1 NAG O . -1.74 31.37 3.59
C2 NAG O . -0.63 32.21 2.97
C3 NAG O . -0.34 33.44 3.74
C4 NAG O . -1.57 34.25 4.01
C5 NAG O . -2.64 33.40 4.70
C6 NAG O . -3.89 34.21 4.85
C7 NAG O . 0.94 30.71 1.63
C8 NAG O . 2.20 29.85 1.54
N2 NAG O . 0.61 31.38 2.88
O3 NAG O . 0.60 34.26 2.99
O4 NAG O . -1.23 35.35 4.86
O5 NAG O . -2.96 32.19 3.91
O6 NAG O . -4.97 33.36 5.12
O7 NAG O . 0.23 30.83 0.69
#